data_6O5B
#
_entry.id   6O5B
#
_cell.length_a   1
_cell.length_b   1
_cell.length_c   1
_cell.angle_alpha   90.00
_cell.angle_beta   90.00
_cell.angle_gamma   90.00
#
_symmetry.space_group_name_H-M   'P 1'
#
loop_
_entity.id
_entity.type
_entity.pdbx_description
1 polymer 'Calcium uniporter protein, mitochondrial'
2 polymer 'Essential MCU regulator, mitochondrial'
3 non-polymer 'CALCIUM ION'
#
loop_
_entity_poly.entity_id
_entity_poly.type
_entity_poly.pdbx_seq_one_letter_code
_entity_poly.pdbx_strand_id
1 'polypeptide(L)'
;MAAAAGRSLLLLLSSRGGGGGGAGGCGALTAGCFPGLGVSRHRQQQHHRTVHQRIASWQNLGAVYCSTVVPSDDVTVVYQ
NGLPVISVRLPSRRERCQFTLKPISDSVGVFLRQLQEEDRGIDRVAIYSPDGVRVAASTGIDLLLLDDFKLVINDLTYHV
RPPKRDLLSHENAATLNDVKTLVQQLYTTLCIEQHQLNKERELIERLEDLKEQLAPLEKVRIEISRKAEKRTTLVLWGGL
AYMATQFGILARLTWWEYSWDIMEPVTYFITYGSAMAMYAYFVMTRQEYVYPEARDRQYLLFFHKGAKKSRFDLEKYNQL
KDAIAQAEMDLKRLRDPLQVHLPLRQIGEKD
;
J,K,E,C,A,L,I,G
2 'polypeptide(L)'
;MASGAARWLVLAPVRSGALRSGPSLRKDGDVSAAWSGSGRSLVPSRSVIVTRSGAILPKPVKMSFGLLRVFSIVIPFLYV
GTLISKNFAALLEEHDIFVPEDDDDDD
;
F,D,B,H
#
# COMPACT_ATOMS: atom_id res chain seq x y z
N ASP A 74 1.90 28.05 -56.05
CA ASP A 74 3.05 27.54 -56.77
C ASP A 74 4.30 28.27 -56.31
N VAL A 75 5.42 27.56 -56.27
CA VAL A 75 6.66 28.09 -55.70
C VAL A 75 7.43 28.81 -56.79
N THR A 76 7.79 30.07 -56.53
CA THR A 76 8.50 30.89 -57.49
C THR A 76 9.74 31.50 -56.84
N VAL A 77 10.77 31.72 -57.66
CA VAL A 77 12.03 32.32 -57.24
C VAL A 77 12.26 33.56 -58.08
N VAL A 78 12.38 34.72 -57.43
CA VAL A 78 12.55 36.00 -58.10
C VAL A 78 13.70 36.74 -57.44
N TYR A 79 14.64 37.24 -58.25
CA TYR A 79 15.78 37.96 -57.69
C TYR A 79 15.38 39.36 -57.24
N GLN A 80 15.76 39.71 -56.02
CA GLN A 80 15.55 41.03 -55.44
C GLN A 80 16.86 41.49 -54.82
N ASN A 81 17.44 42.55 -55.39
CA ASN A 81 18.62 43.24 -54.85
C ASN A 81 19.83 42.31 -54.68
N GLY A 82 19.96 41.34 -55.58
CA GLY A 82 21.05 40.41 -55.52
C GLY A 82 20.80 39.17 -54.70
N LEU A 83 19.67 39.05 -54.01
CA LEU A 83 19.35 37.83 -53.29
C LEU A 83 18.08 37.21 -53.86
N PRO A 84 18.00 35.89 -53.96
CA PRO A 84 16.77 35.26 -54.44
C PRO A 84 15.70 35.26 -53.37
N VAL A 85 14.45 35.40 -53.81
CA VAL A 85 13.29 35.39 -52.93
C VAL A 85 12.42 34.23 -53.35
N ILE A 86 12.09 33.36 -52.41
CA ILE A 86 11.31 32.15 -52.69
C ILE A 86 9.96 32.31 -52.04
N SER A 87 8.88 32.17 -52.82
CA SER A 87 7.51 32.29 -52.33
C SER A 87 6.86 30.92 -52.29
N VAL A 88 6.61 30.39 -51.10
CA VAL A 88 6.05 29.05 -50.93
C VAL A 88 4.70 29.20 -50.25
N ARG A 89 3.77 28.30 -50.58
CA ARG A 89 2.47 28.26 -49.89
C ARG A 89 2.49 27.14 -48.86
N LEU A 90 2.64 27.50 -47.60
CA LEU A 90 2.64 26.60 -46.46
C LEU A 90 1.24 26.04 -46.23
N PRO A 91 1.12 24.86 -45.63
CA PRO A 91 -0.20 24.23 -45.49
C PRO A 91 -0.94 24.40 -44.16
N SER A 92 -0.32 24.97 -43.11
CA SER A 92 -1.02 25.04 -41.82
C SER A 92 -2.12 26.08 -41.85
N ARG A 93 -1.77 27.34 -42.01
CA ARG A 93 -2.67 28.32 -42.59
C ARG A 93 -2.41 28.28 -44.08
N ARG A 94 -3.35 28.75 -44.88
CA ARG A 94 -3.23 28.59 -46.32
C ARG A 94 -2.69 29.90 -46.90
N GLU A 95 -1.53 30.32 -46.38
CA GLU A 95 -0.98 31.62 -46.73
C GLU A 95 0.29 31.41 -47.52
N ARG A 96 0.74 32.46 -48.17
CA ARG A 96 2.04 32.40 -48.82
C ARG A 96 3.08 33.11 -47.97
N CYS A 97 4.31 32.63 -48.07
CA CYS A 97 5.39 33.12 -47.23
C CYS A 97 6.64 33.22 -48.08
N GLN A 98 7.47 34.22 -47.80
CA GLN A 98 8.67 34.40 -48.61
C GLN A 98 9.93 34.21 -47.77
N PHE A 99 10.98 33.75 -48.43
CA PHE A 99 12.26 33.45 -47.80
C PHE A 99 13.37 34.11 -48.60
N THR A 100 14.22 34.86 -47.91
CA THR A 100 15.38 35.51 -48.50
C THR A 100 16.62 34.74 -48.07
N LEU A 101 17.32 34.15 -49.04
CA LEU A 101 18.46 33.29 -48.76
C LEU A 101 19.77 34.01 -49.05
N LYS A 102 20.79 33.66 -48.27
CA LYS A 102 22.15 34.09 -48.54
C LYS A 102 22.86 32.93 -49.20
N PRO A 103 22.96 32.89 -50.54
CA PRO A 103 23.23 31.62 -51.24
C PRO A 103 24.61 31.04 -51.00
N ILE A 104 25.57 31.83 -50.50
CA ILE A 104 26.93 31.34 -50.34
C ILE A 104 27.14 30.72 -48.98
N SER A 105 26.73 31.40 -47.91
CA SER A 105 26.96 30.91 -46.56
C SER A 105 25.87 29.96 -46.07
N ASP A 106 24.74 29.86 -46.76
CA ASP A 106 23.66 28.97 -46.38
C ASP A 106 23.73 27.67 -47.17
N SER A 107 23.36 26.58 -46.53
CA SER A 107 23.21 25.29 -47.18
C SER A 107 21.73 24.94 -47.29
N VAL A 108 21.46 23.85 -47.99
CA VAL A 108 20.09 23.33 -48.07
C VAL A 108 19.63 22.85 -46.71
N GLY A 109 20.54 22.39 -45.86
CA GLY A 109 20.22 21.97 -44.51
C GLY A 109 19.77 23.08 -43.57
N VAL A 110 19.92 24.34 -43.98
CA VAL A 110 19.42 25.46 -43.20
C VAL A 110 18.14 26.01 -43.78
N PHE A 111 18.01 25.99 -45.12
CA PHE A 111 16.74 26.34 -45.74
C PHE A 111 15.65 25.35 -45.40
N LEU A 112 15.99 24.08 -45.20
CA LEU A 112 15.01 23.11 -44.75
C LEU A 112 14.74 23.18 -43.26
N ARG A 113 15.42 24.05 -42.54
CA ARG A 113 15.15 24.27 -41.13
C ARG A 113 14.46 25.60 -40.89
N GLN A 114 14.55 26.53 -41.83
CA GLN A 114 13.74 27.74 -41.76
C GLN A 114 12.32 27.52 -42.27
N LEU A 115 12.00 26.36 -42.83
CA LEU A 115 10.61 26.04 -43.13
C LEU A 115 9.91 25.44 -41.93
N GLN A 116 10.56 24.51 -41.23
CA GLN A 116 9.91 23.78 -40.16
C GLN A 116 9.75 24.58 -38.88
N GLU A 117 10.42 25.72 -38.76
CA GLU A 117 10.20 26.55 -37.57
C GLU A 117 9.35 27.77 -37.89
N GLU A 118 9.33 28.21 -39.15
CA GLU A 118 8.32 29.17 -39.58
C GLU A 118 6.93 28.55 -39.55
N ASP A 119 6.86 27.24 -39.82
CA ASP A 119 5.62 26.47 -39.72
C ASP A 119 5.97 25.13 -39.10
N ARG A 120 5.49 24.89 -37.89
CA ARG A 120 5.78 23.63 -37.23
C ARG A 120 4.95 22.47 -37.74
N GLY A 121 3.94 22.74 -38.57
CA GLY A 121 3.04 21.70 -39.00
C GLY A 121 3.57 20.79 -40.08
N ILE A 122 4.72 21.12 -40.67
CA ILE A 122 5.30 20.31 -41.73
C ILE A 122 6.37 19.41 -41.12
N ASP A 123 6.28 18.12 -41.44
CA ASP A 123 7.13 17.14 -40.78
C ASP A 123 8.11 16.41 -41.68
N ARG A 124 7.84 16.33 -42.98
CA ARG A 124 8.80 15.79 -43.94
C ARG A 124 8.85 16.69 -45.16
N VAL A 125 9.96 17.42 -45.29
CA VAL A 125 10.18 18.33 -46.39
C VAL A 125 11.50 17.95 -47.06
N ALA A 126 11.53 17.93 -48.38
CA ALA A 126 12.72 17.48 -49.09
C ALA A 126 12.81 18.14 -50.46
N ILE A 127 13.97 17.97 -51.10
CA ILE A 127 14.30 18.61 -52.37
C ILE A 127 14.90 17.56 -53.29
N TYR A 128 14.36 17.46 -54.51
CA TYR A 128 14.80 16.48 -55.51
C TYR A 128 15.36 17.26 -56.71
N SER A 129 16.70 17.26 -56.89
CA SER A 129 17.21 18.09 -57.98
C SER A 129 17.17 17.50 -59.39
N PRO A 130 17.59 16.26 -59.69
CA PRO A 130 17.49 15.82 -61.09
C PRO A 130 16.14 15.22 -61.42
N ASP A 131 15.16 15.45 -60.55
CA ASP A 131 13.76 15.09 -60.58
C ASP A 131 13.57 13.60 -60.27
N GLY A 132 14.64 12.85 -60.00
CA GLY A 132 14.51 11.49 -59.53
C GLY A 132 15.05 11.21 -58.15
N VAL A 133 16.15 11.84 -57.75
CA VAL A 133 16.87 11.43 -56.55
C VAL A 133 16.86 12.57 -55.53
N ARG A 134 17.08 12.19 -54.28
CA ARG A 134 17.13 13.13 -53.18
C ARG A 134 18.47 13.86 -53.20
N VAL A 135 18.48 15.08 -52.68
CA VAL A 135 19.70 15.84 -52.44
C VAL A 135 19.97 15.83 -50.95
N ALA A 136 21.20 15.50 -50.56
CA ALA A 136 21.46 15.58 -49.12
C ALA A 136 21.59 17.03 -48.68
N ALA A 137 21.64 17.22 -47.37
CA ALA A 137 21.48 18.54 -46.76
C ALA A 137 22.81 19.25 -46.56
N SER A 138 23.81 18.96 -47.40
CA SER A 138 25.06 19.69 -47.38
C SER A 138 25.35 20.44 -48.67
N THR A 139 24.53 20.24 -49.71
CA THR A 139 24.71 20.92 -50.98
C THR A 139 24.44 22.40 -50.81
N GLY A 140 25.29 23.23 -51.39
CA GLY A 140 25.09 24.67 -51.33
C GLY A 140 23.84 25.11 -52.06
N ILE A 141 23.34 26.28 -51.65
CA ILE A 141 22.09 26.81 -52.20
C ILE A 141 22.26 27.17 -53.67
N ASP A 142 23.41 27.74 -54.03
CA ASP A 142 23.61 28.20 -55.40
C ASP A 142 23.75 27.05 -56.38
N LEU A 143 24.30 25.91 -55.94
CA LEU A 143 24.29 24.71 -56.79
C LEU A 143 22.87 24.24 -57.05
N LEU A 144 21.97 24.44 -56.09
CA LEU A 144 20.58 24.09 -56.29
C LEU A 144 19.88 25.09 -57.21
N LEU A 145 20.27 26.36 -57.14
CA LEU A 145 19.54 27.40 -57.86
C LEU A 145 19.87 27.46 -59.36
N LEU A 146 20.95 26.83 -59.80
CA LEU A 146 21.28 26.86 -61.23
C LEU A 146 20.34 26.02 -62.07
N ASP A 147 19.87 24.89 -61.55
CA ASP A 147 19.01 23.99 -62.31
C ASP A 147 17.73 23.75 -61.55
N ASP A 148 16.64 23.51 -62.29
CA ASP A 148 15.33 23.39 -61.66
C ASP A 148 15.22 22.10 -60.86
N PHE A 149 14.24 22.06 -59.96
CA PHE A 149 14.12 20.96 -59.02
C PHE A 149 12.68 20.84 -58.53
N LYS A 150 12.46 19.86 -57.66
CA LYS A 150 11.15 19.59 -57.09
C LYS A 150 11.23 19.72 -55.58
N LEU A 151 10.39 20.58 -55.01
CA LEU A 151 10.27 20.71 -53.57
C LEU A 151 9.06 19.94 -53.09
N VAL A 152 9.26 18.96 -52.23
CA VAL A 152 8.15 18.19 -51.68
C VAL A 152 7.93 18.64 -50.24
N ILE A 153 6.67 18.99 -49.94
CA ILE A 153 6.25 19.43 -48.58
C ILE A 153 5.11 18.51 -48.13
N ASN A 154 5.27 17.85 -46.98
CA ASN A 154 4.24 16.87 -46.52
C ASN A 154 3.99 16.03 -47.78
N ASP A 155 2.74 15.90 -48.19
CA ASP A 155 2.46 15.17 -49.44
C ASP A 155 2.41 15.85 -50.83
N LEU A 156 2.56 17.17 -50.89
CA LEU A 156 2.49 17.89 -52.16
C LEU A 156 3.87 18.01 -52.79
N THR A 157 3.90 17.93 -54.11
CA THR A 157 5.12 18.02 -54.90
C THR A 157 5.04 19.26 -55.78
N TYR A 158 5.73 20.32 -55.37
CA TYR A 158 5.82 21.52 -56.19
C TYR A 158 7.01 21.38 -57.14
N HIS A 159 6.79 21.70 -58.41
CA HIS A 159 7.84 21.65 -59.43
C HIS A 159 8.30 23.08 -59.69
N VAL A 160 9.48 23.44 -59.21
CA VAL A 160 9.94 24.81 -59.26
C VAL A 160 10.88 24.93 -60.46
N ARG A 161 11.14 26.18 -60.89
CA ARG A 161 12.17 26.45 -61.90
C ARG A 161 12.72 27.86 -61.69
N PRO A 162 13.86 27.99 -61.01
CA PRO A 162 14.49 29.29 -60.85
C PRO A 162 15.15 29.73 -62.14
N PRO A 163 15.28 31.03 -62.38
CA PRO A 163 15.81 31.52 -63.65
C PRO A 163 17.32 31.75 -63.61
N LYS A 164 17.86 32.06 -64.78
CA LYS A 164 19.21 32.61 -64.90
C LYS A 164 19.13 34.12 -65.12
N ASP B 74 -1.40 53.07 -31.95
CA ASP B 74 -0.80 53.10 -33.28
C ASP B 74 0.69 52.82 -33.12
N VAL B 75 1.38 52.57 -34.24
CA VAL B 75 2.79 52.23 -34.23
C VAL B 75 3.55 53.31 -34.96
N THR B 76 4.58 53.86 -34.32
CA THR B 76 5.42 54.91 -34.89
C THR B 76 6.86 54.41 -34.96
N VAL B 77 7.49 54.61 -36.12
CA VAL B 77 8.88 54.23 -36.35
C VAL B 77 9.69 55.49 -36.62
N VAL B 78 10.69 55.74 -35.78
CA VAL B 78 11.49 56.96 -35.85
C VAL B 78 12.93 56.58 -36.21
N TYR B 79 13.46 57.19 -37.27
CA TYR B 79 14.88 57.12 -37.55
C TYR B 79 15.63 58.05 -36.61
N GLN B 80 16.14 57.51 -35.51
CA GLN B 80 16.93 58.29 -34.57
C GLN B 80 18.40 57.99 -34.86
N ASN B 81 19.06 58.96 -35.51
CA ASN B 81 20.44 58.85 -36.03
C ASN B 81 20.65 57.57 -36.83
N GLY B 82 19.72 57.28 -37.73
CA GLY B 82 19.76 56.05 -38.50
C GLY B 82 19.16 54.84 -37.83
N LEU B 83 19.23 54.74 -36.50
CA LEU B 83 18.70 53.58 -35.81
C LEU B 83 17.19 53.69 -35.71
N PRO B 84 16.44 52.71 -36.20
CA PRO B 84 14.99 52.77 -36.08
C PRO B 84 14.54 52.45 -34.66
N VAL B 85 13.50 53.15 -34.22
CA VAL B 85 12.88 52.92 -32.93
C VAL B 85 11.39 52.76 -33.16
N ILE B 86 10.84 51.64 -32.71
CA ILE B 86 9.45 51.26 -32.97
C ILE B 86 8.66 51.34 -31.68
N SER B 87 7.56 52.07 -31.69
CA SER B 87 6.73 52.28 -30.51
C SER B 87 5.41 51.53 -30.70
N VAL B 88 5.23 50.44 -29.95
CA VAL B 88 4.07 49.57 -30.08
C VAL B 88 3.35 49.55 -28.74
N ARG B 89 2.02 49.52 -28.78
CA ARG B 89 1.20 49.43 -27.59
C ARG B 89 0.99 47.98 -27.20
N LEU B 90 1.61 47.55 -26.12
CA LEU B 90 1.48 46.18 -25.65
C LEU B 90 0.10 45.98 -25.00
N PRO B 91 -0.62 44.92 -25.32
CA PRO B 91 -2.03 44.84 -24.94
C PRO B 91 -2.28 44.31 -23.53
N SER B 92 -1.26 44.00 -22.74
CA SER B 92 -1.51 43.57 -21.38
C SER B 92 -1.84 44.78 -20.50
N ARG B 93 -0.87 45.68 -20.36
CA ARG B 93 -1.05 46.94 -19.67
C ARG B 93 -0.89 48.03 -20.72
N ARG B 94 -1.95 48.80 -20.94
CA ARG B 94 -2.01 49.64 -22.13
C ARG B 94 -1.14 50.89 -22.06
N GLU B 95 0.16 50.71 -21.91
CA GLU B 95 1.11 51.80 -22.10
C GLU B 95 2.15 51.36 -23.11
N ARG B 96 2.56 52.32 -23.95
CA ARG B 96 3.40 52.04 -25.09
C ARG B 96 4.80 51.64 -24.64
N CYS B 97 5.46 50.84 -25.47
CA CYS B 97 6.84 50.49 -25.22
C CYS B 97 7.60 50.70 -26.52
N GLN B 98 8.85 51.13 -26.43
CA GLN B 98 9.62 51.37 -27.64
C GLN B 98 10.87 50.50 -27.67
N PHE B 99 11.21 50.08 -28.88
CA PHE B 99 12.22 49.09 -29.17
C PHE B 99 13.26 49.71 -30.09
N THR B 100 14.52 49.36 -29.87
CA THR B 100 15.59 49.90 -30.70
C THR B 100 16.41 48.75 -31.26
N LEU B 101 16.74 48.84 -32.55
CA LEU B 101 17.19 47.71 -33.34
C LEU B 101 18.52 48.05 -34.03
N LYS B 102 19.46 47.10 -33.99
CA LYS B 102 20.65 47.18 -34.83
C LYS B 102 20.30 46.58 -36.18
N PRO B 103 20.20 47.37 -37.26
CA PRO B 103 19.56 46.88 -38.48
C PRO B 103 20.35 45.86 -39.28
N ILE B 104 21.49 45.39 -38.80
CA ILE B 104 22.24 44.34 -39.49
C ILE B 104 22.27 43.06 -38.69
N SER B 105 22.50 43.15 -37.38
CA SER B 105 22.57 41.98 -36.52
C SER B 105 21.21 41.58 -35.96
N ASP B 106 20.15 42.33 -36.23
CA ASP B 106 18.81 41.99 -35.77
C ASP B 106 17.90 41.70 -36.95
N SER B 107 17.18 40.59 -36.87
CA SER B 107 16.26 40.13 -37.89
C SER B 107 14.83 40.18 -37.35
N VAL B 108 13.89 39.69 -38.15
CA VAL B 108 12.48 39.65 -37.76
C VAL B 108 12.29 38.73 -36.56
N GLY B 109 12.99 37.60 -36.53
CA GLY B 109 12.93 36.66 -35.43
C GLY B 109 13.48 37.19 -34.11
N VAL B 110 14.21 38.31 -34.13
CA VAL B 110 14.67 38.93 -32.91
C VAL B 110 13.65 39.95 -32.41
N PHE B 111 13.08 40.73 -33.32
CA PHE B 111 12.09 41.73 -32.95
C PHE B 111 10.81 41.09 -32.42
N LEU B 112 10.35 40.01 -33.05
CA LEU B 112 9.14 39.37 -32.55
C LEU B 112 9.39 38.64 -31.24
N ARG B 113 10.62 38.14 -31.05
CA ARG B 113 10.96 37.54 -29.77
C ARG B 113 11.06 38.61 -28.68
N GLN B 114 11.47 39.83 -29.01
CA GLN B 114 11.45 40.89 -28.01
C GLN B 114 10.03 41.32 -27.69
N LEU B 115 9.13 41.31 -28.68
CA LEU B 115 7.71 41.53 -28.41
C LEU B 115 7.15 40.46 -27.47
N GLN B 116 7.45 39.19 -27.73
CA GLN B 116 6.94 38.13 -26.86
C GLN B 116 7.71 38.03 -25.55
N GLU B 117 8.84 38.72 -25.43
CA GLU B 117 9.70 38.60 -24.25
C GLU B 117 9.49 39.74 -23.27
N GLU B 118 9.18 40.95 -23.76
CA GLU B 118 8.81 42.03 -22.86
C GLU B 118 7.40 41.83 -22.31
N ASP B 119 6.41 41.79 -23.20
CA ASP B 119 5.05 41.43 -22.83
C ASP B 119 4.87 39.93 -23.07
N ARG B 120 4.21 39.26 -22.13
CA ARG B 120 4.00 37.82 -22.20
C ARG B 120 2.54 37.45 -22.39
N GLY B 121 1.67 38.44 -22.60
CA GLY B 121 0.27 38.16 -22.80
C GLY B 121 -0.05 37.87 -24.25
N ILE B 122 0.91 38.08 -25.13
CA ILE B 122 0.72 37.83 -26.54
C ILE B 122 1.18 36.43 -26.87
N ASP B 123 0.47 35.78 -27.80
CA ASP B 123 0.84 34.45 -28.23
C ASP B 123 0.67 34.20 -29.72
N ARG B 124 0.53 35.25 -30.53
CA ARG B 124 0.65 35.14 -31.98
C ARG B 124 1.04 36.50 -32.51
N VAL B 125 2.08 36.54 -33.34
CA VAL B 125 2.59 37.79 -33.90
C VAL B 125 3.26 37.48 -35.23
N ALA B 126 3.04 38.33 -36.21
CA ALA B 126 3.57 38.12 -37.55
C ALA B 126 3.68 39.46 -38.26
N ILE B 127 4.43 39.45 -39.36
CA ILE B 127 4.75 40.65 -40.13
C ILE B 127 4.49 40.36 -41.61
N TYR B 128 3.57 41.11 -42.21
CA TYR B 128 3.10 40.84 -43.57
C TYR B 128 3.47 42.04 -44.44
N SER B 129 4.50 41.92 -45.28
CA SER B 129 4.95 43.14 -45.96
C SER B 129 4.12 43.60 -47.17
N PRO B 130 3.86 42.78 -48.24
CA PRO B 130 3.24 43.39 -49.43
C PRO B 130 1.73 43.39 -49.35
N ASP B 131 1.20 43.18 -48.14
CA ASP B 131 -0.18 43.07 -47.68
C ASP B 131 -0.80 41.72 -48.06
N GLY B 132 -0.10 40.88 -48.82
CA GLY B 132 -0.55 39.52 -49.07
C GLY B 132 0.14 38.42 -48.29
N VAL B 133 1.47 38.43 -48.26
CA VAL B 133 2.24 37.26 -47.86
C VAL B 133 2.94 37.55 -46.54
N ARG B 134 3.63 36.53 -46.02
CA ARG B 134 4.27 36.59 -44.72
C ARG B 134 5.78 36.66 -44.84
N VAL B 135 6.37 37.60 -44.11
CA VAL B 135 7.81 37.67 -43.96
C VAL B 135 8.28 36.58 -43.01
N ALA B 136 9.41 35.95 -43.34
CA ALA B 136 9.93 34.84 -42.56
C ALA B 136 10.60 35.34 -41.28
N ALA B 137 11.24 34.43 -40.56
CA ALA B 137 11.93 34.75 -39.32
C ALA B 137 13.42 34.95 -39.51
N SER B 138 13.88 35.12 -40.76
CA SER B 138 15.28 35.42 -41.00
C SER B 138 15.46 36.52 -42.03
N THR B 139 14.47 37.38 -42.20
CA THR B 139 14.67 38.61 -42.95
C THR B 139 15.26 39.66 -42.03
N GLY B 140 16.32 40.32 -42.46
CA GLY B 140 16.83 41.46 -41.72
C GLY B 140 15.89 42.65 -41.85
N ILE B 141 15.84 43.44 -40.77
CA ILE B 141 14.98 44.63 -40.73
C ILE B 141 15.44 45.68 -41.74
N ASP B 142 16.71 45.64 -42.13
CA ASP B 142 17.22 46.47 -43.21
C ASP B 142 16.59 46.16 -44.56
N LEU B 143 15.96 44.99 -44.72
CA LEU B 143 15.19 44.68 -45.91
C LEU B 143 13.70 44.95 -45.72
N LEU B 144 13.23 45.00 -44.47
CA LEU B 144 11.82 45.19 -44.18
C LEU B 144 11.43 46.66 -44.15
N LEU B 145 12.32 47.54 -43.69
CA LEU B 145 12.03 48.97 -43.58
C LEU B 145 12.04 49.71 -44.90
N LEU B 146 12.26 49.02 -46.02
CA LEU B 146 12.09 49.67 -47.31
C LEU B 146 10.63 50.00 -47.59
N ASP B 147 9.72 49.11 -47.25
CA ASP B 147 8.32 49.25 -47.59
C ASP B 147 7.46 49.13 -46.34
N ASP B 148 6.18 49.48 -46.50
CA ASP B 148 5.25 49.40 -45.39
C ASP B 148 4.73 47.98 -45.21
N PHE B 149 4.51 47.61 -43.96
CA PHE B 149 4.21 46.24 -43.59
C PHE B 149 3.16 46.23 -42.50
N LYS B 150 2.26 45.25 -42.56
CA LYS B 150 1.29 45.03 -41.51
C LYS B 150 1.96 44.25 -40.39
N LEU B 151 1.55 44.51 -39.16
CA LEU B 151 2.04 43.83 -37.98
C LEU B 151 0.85 43.34 -37.19
N VAL B 152 0.69 42.04 -37.08
CA VAL B 152 -0.47 41.55 -36.35
C VAL B 152 -0.05 41.20 -34.94
N ILE B 153 -0.93 41.51 -34.00
CA ILE B 153 -0.83 41.06 -32.61
C ILE B 153 -2.14 40.28 -32.45
N ASN B 154 -2.42 39.78 -31.23
CA ASN B 154 -3.36 38.69 -30.91
C ASN B 154 -4.63 38.64 -31.73
N ASP B 155 -5.30 39.77 -31.83
CA ASP B 155 -6.42 39.93 -32.75
C ASP B 155 -6.40 41.28 -33.44
N LEU B 156 -5.26 41.96 -33.45
CA LEU B 156 -5.14 43.34 -33.90
C LEU B 156 -4.20 43.38 -35.09
N THR B 157 -4.41 44.35 -35.99
CA THR B 157 -3.61 44.45 -37.21
C THR B 157 -3.19 45.90 -37.41
N TYR B 158 -2.00 46.24 -36.92
CA TYR B 158 -1.51 47.61 -37.00
C TYR B 158 -0.76 47.77 -38.32
N HIS B 159 -1.21 48.71 -39.14
CA HIS B 159 -0.52 49.00 -40.38
C HIS B 159 0.40 50.19 -40.15
N VAL B 160 1.70 49.92 -40.08
CA VAL B 160 2.71 50.95 -39.78
C VAL B 160 3.36 51.39 -41.09
N ARG B 161 3.48 52.71 -41.26
CA ARG B 161 4.13 53.25 -42.43
C ARG B 161 5.47 53.84 -42.05
N PRO B 162 6.56 53.45 -42.71
CA PRO B 162 7.89 53.88 -42.28
C PRO B 162 8.32 55.15 -43.00
N PRO B 163 9.32 55.86 -42.46
CA PRO B 163 9.95 56.93 -43.23
C PRO B 163 11.00 56.38 -44.18
N LYS B 164 11.13 57.04 -45.33
CA LYS B 164 11.99 56.52 -46.38
C LYS B 164 13.05 57.53 -46.76
N ASP C 74 2.37 -7.30 -46.05
CA ASP C 74 1.46 -7.95 -45.12
C ASP C 74 2.03 -7.89 -43.71
N VAL C 75 1.17 -7.52 -42.76
CA VAL C 75 1.50 -7.41 -41.35
C VAL C 75 0.52 -8.30 -40.59
N THR C 76 1.06 -9.21 -39.78
CA THR C 76 0.22 -10.27 -39.21
C THR C 76 -0.10 -9.99 -37.75
N VAL C 77 -1.29 -10.38 -37.32
CA VAL C 77 -1.71 -10.29 -35.92
C VAL C 77 -2.28 -11.64 -35.51
N VAL C 78 -1.66 -12.25 -34.50
CA VAL C 78 -2.07 -13.55 -34.00
C VAL C 78 -2.39 -13.42 -32.52
N TYR C 79 -3.52 -13.96 -32.09
CA TYR C 79 -3.84 -14.01 -30.67
C TYR C 79 -3.07 -15.14 -30.01
N GLN C 80 -2.14 -14.78 -29.13
CA GLN C 80 -1.40 -15.73 -28.32
C GLN C 80 -1.64 -15.42 -26.85
N ASN C 81 -1.93 -16.45 -26.07
CA ASN C 81 -2.00 -16.44 -24.61
C ASN C 81 -3.11 -15.54 -24.06
N GLY C 82 -4.06 -15.11 -24.89
CA GLY C 82 -5.04 -14.13 -24.47
C GLY C 82 -4.63 -12.70 -24.73
N LEU C 83 -3.63 -12.48 -25.58
CA LEU C 83 -3.04 -11.21 -25.91
C LEU C 83 -2.84 -11.16 -27.41
N PRO C 84 -2.63 -9.98 -27.99
CA PRO C 84 -2.25 -9.93 -29.41
C PRO C 84 -0.74 -9.95 -29.58
N VAL C 85 -0.33 -10.43 -30.76
CA VAL C 85 1.07 -10.40 -31.19
C VAL C 85 1.08 -9.91 -32.62
N ILE C 86 1.80 -8.81 -32.87
CA ILE C 86 1.81 -8.16 -34.18
C ILE C 86 3.22 -8.31 -34.76
N SER C 87 3.31 -9.00 -35.89
CA SER C 87 4.59 -9.16 -36.59
C SER C 87 4.60 -8.24 -37.79
N VAL C 88 5.64 -7.41 -37.87
CA VAL C 88 5.75 -6.32 -38.83
C VAL C 88 7.09 -6.47 -39.56
N ARG C 89 7.06 -6.26 -40.88
CA ARG C 89 8.30 -6.08 -41.64
C ARG C 89 8.77 -4.64 -41.50
N LEU C 90 10.07 -4.46 -41.27
CA LEU C 90 10.62 -3.14 -40.96
C LEU C 90 11.54 -2.64 -42.08
N PRO C 91 11.58 -1.33 -42.32
CA PRO C 91 12.28 -0.83 -43.51
C PRO C 91 13.79 -0.79 -43.41
N SER C 92 14.32 -0.41 -42.24
CA SER C 92 15.76 -0.18 -42.11
C SER C 92 16.56 -1.48 -42.10
N ARG C 93 15.90 -2.61 -41.89
CA ARG C 93 16.51 -3.93 -42.01
C ARG C 93 15.42 -4.88 -42.46
N ARG C 94 15.62 -5.55 -43.60
CA ARG C 94 14.54 -6.33 -44.21
C ARG C 94 14.33 -7.62 -43.41
N GLU C 95 13.74 -7.44 -42.24
CA GLU C 95 13.52 -8.51 -41.27
C GLU C 95 12.10 -8.39 -40.74
N ARG C 96 11.76 -9.15 -39.72
CA ARG C 96 10.45 -9.06 -39.09
C ARG C 96 10.64 -8.97 -37.59
N CYS C 97 9.74 -8.25 -36.93
CA CYS C 97 9.75 -8.16 -35.49
C CYS C 97 8.34 -8.33 -34.95
N GLN C 98 8.24 -8.86 -33.74
CA GLN C 98 6.93 -9.01 -33.11
C GLN C 98 6.82 -8.09 -31.90
N PHE C 99 5.62 -7.55 -31.74
CA PHE C 99 5.26 -6.63 -30.68
C PHE C 99 4.13 -7.27 -29.89
N THR C 100 4.28 -7.34 -28.58
CA THR C 100 3.25 -7.86 -27.71
C THR C 100 2.81 -6.76 -26.75
N LEU C 101 1.50 -6.57 -26.62
CA LEU C 101 0.97 -5.42 -25.91
C LEU C 101 -0.41 -5.77 -25.38
N LYS C 102 -0.73 -5.22 -24.21
CA LYS C 102 -2.00 -5.58 -23.60
C LYS C 102 -3.11 -4.64 -24.05
N PRO C 103 -4.28 -5.16 -24.41
CA PRO C 103 -5.36 -4.31 -24.91
C PRO C 103 -6.08 -3.51 -23.84
N ILE C 104 -5.78 -3.72 -22.56
CA ILE C 104 -6.54 -3.04 -21.51
C ILE C 104 -5.82 -1.83 -20.93
N SER C 105 -4.53 -1.70 -21.14
CA SER C 105 -3.78 -0.57 -20.61
C SER C 105 -3.07 0.24 -21.67
N ASP C 106 -2.45 -0.40 -22.65
CA ASP C 106 -1.75 0.32 -23.69
C ASP C 106 -2.72 0.90 -24.70
N SER C 107 -2.34 2.01 -25.30
CA SER C 107 -3.15 2.70 -26.29
C SER C 107 -2.43 2.68 -27.64
N VAL C 108 -2.99 3.40 -28.61
CA VAL C 108 -2.38 3.50 -29.93
C VAL C 108 -1.07 4.27 -29.87
N GLY C 109 -1.06 5.37 -29.12
CA GLY C 109 0.12 6.20 -28.96
C GLY C 109 1.23 5.60 -28.10
N VAL C 110 1.06 4.39 -27.57
CA VAL C 110 2.13 3.70 -26.88
C VAL C 110 2.70 2.66 -27.83
N PHE C 111 1.83 2.04 -28.64
CA PHE C 111 2.29 1.10 -29.65
C PHE C 111 3.11 1.79 -30.73
N LEU C 112 2.66 2.94 -31.21
CA LEU C 112 3.46 3.63 -32.21
C LEU C 112 4.71 4.26 -31.60
N ARG C 113 4.68 4.59 -30.32
CA ARG C 113 5.88 5.07 -29.64
C ARG C 113 6.92 3.96 -29.51
N GLN C 114 6.47 2.74 -29.22
CA GLN C 114 7.39 1.61 -29.16
C GLN C 114 7.94 1.24 -30.53
N LEU C 115 7.09 1.31 -31.57
CA LEU C 115 7.55 1.07 -32.94
C LEU C 115 8.51 2.16 -33.39
N GLN C 116 8.33 3.38 -32.91
CA GLN C 116 9.26 4.46 -33.17
C GLN C 116 10.57 4.27 -32.41
N GLU C 117 10.53 3.64 -31.24
CA GLU C 117 11.73 3.37 -30.45
C GLU C 117 12.56 2.21 -30.98
N GLU C 118 11.92 1.20 -31.58
CA GLU C 118 12.66 0.00 -31.94
C GLU C 118 13.61 0.21 -33.12
N ASP C 119 13.16 0.89 -34.16
CA ASP C 119 14.05 1.27 -35.26
C ASP C 119 14.19 2.77 -35.33
N ARG C 120 15.27 3.22 -35.96
CA ARG C 120 15.53 4.64 -36.11
C ARG C 120 15.12 5.19 -37.47
N GLY C 121 15.30 4.42 -38.55
CA GLY C 121 15.01 4.88 -39.89
C GLY C 121 13.55 5.13 -40.21
N ILE C 122 12.68 4.62 -39.36
CA ILE C 122 11.25 4.95 -39.40
C ILE C 122 11.08 6.39 -38.92
N ASP C 123 10.43 7.22 -39.75
CA ASP C 123 10.24 8.63 -39.41
C ASP C 123 8.81 9.13 -39.56
N ARG C 124 7.90 8.34 -40.10
CA ARG C 124 6.47 8.65 -40.05
C ARG C 124 5.71 7.38 -39.77
N VAL C 125 4.86 7.42 -38.74
CA VAL C 125 3.99 6.31 -38.39
C VAL C 125 2.55 6.83 -38.32
N ALA C 126 1.62 6.00 -38.75
CA ALA C 126 0.21 6.35 -38.60
C ALA C 126 -0.64 5.10 -38.58
N ILE C 127 -1.80 5.18 -37.92
CA ILE C 127 -2.84 4.18 -38.04
C ILE C 127 -4.08 4.87 -38.58
N TYR C 128 -4.62 4.34 -39.66
CA TYR C 128 -5.83 4.89 -40.25
C TYR C 128 -7.01 3.96 -39.97
N SER C 129 -8.17 4.37 -40.43
CA SER C 129 -9.41 3.60 -40.34
C SER C 129 -9.51 2.84 -41.67
N PRO C 130 -10.54 2.01 -41.89
CA PRO C 130 -10.85 1.63 -43.28
C PRO C 130 -11.19 2.82 -44.17
N ASP C 131 -11.75 3.88 -43.61
CA ASP C 131 -11.87 5.15 -44.30
C ASP C 131 -10.55 5.91 -44.21
N GLY C 132 -10.52 7.14 -44.72
CA GLY C 132 -9.28 7.88 -44.65
C GLY C 132 -8.95 8.48 -43.32
N VAL C 133 -9.87 8.42 -42.35
CA VAL C 133 -9.73 9.20 -41.12
C VAL C 133 -8.69 8.55 -40.22
N ARG C 134 -7.99 9.38 -39.45
CA ARG C 134 -6.91 8.91 -38.61
C ARG C 134 -7.40 8.57 -37.23
N VAL C 135 -7.01 7.40 -36.76
CA VAL C 135 -7.19 7.04 -35.36
C VAL C 135 -6.15 7.80 -34.55
N ALA C 136 -6.58 8.41 -33.46
CA ALA C 136 -5.70 9.30 -32.68
C ALA C 136 -4.76 8.47 -31.81
N ALA C 137 -4.07 9.15 -30.90
CA ALA C 137 -3.00 8.55 -30.11
C ALA C 137 -3.41 8.28 -28.67
N SER C 138 -4.71 8.20 -28.38
CA SER C 138 -5.17 7.78 -27.06
C SER C 138 -6.29 6.75 -27.16
N THR C 139 -6.58 6.25 -28.35
CA THR C 139 -7.58 5.22 -28.52
C THR C 139 -7.08 3.91 -27.92
N GLY C 140 -7.95 3.24 -27.18
CA GLY C 140 -7.60 1.94 -26.65
C GLY C 140 -7.43 0.90 -27.75
N ILE C 141 -6.56 -0.07 -27.50
CA ILE C 141 -6.24 -1.09 -28.49
C ILE C 141 -7.46 -1.95 -28.78
N ASP C 142 -8.22 -2.30 -27.74
CA ASP C 142 -9.44 -3.07 -27.94
C ASP C 142 -10.58 -2.25 -28.53
N LEU C 143 -10.45 -0.93 -28.60
CA LEU C 143 -11.31 -0.12 -29.45
C LEU C 143 -10.73 0.06 -30.84
N LEU C 144 -9.61 -0.58 -31.14
CA LEU C 144 -9.02 -0.56 -32.47
C LEU C 144 -9.04 -1.92 -33.14
N LEU C 145 -9.07 -3.00 -32.36
CA LEU C 145 -9.05 -4.36 -32.90
C LEU C 145 -10.43 -4.90 -33.17
N LEU C 146 -11.40 -4.04 -33.44
CA LEU C 146 -12.72 -4.51 -33.84
C LEU C 146 -12.78 -4.75 -35.35
N ASP C 147 -12.41 -3.74 -36.13
CA ASP C 147 -12.38 -3.83 -37.58
C ASP C 147 -10.95 -3.99 -38.06
N ASP C 148 -10.81 -4.17 -39.37
CA ASP C 148 -9.49 -4.10 -39.99
C ASP C 148 -9.02 -2.65 -40.02
N PHE C 149 -7.71 -2.46 -40.21
CA PHE C 149 -7.17 -1.11 -40.17
C PHE C 149 -5.90 -1.03 -41.00
N LYS C 150 -5.61 0.16 -41.49
CA LYS C 150 -4.40 0.41 -42.25
C LYS C 150 -3.31 0.93 -41.34
N LEU C 151 -2.09 0.45 -41.55
CA LEU C 151 -0.91 0.94 -40.86
C LEU C 151 -0.02 1.60 -41.89
N VAL C 152 0.37 2.84 -41.65
CA VAL C 152 1.16 3.61 -42.60
C VAL C 152 2.56 3.76 -42.03
N ILE C 153 3.52 3.20 -42.76
CA ILE C 153 4.96 3.29 -42.39
C ILE C 153 5.72 3.92 -43.56
N ASN C 154 6.24 5.14 -43.37
CA ASN C 154 7.01 5.88 -44.39
C ASN C 154 6.04 5.98 -45.58
N ASP C 155 6.42 5.44 -46.74
CA ASP C 155 5.60 5.54 -47.94
C ASP C 155 4.77 4.36 -48.38
N LEU C 156 4.81 3.25 -47.66
CA LEU C 156 4.01 2.09 -47.94
C LEU C 156 2.70 2.17 -47.16
N THR C 157 1.82 1.20 -47.38
CA THR C 157 0.55 1.20 -46.66
C THR C 157 0.17 -0.26 -46.43
N TYR C 158 0.49 -0.77 -45.24
CA TYR C 158 0.15 -2.14 -44.92
C TYR C 158 -1.31 -2.19 -44.51
N HIS C 159 -1.98 -3.29 -44.84
CA HIS C 159 -3.38 -3.46 -44.49
C HIS C 159 -3.48 -4.66 -43.56
N VAL C 160 -4.01 -4.44 -42.36
CA VAL C 160 -4.03 -5.44 -41.30
C VAL C 160 -5.48 -5.81 -41.04
N ARG C 161 -5.76 -7.11 -40.93
CA ARG C 161 -7.10 -7.57 -40.57
C ARG C 161 -7.04 -8.56 -39.41
N PRO C 162 -7.14 -8.07 -38.17
CA PRO C 162 -7.23 -8.97 -37.01
C PRO C 162 -8.53 -9.75 -37.04
N PRO C 163 -8.57 -10.92 -36.40
CA PRO C 163 -9.77 -11.78 -36.53
C PRO C 163 -10.94 -11.22 -35.74
N LYS C 164 -12.10 -11.20 -36.38
CA LYS C 164 -13.30 -10.67 -35.76
C LYS C 164 -13.87 -11.74 -34.84
N ARG C 165 -13.90 -11.43 -33.54
CA ARG C 165 -14.18 -12.42 -32.50
C ARG C 165 -15.24 -11.93 -31.51
N ASP C 166 -16.00 -10.88 -31.87
CA ASP C 166 -16.59 -10.00 -30.87
C ASP C 166 -17.76 -10.64 -30.14
N LEU C 167 -18.54 -11.49 -30.83
CA LEU C 167 -19.62 -12.31 -30.24
C LEU C 167 -20.69 -11.48 -29.54
N LEU C 168 -21.15 -10.41 -30.19
CA LEU C 168 -22.20 -9.56 -29.64
C LEU C 168 -22.91 -8.86 -30.79
N SER C 169 -24.19 -9.15 -30.96
CA SER C 169 -24.93 -8.67 -32.12
C SER C 169 -25.28 -7.18 -31.98
N HIS C 170 -25.83 -6.62 -33.06
CA HIS C 170 -25.90 -5.17 -33.21
C HIS C 170 -26.89 -4.53 -32.27
N GLU C 171 -28.10 -5.08 -32.17
CA GLU C 171 -29.04 -4.55 -31.20
C GLU C 171 -28.60 -4.89 -29.78
N ASN C 172 -27.90 -6.02 -29.62
CA ASN C 172 -27.35 -6.40 -28.33
C ASN C 172 -26.09 -5.62 -27.98
N ALA C 173 -25.53 -4.87 -28.93
CA ALA C 173 -24.47 -3.92 -28.64
C ALA C 173 -24.96 -2.48 -28.69
N ALA C 174 -26.20 -2.25 -29.09
CA ALA C 174 -26.77 -0.91 -29.06
C ALA C 174 -27.60 -0.67 -27.82
N THR C 175 -28.21 -1.73 -27.26
CA THR C 175 -29.04 -1.57 -26.07
C THR C 175 -28.19 -1.18 -24.86
N LEU C 176 -27.07 -1.88 -24.64
CA LEU C 176 -26.22 -1.59 -23.50
C LEU C 176 -25.50 -0.26 -23.67
N ASN C 177 -25.19 0.11 -24.91
CA ASN C 177 -24.71 1.45 -25.23
C ASN C 177 -25.74 2.52 -24.85
N ASP C 178 -27.01 2.27 -25.16
CA ASP C 178 -28.07 3.21 -24.82
C ASP C 178 -28.32 3.26 -23.32
N VAL C 179 -27.98 2.21 -22.59
CA VAL C 179 -27.99 2.28 -21.14
C VAL C 179 -26.86 3.17 -20.63
N LYS C 180 -25.65 2.96 -21.18
CA LYS C 180 -24.47 3.67 -20.68
C LYS C 180 -24.54 5.18 -20.90
N THR C 181 -24.96 5.60 -22.10
CA THR C 181 -25.05 7.03 -22.39
C THR C 181 -26.08 7.73 -21.52
N LEU C 182 -27.21 7.07 -21.28
CA LEU C 182 -28.28 7.68 -20.49
C LEU C 182 -27.88 7.75 -19.02
N VAL C 183 -27.19 6.72 -18.50
CA VAL C 183 -26.69 6.77 -17.12
C VAL C 183 -25.66 7.88 -16.96
N GLN C 184 -24.80 8.07 -17.96
CA GLN C 184 -23.81 9.15 -17.89
C GLN C 184 -24.47 10.53 -17.92
N GLN C 185 -25.48 10.71 -18.77
CA GLN C 185 -26.19 11.99 -18.82
C GLN C 185 -26.92 12.27 -17.51
N LEU C 186 -27.51 11.24 -16.90
CA LEU C 186 -28.16 11.43 -15.62
C LEU C 186 -27.16 11.68 -14.49
N TYR C 187 -25.95 11.14 -14.62
CA TYR C 187 -24.92 11.41 -13.62
C TYR C 187 -24.41 12.83 -13.71
N THR C 188 -24.33 13.36 -14.94
CA THR C 188 -23.82 14.70 -15.15
C THR C 188 -24.85 15.78 -14.87
N THR C 189 -26.14 15.49 -15.12
CA THR C 189 -27.17 16.52 -15.18
C THR C 189 -27.40 17.17 -13.81
N LEU C 190 -27.42 16.38 -12.74
CA LEU C 190 -27.75 16.92 -11.43
C LEU C 190 -26.64 16.70 -10.40
N CYS C 191 -25.38 16.65 -10.84
CA CYS C 191 -24.14 16.74 -10.05
C CYS C 191 -24.12 15.79 -8.85
N ILE C 192 -24.12 14.50 -9.20
CA ILE C 192 -24.18 13.46 -8.18
C ILE C 192 -22.86 13.35 -7.45
N GLU C 193 -21.75 13.67 -8.12
CA GLU C 193 -20.46 13.62 -7.44
C GLU C 193 -20.32 14.72 -6.38
N GLN C 194 -21.05 15.82 -6.52
CA GLN C 194 -20.98 16.87 -5.51
C GLN C 194 -21.77 16.51 -4.26
N HIS C 195 -22.96 15.92 -4.45
CA HIS C 195 -23.70 15.33 -3.34
C HIS C 195 -22.93 14.18 -2.71
N GLN C 196 -22.14 13.46 -3.51
CA GLN C 196 -21.29 12.39 -3.01
C GLN C 196 -20.21 12.94 -2.10
N LEU C 197 -19.59 14.06 -2.48
CA LEU C 197 -18.55 14.66 -1.64
C LEU C 197 -19.17 15.31 -0.41
N ASN C 198 -20.44 15.71 -0.52
CA ASN C 198 -21.15 16.30 0.61
C ASN C 198 -21.33 15.30 1.75
N LYS C 199 -21.51 14.01 1.44
CA LYS C 199 -21.69 13.01 2.49
C LYS C 199 -20.40 12.82 3.30
N GLU C 200 -19.27 12.77 2.61
CA GLU C 200 -17.98 12.73 3.28
C GLU C 200 -17.72 13.99 4.09
N ARG C 201 -18.17 15.15 3.61
CA ARG C 201 -18.12 16.36 4.41
C ARG C 201 -18.95 16.26 5.68
N GLU C 202 -20.13 15.66 5.59
CA GLU C 202 -20.99 15.49 6.75
C GLU C 202 -20.41 14.54 7.78
N LEU C 203 -19.83 13.43 7.31
CA LEU C 203 -19.17 12.50 8.22
C LEU C 203 -17.93 13.10 8.87
N ILE C 204 -17.11 13.83 8.12
CA ILE C 204 -15.90 14.44 8.69
C ILE C 204 -16.23 15.62 9.58
N GLU C 205 -17.43 16.19 9.49
CA GLU C 205 -17.83 17.15 10.52
C GLU C 205 -18.43 16.50 11.75
N ARG C 206 -19.24 15.45 11.58
CA ARG C 206 -19.85 14.77 12.72
C ARG C 206 -18.82 14.11 13.61
N LEU C 207 -17.83 13.47 12.99
CA LEU C 207 -16.73 12.85 13.73
C LEU C 207 -15.96 13.86 14.59
N GLU C 208 -15.71 15.06 14.05
CA GLU C 208 -15.00 16.08 14.83
C GLU C 208 -15.87 16.68 15.92
N ASP C 209 -17.17 16.86 15.66
CA ASP C 209 -18.04 17.42 16.69
C ASP C 209 -18.29 16.43 17.81
N LEU C 210 -18.12 15.13 17.56
CA LEU C 210 -18.18 14.16 18.65
C LEU C 210 -16.85 14.01 19.38
N LYS C 211 -15.72 14.06 18.65
CA LYS C 211 -14.40 14.06 19.29
C LYS C 211 -14.20 15.30 20.16
N GLU C 212 -14.81 16.43 19.79
CA GLU C 212 -14.72 17.61 20.64
C GLU C 212 -15.56 17.46 21.90
N GLN C 213 -16.71 16.77 21.82
CA GLN C 213 -17.48 16.50 23.04
C GLN C 213 -16.80 15.47 23.93
N LEU C 214 -15.92 14.64 23.37
CA LEU C 214 -15.13 13.76 24.23
C LEU C 214 -14.14 14.54 25.07
N ALA C 215 -13.70 15.71 24.58
CA ALA C 215 -12.64 16.46 25.25
C ALA C 215 -12.96 17.01 26.64
N PRO C 216 -14.20 17.40 27.02
CA PRO C 216 -14.43 17.71 28.43
C PRO C 216 -14.32 16.50 29.34
N LEU C 217 -14.73 15.32 28.88
CA LEU C 217 -14.68 14.14 29.72
C LEU C 217 -13.27 13.57 29.86
N GLU C 218 -12.31 14.04 29.05
CA GLU C 218 -10.98 13.44 29.04
C GLU C 218 -10.21 13.74 30.31
N LYS C 219 -10.26 15.01 30.75
CA LYS C 219 -9.59 15.39 32.01
C LYS C 219 -10.27 14.74 33.21
N VAL C 220 -11.60 14.65 33.19
CA VAL C 220 -12.36 14.05 34.27
C VAL C 220 -12.07 12.56 34.35
N ARG C 221 -11.82 11.92 33.21
CA ARG C 221 -11.40 10.53 33.22
C ARG C 221 -9.97 10.38 33.69
N ILE C 222 -9.07 11.26 33.24
CA ILE C 222 -7.66 11.01 33.50
C ILE C 222 -7.29 11.29 34.95
N GLU C 223 -8.03 12.17 35.64
CA GLU C 223 -7.76 12.36 37.06
C GLU C 223 -8.20 11.16 37.89
N ILE C 224 -9.39 10.63 37.65
CA ILE C 224 -9.81 9.44 38.39
C ILE C 224 -9.03 8.20 37.96
N SER C 225 -8.49 8.20 36.74
CA SER C 225 -7.63 7.11 36.29
C SER C 225 -6.26 7.14 36.94
N ARG C 226 -5.62 8.31 37.05
CA ARG C 226 -4.37 8.34 37.79
C ARG C 226 -4.57 8.11 39.28
N LYS C 227 -5.72 8.47 39.84
CA LYS C 227 -6.04 8.12 41.23
C LYS C 227 -6.14 6.62 41.43
N ALA C 228 -6.89 5.94 40.54
CA ALA C 228 -7.05 4.50 40.67
C ALA C 228 -5.77 3.75 40.36
N GLU C 229 -4.95 4.27 39.43
CA GLU C 229 -3.66 3.65 39.16
C GLU C 229 -2.70 3.81 40.34
N LYS C 230 -2.72 4.98 41.01
CA LYS C 230 -1.90 5.16 42.20
C LYS C 230 -2.33 4.24 43.33
N ARG C 231 -3.65 4.10 43.53
CA ARG C 231 -4.12 3.19 44.58
C ARG C 231 -3.81 1.73 44.28
N THR C 232 -3.95 1.30 43.02
CA THR C 232 -3.60 -0.09 42.74
C THR C 232 -2.09 -0.31 42.73
N THR C 233 -1.28 0.72 42.49
CA THR C 233 0.16 0.59 42.65
C THR C 233 0.54 0.42 44.10
N LEU C 234 -0.11 1.21 44.98
CA LEU C 234 0.04 1.02 46.42
C LEU C 234 -0.36 -0.39 46.86
N VAL C 235 -1.43 -0.95 46.29
CA VAL C 235 -1.85 -2.31 46.61
C VAL C 235 -0.83 -3.35 46.13
N LEU C 236 -0.31 -3.19 44.91
CA LEU C 236 0.67 -4.14 44.38
C LEU C 236 1.95 -4.15 45.19
N TRP C 237 2.45 -2.97 45.58
CA TRP C 237 3.65 -2.97 46.42
C TRP C 237 3.37 -3.40 47.85
N GLY C 238 2.14 -3.17 48.34
CA GLY C 238 1.78 -3.70 49.63
C GLY C 238 1.60 -5.19 49.67
N GLY C 239 1.44 -5.83 48.52
CA GLY C 239 1.53 -7.27 48.46
C GLY C 239 2.94 -7.76 48.75
N LEU C 240 3.93 -7.11 48.14
CA LEU C 240 5.32 -7.54 48.30
C LEU C 240 5.87 -7.22 49.68
N ALA C 241 5.40 -6.13 50.30
CA ALA C 241 5.78 -5.88 51.68
C ALA C 241 5.25 -6.97 52.61
N TYR C 242 4.04 -7.45 52.37
CA TYR C 242 3.52 -8.61 53.09
C TYR C 242 4.33 -9.87 52.81
N MET C 243 4.74 -10.04 51.56
CA MET C 243 5.53 -11.20 51.16
C MET C 243 6.89 -11.21 51.83
N ALA C 244 7.44 -10.05 52.18
CA ALA C 244 8.73 -9.96 52.85
C ALA C 244 8.64 -10.03 54.37
N THR C 245 7.61 -9.41 54.97
CA THR C 245 7.54 -9.38 56.43
C THR C 245 7.19 -10.73 57.03
N GLN C 246 6.74 -11.68 56.22
CA GLN C 246 6.60 -13.07 56.64
C GLN C 246 7.92 -13.82 56.59
N PHE C 247 8.70 -13.58 55.53
CA PHE C 247 10.00 -14.20 55.38
C PHE C 247 10.98 -13.75 56.45
N GLY C 248 10.79 -12.56 57.00
CA GLY C 248 11.60 -12.15 58.14
C GLY C 248 11.29 -12.90 59.43
N ILE C 249 9.98 -12.99 59.73
CA ILE C 249 9.50 -13.68 60.94
C ILE C 249 9.91 -15.14 60.92
N LEU C 250 9.63 -15.82 59.81
CA LEU C 250 9.93 -17.25 59.73
C LEU C 250 11.42 -17.54 59.62
N ALA C 251 12.26 -16.52 59.40
CA ALA C 251 13.70 -16.74 59.40
C ALA C 251 14.35 -16.45 60.74
N ARG C 252 13.77 -15.54 61.52
CA ARG C 252 14.30 -15.32 62.87
C ARG C 252 14.05 -16.52 63.77
N LEU C 253 12.84 -17.07 63.72
CA LEU C 253 12.35 -17.97 64.75
C LEU C 253 12.61 -19.43 64.45
N THR C 254 13.29 -19.74 63.37
CA THR C 254 13.81 -21.08 63.16
C THR C 254 15.28 -21.19 63.51
N TRP C 255 15.94 -20.08 63.80
CA TRP C 255 17.39 -20.06 63.89
C TRP C 255 17.92 -19.37 65.15
N TRP C 256 17.13 -18.50 65.78
CA TRP C 256 17.67 -17.70 66.87
C TRP C 256 17.05 -18.02 68.23
N GLU C 257 15.73 -17.89 68.39
CA GLU C 257 15.12 -18.07 69.70
C GLU C 257 14.03 -19.13 69.70
N TYR C 258 14.23 -20.17 68.89
CA TYR C 258 13.52 -21.43 68.80
C TYR C 258 14.39 -22.32 67.91
N SER C 259 13.84 -23.43 67.43
CA SER C 259 14.54 -24.15 66.38
C SER C 259 13.58 -24.51 65.26
N TRP C 260 14.04 -25.30 64.30
CA TRP C 260 13.17 -25.74 63.21
C TRP C 260 12.20 -26.82 63.65
N ASP C 261 12.48 -27.53 64.74
CA ASP C 261 11.59 -28.57 65.24
C ASP C 261 10.29 -28.01 65.81
N ILE C 262 10.22 -26.72 66.07
CA ILE C 262 9.03 -26.07 66.58
C ILE C 262 8.28 -25.33 65.47
N MET C 263 9.01 -24.70 64.55
CA MET C 263 8.40 -23.97 63.45
C MET C 263 8.33 -24.79 62.16
N GLU C 264 8.38 -26.11 62.26
CA GLU C 264 8.19 -26.90 61.04
C GLU C 264 6.72 -26.97 60.59
N PRO C 265 5.72 -27.31 61.42
CA PRO C 265 4.35 -27.40 60.87
C PRO C 265 3.70 -26.04 60.61
N VAL C 266 4.22 -24.96 61.20
CA VAL C 266 3.61 -23.64 61.00
C VAL C 266 3.77 -23.20 59.56
N THR C 267 4.94 -23.45 58.97
CA THR C 267 5.15 -23.18 57.56
C THR C 267 4.25 -24.02 56.67
N TYR C 268 4.01 -25.27 57.04
CA TYR C 268 3.10 -26.11 56.27
C TYR C 268 1.68 -25.60 56.32
N PHE C 269 1.21 -25.21 57.50
CA PHE C 269 -0.17 -24.73 57.56
C PHE C 269 -0.32 -23.34 56.96
N ILE C 270 0.74 -22.54 56.89
CA ILE C 270 0.64 -21.28 56.14
C ILE C 270 0.60 -21.56 54.64
N THR C 271 1.44 -22.47 54.16
CA THR C 271 1.40 -22.79 52.73
C THR C 271 0.16 -23.61 52.34
N TYR C 272 -0.59 -24.12 53.31
CA TYR C 272 -1.88 -24.74 53.02
C TYR C 272 -3.04 -23.76 53.15
N GLY C 273 -2.98 -22.83 54.10
CA GLY C 273 -3.96 -21.79 54.21
C GLY C 273 -3.92 -20.84 53.04
N SER C 274 -2.73 -20.64 52.46
CA SER C 274 -2.64 -19.88 51.23
C SER C 274 -3.31 -20.58 50.07
N ALA C 275 -3.13 -21.89 49.95
CA ALA C 275 -3.81 -22.67 48.94
C ALA C 275 -5.30 -22.75 49.16
N MET C 276 -5.76 -22.55 50.39
CA MET C 276 -7.19 -22.49 50.64
C MET C 276 -7.77 -21.09 50.42
N ALA C 277 -7.00 -20.04 50.68
CA ALA C 277 -7.46 -18.69 50.38
C ALA C 277 -7.50 -18.43 48.89
N MET C 278 -6.61 -19.06 48.12
CA MET C 278 -6.72 -18.99 46.66
C MET C 278 -7.91 -19.76 46.13
N TYR C 279 -8.51 -20.65 46.92
CA TYR C 279 -9.79 -21.24 46.56
C TYR C 279 -10.96 -20.39 46.98
N ALA C 280 -10.85 -19.73 48.14
CA ALA C 280 -11.92 -18.83 48.59
C ALA C 280 -12.06 -17.62 47.66
N TYR C 281 -10.93 -17.15 47.11
CA TYR C 281 -10.99 -16.10 46.09
C TYR C 281 -11.75 -16.54 44.86
N PHE C 282 -11.59 -17.80 44.46
CA PHE C 282 -12.38 -18.32 43.36
C PHE C 282 -13.84 -18.48 43.72
N VAL C 283 -14.13 -18.77 44.98
CA VAL C 283 -15.53 -18.93 45.37
C VAL C 283 -16.24 -17.58 45.38
N MET C 284 -15.56 -16.51 45.84
CA MET C 284 -16.18 -15.20 45.81
C MET C 284 -16.36 -14.65 44.41
N THR C 285 -15.26 -14.38 43.71
CA THR C 285 -15.36 -13.87 42.35
C THR C 285 -15.09 -14.99 41.37
N ARG C 286 -15.84 -15.01 40.28
CA ARG C 286 -15.89 -16.20 39.41
C ARG C 286 -14.72 -16.19 38.43
N GLN C 287 -13.51 -16.33 38.99
CA GLN C 287 -12.29 -16.45 38.21
C GLN C 287 -11.20 -16.98 39.14
N GLU C 288 -10.03 -17.25 38.58
CA GLU C 288 -8.90 -17.76 39.35
C GLU C 288 -7.99 -16.65 39.81
N TYR C 289 -7.02 -17.01 40.65
CA TYR C 289 -6.04 -16.06 41.16
C TYR C 289 -4.82 -16.13 40.26
N VAL C 290 -4.94 -15.50 39.11
CA VAL C 290 -3.81 -15.20 38.25
C VAL C 290 -3.37 -13.78 38.60
N TYR C 291 -2.08 -13.48 38.44
CA TYR C 291 -1.61 -12.18 38.90
C TYR C 291 -2.09 -10.98 38.08
N PRO C 292 -2.16 -10.98 36.74
CA PRO C 292 -2.78 -9.82 36.08
C PRO C 292 -4.29 -9.82 36.19
N GLU C 293 -4.90 -11.00 36.25
CA GLU C 293 -6.35 -11.09 36.29
C GLU C 293 -6.90 -10.66 37.64
N ALA C 294 -6.08 -10.73 38.69
CA ALA C 294 -6.44 -10.16 39.99
C ALA C 294 -5.85 -8.78 40.19
N ARG C 295 -5.36 -8.16 39.11
CA ARG C 295 -4.96 -6.76 39.13
C ARG C 295 -5.93 -5.88 38.36
N ASP C 296 -6.37 -6.36 37.19
CA ASP C 296 -7.34 -5.63 36.39
C ASP C 296 -8.66 -5.43 37.12
N ARG C 297 -9.12 -6.47 37.82
CA ARG C 297 -10.35 -6.38 38.61
C ARG C 297 -10.23 -5.35 39.73
N GLN C 298 -9.11 -5.35 40.46
CA GLN C 298 -8.89 -4.40 41.53
C GLN C 298 -8.82 -2.98 41.02
N TYR C 299 -8.10 -2.77 39.92
CA TYR C 299 -7.98 -1.44 39.33
C TYR C 299 -9.33 -0.93 38.85
N LEU C 300 -10.10 -1.77 38.16
CA LEU C 300 -11.36 -1.30 37.58
C LEU C 300 -12.41 -1.09 38.65
N LEU C 301 -12.34 -1.86 39.75
CA LEU C 301 -13.30 -1.67 40.82
C LEU C 301 -13.00 -0.41 41.62
N PHE C 302 -11.70 -0.11 41.83
CA PHE C 302 -11.32 1.18 42.37
C PHE C 302 -11.71 2.33 41.44
N PHE C 303 -11.63 2.12 40.14
CA PHE C 303 -12.05 3.13 39.17
C PHE C 303 -13.52 3.48 39.31
N HIS C 304 -14.38 2.46 39.39
CA HIS C 304 -15.81 2.77 39.54
C HIS C 304 -16.17 3.31 40.92
N LYS C 305 -15.55 2.82 41.99
CA LYS C 305 -15.86 3.36 43.31
C LYS C 305 -15.28 4.75 43.51
N GLY C 306 -14.27 5.14 42.73
CA GLY C 306 -13.86 6.53 42.73
C GLY C 306 -14.72 7.40 41.84
N ALA C 307 -15.05 6.92 40.64
CA ALA C 307 -15.75 7.72 39.66
C ALA C 307 -17.22 7.89 39.97
N LYS C 308 -17.78 7.09 40.87
CA LYS C 308 -19.11 7.43 41.39
C LYS C 308 -19.06 8.69 42.23
N LYS C 309 -18.09 8.77 43.14
CA LYS C 309 -17.97 9.92 44.04
C LYS C 309 -17.45 11.15 43.33
N SER C 310 -16.68 10.99 42.25
CA SER C 310 -16.31 12.16 41.46
C SER C 310 -17.45 12.66 40.59
N ARG C 311 -18.49 11.85 40.40
CA ARG C 311 -19.80 12.27 39.89
C ARG C 311 -19.76 12.79 38.47
N PHE C 312 -19.27 11.97 37.54
CA PHE C 312 -19.48 12.24 36.13
C PHE C 312 -20.25 11.08 35.53
N ASP C 313 -21.13 11.40 34.60
CA ASP C 313 -22.03 10.41 34.01
C ASP C 313 -21.24 9.61 32.99
N LEU C 314 -20.78 8.43 33.40
CA LEU C 314 -19.91 7.60 32.59
C LEU C 314 -20.61 7.00 31.38
N GLU C 315 -21.94 6.96 31.39
CA GLU C 315 -22.68 6.47 30.22
C GLU C 315 -22.50 7.40 29.03
N LYS C 316 -22.41 8.71 29.28
CA LYS C 316 -22.12 9.65 28.21
C LYS C 316 -20.68 9.58 27.74
N TYR C 317 -19.78 9.05 28.57
CA TYR C 317 -18.44 8.75 28.09
C TYR C 317 -18.44 7.50 27.22
N ASN C 318 -19.09 6.45 27.71
CA ASN C 318 -19.07 5.14 27.09
C ASN C 318 -19.78 5.15 25.74
N GLN C 319 -20.99 5.71 25.68
CA GLN C 319 -21.78 5.75 24.45
C GLN C 319 -21.09 6.56 23.37
N LEU C 320 -20.54 7.71 23.73
CA LEU C 320 -19.87 8.59 22.78
C LEU C 320 -18.56 7.98 22.29
N LYS C 321 -17.78 7.38 23.20
CA LYS C 321 -16.53 6.75 22.80
C LYS C 321 -16.77 5.51 21.96
N ASP C 322 -17.91 4.86 22.14
CA ASP C 322 -18.28 3.76 21.27
C ASP C 322 -18.73 4.28 19.90
N ALA C 323 -19.41 5.43 19.88
CA ALA C 323 -19.86 6.03 18.63
C ALA C 323 -18.71 6.57 17.78
N ILE C 324 -17.60 6.98 18.41
CA ILE C 324 -16.43 7.45 17.66
C ILE C 324 -15.87 6.34 16.77
N ALA C 325 -15.64 5.17 17.35
CA ALA C 325 -15.00 4.10 16.60
C ALA C 325 -15.93 3.43 15.59
N GLN C 326 -17.21 3.77 15.59
CA GLN C 326 -18.09 3.35 14.50
C GLN C 326 -18.21 4.42 13.43
N ALA C 327 -18.31 5.69 13.81
CA ALA C 327 -18.37 6.79 12.86
C ALA C 327 -17.03 7.05 12.19
N GLU C 328 -15.94 6.46 12.66
CA GLU C 328 -14.68 6.50 11.94
C GLU C 328 -14.48 5.27 11.06
N MET C 329 -14.92 4.11 11.54
CA MET C 329 -14.83 2.88 10.74
C MET C 329 -15.70 2.99 9.50
N ASP C 330 -16.85 3.65 9.62
CA ASP C 330 -17.70 3.88 8.46
C ASP C 330 -17.04 4.84 7.47
N LEU C 331 -16.30 5.83 7.98
CA LEU C 331 -15.58 6.76 7.12
C LEU C 331 -14.42 6.07 6.40
N LYS C 332 -13.76 5.13 7.08
CA LYS C 332 -12.71 4.35 6.43
C LYS C 332 -13.28 3.41 5.39
N ARG C 333 -14.46 2.84 5.64
CA ARG C 333 -15.17 2.07 4.63
C ARG C 333 -15.56 2.92 3.44
N LEU C 334 -15.87 4.19 3.64
CA LEU C 334 -16.27 5.06 2.53
C LEU C 334 -15.09 5.61 1.75
N ARG C 335 -13.92 5.80 2.38
CA ARG C 335 -12.72 6.23 1.67
C ARG C 335 -11.89 5.06 1.16
N ASP C 336 -12.50 3.92 0.89
CA ASP C 336 -11.76 2.73 0.52
C ASP C 336 -11.22 2.90 -0.89
N PRO C 337 -9.89 2.83 -1.12
CA PRO C 337 -9.35 3.11 -2.45
C PRO C 337 -9.45 1.95 -3.43
N LEU C 338 -10.30 0.99 -3.13
CA LEU C 338 -10.55 -0.13 -4.00
C LEU C 338 -12.00 -0.16 -4.50
N GLN C 339 -12.86 0.69 -3.95
CA GLN C 339 -14.31 0.52 -3.97
C GLN C 339 -15.00 1.84 -4.31
N VAL C 340 -14.70 2.40 -5.49
CA VAL C 340 -14.86 3.82 -5.84
C VAL C 340 -16.22 4.42 -5.50
N HIS C 341 -16.20 5.38 -4.59
CA HIS C 341 -17.31 6.26 -4.27
C HIS C 341 -16.97 7.72 -4.54
N LEU C 342 -15.83 8.17 -4.07
CA LEU C 342 -15.38 9.54 -4.21
C LEU C 342 -14.37 9.68 -5.33
N PRO C 343 -14.33 10.83 -6.01
CA PRO C 343 -13.27 11.06 -6.99
C PRO C 343 -11.90 11.25 -6.33
N VAL D 48 5.20 -13.90 19.00
CA VAL D 48 5.39 -12.95 20.08
C VAL D 48 6.50 -12.00 19.66
N ILE D 49 7.46 -12.54 18.91
CA ILE D 49 8.56 -11.74 18.38
C ILE D 49 8.05 -10.83 17.27
N VAL D 50 7.46 -11.43 16.24
CA VAL D 50 7.01 -10.68 15.08
C VAL D 50 5.51 -10.43 15.20
N THR D 51 5.01 -9.50 14.40
CA THR D 51 3.60 -9.16 14.40
C THR D 51 2.93 -10.04 13.34
N ARG D 52 1.68 -9.74 12.99
CA ARG D 52 0.99 -10.45 11.92
C ARG D 52 1.64 -10.18 10.58
N SER D 53 2.09 -8.95 10.36
CA SER D 53 2.68 -8.56 9.09
C SER D 53 4.05 -9.19 8.87
N GLY D 54 4.81 -9.37 9.94
CA GLY D 54 6.24 -9.65 9.86
C GLY D 54 7.09 -8.57 10.47
N ALA D 55 6.48 -7.44 10.81
CA ALA D 55 7.18 -6.36 11.50
C ALA D 55 7.58 -6.80 12.90
N ILE D 56 8.50 -6.08 13.47
CA ILE D 56 9.03 -6.42 14.79
C ILE D 56 8.35 -5.55 15.83
N LEU D 57 7.94 -6.20 16.93
CA LEU D 57 7.30 -5.49 18.03
C LEU D 57 8.27 -4.50 18.66
N PRO D 58 7.79 -3.35 19.14
CA PRO D 58 8.70 -2.35 19.70
C PRO D 58 9.27 -2.80 21.03
N LYS D 59 10.33 -2.11 21.45
CA LYS D 59 11.00 -2.42 22.70
C LYS D 59 10.07 -2.16 23.88
N PRO D 60 9.78 -3.15 24.69
CA PRO D 60 8.85 -2.95 25.81
C PRO D 60 9.47 -2.11 26.90
N VAL D 61 8.60 -1.58 27.75
CA VAL D 61 9.02 -0.63 28.76
C VAL D 61 9.75 -1.36 29.88
N LYS D 62 10.71 -0.67 30.48
CA LYS D 62 11.36 -1.12 31.70
C LYS D 62 11.21 -0.04 32.75
N MET D 63 10.96 -0.45 33.99
CA MET D 63 10.60 0.52 35.02
C MET D 63 11.83 1.29 35.46
N SER D 64 11.68 2.62 35.53
CA SER D 64 12.74 3.50 35.97
C SER D 64 13.05 3.27 37.44
N PHE D 65 14.33 3.00 37.74
CA PHE D 65 14.83 2.65 39.09
C PHE D 65 14.06 1.47 39.69
N GLY D 66 13.80 0.46 38.87
CA GLY D 66 12.97 -0.64 39.32
C GLY D 66 13.68 -1.55 40.30
N LEU D 67 14.88 -2.01 39.95
CA LEU D 67 15.60 -2.94 40.79
C LEU D 67 16.13 -2.28 42.06
N LEU D 68 16.22 -0.95 42.10
CA LEU D 68 16.46 -0.28 43.37
C LEU D 68 15.19 -0.27 44.23
N ARG D 69 14.03 -0.05 43.60
CA ARG D 69 12.78 0.02 44.33
C ARG D 69 12.32 -1.32 44.86
N VAL D 70 12.78 -2.43 44.27
CA VAL D 70 12.38 -3.70 44.88
C VAL D 70 13.20 -3.98 46.15
N PHE D 71 14.50 -3.66 46.16
CA PHE D 71 15.31 -3.94 47.34
C PHE D 71 15.10 -2.92 48.44
N SER D 72 14.77 -1.67 48.10
CA SER D 72 14.45 -0.67 49.11
C SER D 72 13.12 -0.90 49.80
N ILE D 73 12.36 -1.92 49.38
CA ILE D 73 11.14 -2.35 50.06
C ILE D 73 11.31 -3.72 50.69
N VAL D 74 12.10 -4.60 50.07
CA VAL D 74 12.40 -5.89 50.67
C VAL D 74 13.22 -5.73 51.95
N ILE D 75 14.35 -5.00 51.88
CA ILE D 75 15.27 -4.94 53.03
C ILE D 75 14.69 -4.27 54.27
N PRO D 76 14.04 -3.07 54.20
CA PRO D 76 13.45 -2.52 55.43
C PRO D 76 12.32 -3.36 55.98
N PHE D 77 11.54 -4.02 55.12
CA PHE D 77 10.52 -4.91 55.66
C PHE D 77 11.06 -6.26 56.09
N LEU D 78 12.23 -6.69 55.62
CA LEU D 78 12.90 -7.79 56.30
C LEU D 78 13.33 -7.39 57.70
N TYR D 79 13.78 -6.14 57.87
CA TYR D 79 14.13 -5.70 59.21
C TYR D 79 12.90 -5.52 60.09
N VAL D 80 11.77 -5.11 59.51
CA VAL D 80 10.53 -5.02 60.26
C VAL D 80 10.05 -6.41 60.65
N GLY D 81 10.15 -7.38 59.75
CA GLY D 81 9.81 -8.75 60.09
C GLY D 81 10.79 -9.43 61.03
N THR D 82 11.98 -8.87 61.19
CA THR D 82 12.94 -9.31 62.20
C THR D 82 12.62 -8.73 63.57
N LEU D 83 12.43 -7.42 63.65
CA LEU D 83 12.16 -6.74 64.91
C LEU D 83 10.75 -7.01 65.41
N ILE D 84 9.83 -7.41 64.53
CA ILE D 84 8.46 -7.63 64.95
C ILE D 84 8.31 -8.99 65.60
N SER D 85 9.31 -9.86 65.48
CA SER D 85 9.25 -11.14 66.13
C SER D 85 10.48 -11.47 66.95
N LYS D 86 11.44 -10.55 67.08
CA LYS D 86 12.38 -10.70 68.18
C LYS D 86 11.75 -10.26 69.49
N ASN D 87 10.93 -9.22 69.45
CA ASN D 87 10.17 -8.72 70.58
C ASN D 87 8.87 -9.48 70.81
N PHE D 88 8.69 -10.65 70.18
CA PHE D 88 7.46 -11.39 70.32
C PHE D 88 7.64 -12.60 71.23
N ALA D 89 8.73 -13.35 71.03
CA ALA D 89 8.97 -14.53 71.85
C ALA D 89 9.39 -14.17 73.27
N ALA D 90 10.10 -13.04 73.43
CA ALA D 90 10.42 -12.56 74.77
C ALA D 90 9.17 -12.12 75.52
N LEU D 91 8.23 -11.49 74.83
CA LEU D 91 6.97 -11.09 75.44
C LEU D 91 6.12 -12.30 75.79
N LEU D 92 6.05 -13.29 74.90
CA LEU D 92 5.30 -14.51 75.18
C LEU D 92 5.99 -15.41 76.19
N GLU D 93 7.27 -15.17 76.46
CA GLU D 93 7.92 -15.86 77.57
C GLU D 93 7.76 -15.09 78.88
N GLU D 94 7.67 -13.77 78.80
CA GLU D 94 7.44 -12.94 79.98
C GLU D 94 6.04 -13.16 80.53
N HIS D 95 5.04 -13.20 79.64
CA HIS D 95 3.66 -13.43 80.08
C HIS D 95 3.41 -14.87 80.51
N ASP D 96 4.10 -15.83 79.89
CA ASP D 96 3.85 -17.23 80.19
C ASP D 96 5.06 -17.82 80.89
N ASP E 74 -16.68 19.05 -42.18
CA ASP E 74 -17.48 19.40 -41.01
C ASP E 74 -16.96 18.73 -39.74
N VAL E 75 -17.43 19.21 -38.60
CA VAL E 75 -17.09 18.65 -37.30
C VAL E 75 -18.32 17.98 -36.73
N THR E 76 -18.21 16.67 -36.49
CA THR E 76 -19.33 15.88 -35.98
C THR E 76 -18.88 15.13 -34.74
N VAL E 77 -19.87 14.62 -34.01
CA VAL E 77 -19.61 13.77 -32.84
C VAL E 77 -20.74 12.76 -32.66
N VAL E 78 -20.39 11.48 -32.63
CA VAL E 78 -21.36 10.40 -32.59
C VAL E 78 -20.95 9.44 -31.47
N TYR E 79 -21.94 8.85 -30.80
CA TYR E 79 -21.71 7.98 -29.65
C TYR E 79 -21.39 6.58 -30.14
N GLN E 80 -20.15 6.16 -29.99
CA GLN E 80 -19.72 4.81 -30.27
C GLN E 80 -19.27 4.14 -28.98
N ASN E 81 -19.81 2.93 -28.72
CA ASN E 81 -19.32 2.02 -27.68
C ASN E 81 -19.42 2.61 -26.29
N GLY E 82 -20.42 3.47 -26.08
CA GLY E 82 -20.62 4.12 -24.80
C GLY E 82 -19.98 5.49 -24.68
N LEU E 83 -19.11 5.88 -25.60
CA LEU E 83 -18.35 7.11 -25.47
C LEU E 83 -18.59 7.99 -26.69
N PRO E 84 -18.52 9.30 -26.53
CA PRO E 84 -18.57 10.17 -27.70
C PRO E 84 -17.26 10.12 -28.48
N VAL E 85 -17.40 10.14 -29.80
CA VAL E 85 -16.29 10.15 -30.73
C VAL E 85 -16.44 11.44 -31.51
N ILE E 86 -15.45 12.32 -31.41
CA ILE E 86 -15.50 13.59 -32.11
C ILE E 86 -14.54 13.58 -33.29
N SER E 87 -15.06 13.88 -34.48
CA SER E 87 -14.28 13.97 -35.69
C SER E 87 -13.90 15.43 -35.91
N VAL E 88 -12.71 15.64 -36.47
CA VAL E 88 -12.22 17.00 -36.69
C VAL E 88 -11.33 16.97 -37.93
N ARG E 89 -11.13 18.13 -38.53
CA ARG E 89 -10.40 18.29 -39.78
C ARG E 89 -9.13 19.08 -39.50
N LEU E 90 -8.01 18.39 -39.41
CA LEU E 90 -6.76 19.04 -39.06
C LEU E 90 -6.24 19.88 -40.23
N PRO E 91 -5.63 21.03 -39.96
CA PRO E 91 -5.19 21.89 -41.06
C PRO E 91 -4.03 21.33 -41.88
N SER E 92 -2.98 20.85 -41.22
CA SER E 92 -1.88 20.23 -41.96
C SER E 92 -2.30 18.87 -42.48
N ARG E 93 -1.95 18.61 -43.75
CA ARG E 93 -2.20 17.40 -44.54
C ARG E 93 -3.69 17.22 -44.90
N ARG E 94 -4.58 18.05 -44.36
CA ARG E 94 -6.01 18.11 -44.69
C ARG E 94 -6.71 16.78 -44.52
N GLU E 95 -6.36 16.06 -43.47
CA GLU E 95 -6.94 14.74 -43.21
C GLU E 95 -7.70 14.77 -41.90
N ARG E 96 -8.83 14.07 -41.88
CA ARG E 96 -9.67 14.02 -40.68
C ARG E 96 -9.05 13.13 -39.61
N CYS E 97 -9.49 13.35 -38.38
CA CYS E 97 -9.08 12.50 -37.27
C CYS E 97 -10.28 12.30 -36.36
N GLN E 98 -10.27 11.18 -35.65
CA GLN E 98 -11.31 10.90 -34.67
C GLN E 98 -10.68 10.79 -33.29
N PHE E 99 -11.34 11.38 -32.30
CA PHE E 99 -10.89 11.38 -30.91
C PHE E 99 -11.94 10.69 -30.07
N THR E 100 -11.54 9.63 -29.38
CA THR E 100 -12.40 8.94 -28.44
C THR E 100 -12.05 9.41 -27.04
N LEU E 101 -12.92 10.23 -26.45
CA LEU E 101 -12.59 10.97 -25.24
C LEU E 101 -13.53 10.57 -24.11
N LYS E 102 -12.97 10.45 -22.91
CA LYS E 102 -13.71 9.96 -21.76
C LYS E 102 -14.48 11.13 -21.14
N PRO E 103 -15.79 11.04 -20.97
CA PRO E 103 -16.57 12.20 -20.56
C PRO E 103 -16.43 12.54 -19.08
N ILE E 104 -16.26 11.53 -18.25
CA ILE E 104 -16.36 11.80 -16.81
C ILE E 104 -15.02 12.27 -16.24
N SER E 105 -13.91 11.93 -16.86
CA SER E 105 -12.61 12.23 -16.29
C SER E 105 -11.89 13.36 -17.00
N ASP E 106 -12.02 13.46 -18.32
CA ASP E 106 -11.27 14.45 -19.07
C ASP E 106 -11.92 15.82 -19.00
N SER E 107 -11.10 16.83 -18.79
CA SER E 107 -11.49 18.22 -18.88
C SER E 107 -11.36 18.70 -20.32
N VAL E 108 -11.78 19.93 -20.58
CA VAL E 108 -11.63 20.49 -21.92
C VAL E 108 -10.25 21.06 -22.16
N GLY E 109 -9.33 20.94 -21.21
CA GLY E 109 -7.95 21.28 -21.42
C GLY E 109 -7.18 20.11 -21.99
N VAL E 110 -7.54 18.90 -21.55
CA VAL E 110 -6.88 17.68 -22.03
C VAL E 110 -7.18 17.46 -23.50
N PHE E 111 -8.41 17.76 -23.92
CA PHE E 111 -8.77 17.62 -25.33
C PHE E 111 -8.01 18.62 -26.21
N LEU E 112 -7.84 19.84 -25.74
CA LEU E 112 -7.10 20.82 -26.53
C LEU E 112 -5.60 20.59 -26.48
N ARG E 113 -5.10 19.84 -25.50
CA ARG E 113 -3.73 19.36 -25.58
C ARG E 113 -3.59 18.20 -26.55
N GLN E 114 -4.58 17.33 -26.61
CA GLN E 114 -4.57 16.18 -27.47
C GLN E 114 -4.80 16.53 -28.93
N LEU E 115 -5.39 17.69 -29.21
CA LEU E 115 -5.39 18.21 -30.57
C LEU E 115 -4.00 18.64 -31.01
N GLN E 116 -3.32 19.44 -30.19
CA GLN E 116 -2.00 19.94 -30.55
C GLN E 116 -0.93 18.85 -30.54
N GLU E 117 -1.18 17.74 -29.83
CA GLU E 117 -0.28 16.61 -29.97
C GLU E 117 -0.38 15.99 -31.35
N GLU E 118 -1.57 15.98 -31.93
CA GLU E 118 -1.80 15.22 -33.16
C GLU E 118 -1.39 16.01 -34.39
N ASP E 119 -1.40 17.34 -34.31
CA ASP E 119 -0.95 18.18 -35.42
C ASP E 119 -0.33 19.42 -34.79
N ARG E 120 1.00 19.51 -34.83
CA ARG E 120 1.71 20.56 -34.08
C ARG E 120 1.54 21.93 -34.70
N GLY E 121 0.95 22.03 -35.89
CA GLY E 121 0.77 23.29 -36.57
C GLY E 121 -0.44 24.09 -36.15
N ILE E 122 -1.00 23.81 -34.97
CA ILE E 122 -2.13 24.56 -34.47
C ILE E 122 -1.63 25.51 -33.38
N ASP E 123 -1.67 26.81 -33.66
CA ASP E 123 -1.19 27.77 -32.69
C ASP E 123 -2.25 28.08 -31.64
N ARG E 124 -3.37 28.66 -32.07
CA ARG E 124 -4.49 28.95 -31.20
C ARG E 124 -5.60 27.95 -31.46
N VAL E 125 -6.02 27.26 -30.41
CA VAL E 125 -7.19 26.40 -30.47
C VAL E 125 -8.03 26.67 -29.22
N ALA E 126 -9.33 26.89 -29.41
CA ALA E 126 -10.16 27.31 -28.30
C ALA E 126 -11.60 26.86 -28.53
N ILE E 127 -12.40 26.94 -27.47
CA ILE E 127 -13.79 26.51 -27.46
C ILE E 127 -14.64 27.65 -26.93
N TYR E 128 -15.65 28.04 -27.69
CA TYR E 128 -16.50 29.16 -27.34
C TYR E 128 -17.90 28.66 -26.99
N SER E 129 -18.49 29.25 -25.95
CA SER E 129 -19.92 29.13 -25.77
C SER E 129 -20.60 29.86 -26.92
N PRO E 130 -21.80 29.44 -27.33
CA PRO E 130 -22.45 30.05 -28.52
C PRO E 130 -22.81 31.52 -28.38
N ASP E 131 -22.74 32.09 -27.18
CA ASP E 131 -23.08 33.48 -26.95
C ASP E 131 -21.83 34.31 -26.63
N GLY E 132 -20.73 34.08 -27.34
CA GLY E 132 -19.53 34.82 -27.00
C GLY E 132 -18.52 34.05 -26.18
N VAL E 133 -18.66 34.18 -24.86
CA VAL E 133 -17.72 33.83 -23.79
C VAL E 133 -16.96 32.52 -23.97
N ARG E 134 -15.65 32.57 -23.74
CA ARG E 134 -14.81 31.39 -23.86
C ARG E 134 -15.06 30.43 -22.70
N VAL E 135 -15.45 29.20 -23.05
CA VAL E 135 -15.57 28.13 -22.08
C VAL E 135 -14.18 27.76 -21.62
N ALA E 136 -13.82 28.11 -20.37
CA ALA E 136 -12.41 27.98 -20.03
C ALA E 136 -12.05 26.53 -19.74
N ALA E 137 -10.75 26.29 -19.50
CA ALA E 137 -10.17 24.96 -19.52
C ALA E 137 -10.27 24.25 -18.17
N SER E 138 -11.27 24.59 -17.37
CA SER E 138 -11.50 23.91 -16.11
C SER E 138 -12.68 22.95 -16.16
N THR E 139 -13.64 23.18 -17.04
CA THR E 139 -14.87 22.42 -17.04
C THR E 139 -14.65 21.03 -17.60
N GLY E 140 -15.69 20.21 -17.50
CA GLY E 140 -15.62 18.84 -17.98
C GLY E 140 -16.24 18.67 -19.35
N ILE E 141 -15.83 17.59 -20.02
CA ILE E 141 -16.42 17.23 -21.31
C ILE E 141 -17.89 16.89 -21.15
N ASP E 142 -18.25 16.22 -20.05
CA ASP E 142 -19.63 15.89 -19.76
C ASP E 142 -20.47 17.13 -19.50
N LEU E 143 -19.88 18.17 -18.91
CA LEU E 143 -20.59 19.44 -18.74
C LEU E 143 -20.71 20.21 -20.04
N LEU E 144 -19.88 19.87 -21.03
CA LEU E 144 -19.76 20.64 -22.25
C LEU E 144 -20.51 20.01 -23.41
N LEU E 145 -20.80 18.71 -23.36
CA LEU E 145 -21.61 18.06 -24.36
C LEU E 145 -23.10 18.11 -24.03
N LEU E 146 -23.49 18.90 -23.04
CA LEU E 146 -24.91 19.09 -22.79
C LEU E 146 -25.52 20.04 -23.81
N ASP E 147 -24.77 21.07 -24.19
CA ASP E 147 -25.22 22.10 -25.11
C ASP E 147 -24.13 22.32 -26.14
N ASP E 148 -24.45 23.05 -27.21
CA ASP E 148 -23.52 23.16 -28.32
C ASP E 148 -22.42 24.18 -28.02
N PHE E 149 -21.46 24.27 -28.94
CA PHE E 149 -20.25 25.06 -28.73
C PHE E 149 -19.57 25.27 -30.07
N LYS E 150 -18.64 26.23 -30.09
CA LYS E 150 -17.94 26.64 -31.29
C LYS E 150 -16.46 26.30 -31.14
N LEU E 151 -15.97 25.35 -31.91
CA LEU E 151 -14.55 25.05 -31.93
C LEU E 151 -13.87 26.03 -32.86
N VAL E 152 -12.71 26.55 -32.45
CA VAL E 152 -11.94 27.49 -33.25
C VAL E 152 -10.52 26.97 -33.33
N ILE E 153 -10.11 26.57 -34.53
CA ILE E 153 -8.73 26.07 -34.79
C ILE E 153 -8.01 27.11 -35.66
N ASN E 154 -6.95 27.71 -35.14
CA ASN E 154 -6.15 28.74 -35.87
C ASN E 154 -7.22 29.79 -36.24
N ASP E 155 -7.45 30.05 -37.52
CA ASP E 155 -8.41 31.05 -37.94
C ASP E 155 -9.84 30.62 -38.23
N LEU E 156 -10.06 29.38 -38.62
CA LEU E 156 -11.36 28.90 -39.05
C LEU E 156 -12.31 28.74 -37.87
N THR E 157 -13.59 28.57 -38.17
CA THR E 157 -14.57 28.27 -37.14
C THR E 157 -15.31 26.98 -37.48
N TYR E 158 -15.86 26.36 -36.45
CA TYR E 158 -16.67 25.17 -36.62
C TYR E 158 -17.70 25.19 -35.49
N HIS E 159 -18.90 25.66 -35.77
CA HIS E 159 -19.93 25.60 -34.74
C HIS E 159 -20.53 24.20 -34.76
N VAL E 160 -20.27 23.42 -33.72
CA VAL E 160 -20.60 22.01 -33.71
C VAL E 160 -21.78 21.78 -32.78
N ARG E 161 -22.92 21.39 -33.36
CA ARG E 161 -24.07 20.97 -32.58
C ARG E 161 -24.68 19.58 -32.85
N PRO E 162 -23.83 18.55 -32.91
CA PRO E 162 -24.10 17.12 -33.10
C PRO E 162 -24.29 16.34 -31.79
N PRO E 163 -24.20 17.00 -30.61
CA PRO E 163 -24.37 16.25 -29.36
C PRO E 163 -25.78 15.62 -29.36
N LYS E 164 -26.78 16.40 -29.75
CA LYS E 164 -28.15 15.92 -29.95
C LYS E 164 -28.76 15.28 -28.69
N ARG E 165 -28.74 16.04 -27.60
CA ARG E 165 -29.34 15.54 -26.36
C ARG E 165 -30.84 15.50 -26.54
N ASP E 166 -31.38 14.29 -26.76
CA ASP E 166 -32.78 14.12 -27.11
C ASP E 166 -33.68 14.07 -25.89
N LEU E 167 -33.11 13.88 -24.71
CA LEU E 167 -33.91 13.81 -23.49
C LEU E 167 -34.44 15.20 -23.16
N LEU E 168 -35.76 15.30 -23.09
CA LEU E 168 -36.47 16.57 -22.97
C LEU E 168 -37.30 16.64 -21.69
N SER E 169 -36.90 15.90 -20.65
CA SER E 169 -37.74 15.77 -19.47
C SER E 169 -37.38 16.79 -18.40
N HIS E 170 -36.11 16.79 -17.97
CA HIS E 170 -35.66 17.37 -16.69
C HIS E 170 -36.51 16.85 -15.54
N GLU E 171 -36.85 15.56 -15.59
CA GLU E 171 -37.67 14.90 -14.60
C GLU E 171 -36.99 13.61 -14.19
N ASN E 172 -37.26 13.18 -12.96
CA ASN E 172 -36.52 12.06 -12.40
C ASN E 172 -37.08 10.72 -12.89
N ALA E 173 -38.35 10.44 -12.57
CA ALA E 173 -38.89 9.11 -12.74
C ALA E 173 -39.08 8.75 -14.20
N ALA E 174 -39.47 9.73 -15.02
CA ALA E 174 -39.67 9.48 -16.45
C ALA E 174 -38.37 9.12 -17.17
N THR E 175 -37.24 9.61 -16.67
CA THR E 175 -35.95 9.21 -17.23
C THR E 175 -35.43 7.93 -16.59
N LEU E 176 -35.75 7.69 -15.33
CA LEU E 176 -35.29 6.46 -14.68
C LEU E 176 -36.05 5.23 -15.17
N ASN E 177 -37.31 5.37 -15.55
CA ASN E 177 -38.09 4.20 -15.93
C ASN E 177 -37.89 3.79 -17.39
N ASP E 178 -36.99 4.45 -18.11
CA ASP E 178 -36.52 3.89 -19.37
C ASP E 178 -35.39 2.90 -19.15
N VAL E 179 -34.64 3.07 -18.06
CA VAL E 179 -33.51 2.20 -17.77
C VAL E 179 -33.98 0.81 -17.44
N LYS E 180 -35.07 0.69 -16.68
CA LYS E 180 -35.60 -0.64 -16.38
C LYS E 180 -36.19 -1.30 -17.63
N THR E 181 -36.70 -0.51 -18.58
CA THR E 181 -37.17 -1.07 -19.83
C THR E 181 -36.01 -1.64 -20.64
N LEU E 182 -34.92 -0.88 -20.75
CA LEU E 182 -33.76 -1.35 -21.50
C LEU E 182 -33.10 -2.55 -20.84
N VAL E 183 -32.94 -2.52 -19.52
CA VAL E 183 -32.29 -3.60 -18.81
C VAL E 183 -33.16 -4.86 -18.79
N GLN E 184 -34.48 -4.69 -18.71
CA GLN E 184 -35.35 -5.85 -18.72
C GLN E 184 -35.51 -6.43 -20.13
N GLN E 185 -35.36 -5.60 -21.17
CA GLN E 185 -35.25 -6.15 -22.52
C GLN E 185 -33.96 -6.94 -22.67
N LEU E 186 -32.86 -6.40 -22.16
CA LEU E 186 -31.55 -7.01 -22.31
C LEU E 186 -31.40 -8.24 -21.43
N TYR E 187 -32.20 -8.36 -20.37
CA TYR E 187 -32.21 -9.55 -19.54
C TYR E 187 -32.83 -10.73 -20.27
N THR E 188 -33.81 -10.46 -21.14
CA THR E 188 -34.50 -11.53 -21.86
C THR E 188 -33.82 -11.86 -23.18
N THR E 189 -33.23 -10.88 -23.85
CA THR E 189 -32.62 -11.16 -25.15
C THR E 189 -31.32 -11.96 -25.03
N LEU E 190 -30.64 -11.92 -23.88
CA LEU E 190 -29.31 -12.50 -23.78
C LEU E 190 -29.22 -13.77 -22.94
N CYS E 191 -30.36 -14.36 -22.54
CA CYS E 191 -30.44 -15.72 -21.96
C CYS E 191 -29.59 -15.85 -20.69
N ILE E 192 -29.66 -14.83 -19.83
CA ILE E 192 -28.71 -14.71 -18.74
C ILE E 192 -29.13 -15.51 -17.52
N GLU E 193 -30.42 -15.77 -17.32
CA GLU E 193 -30.86 -16.54 -16.17
C GLU E 193 -30.41 -17.99 -16.28
N GLN E 194 -30.38 -18.51 -17.51
CA GLN E 194 -29.77 -19.80 -17.79
C GLN E 194 -28.26 -19.77 -17.52
N HIS E 195 -27.60 -18.64 -17.77
CA HIS E 195 -26.19 -18.48 -17.43
C HIS E 195 -25.96 -18.49 -15.93
N GLN E 196 -26.85 -17.88 -15.16
CA GLN E 196 -26.73 -17.89 -13.70
C GLN E 196 -26.93 -19.29 -13.15
N LEU E 197 -27.95 -20.00 -13.63
CA LEU E 197 -28.10 -21.39 -13.22
C LEU E 197 -26.98 -22.29 -13.74
N ASN E 198 -26.35 -21.92 -14.85
CA ASN E 198 -25.20 -22.67 -15.35
C ASN E 198 -24.01 -22.51 -14.41
N LYS E 199 -23.77 -21.30 -13.91
CA LYS E 199 -22.67 -21.10 -12.97
C LYS E 199 -22.95 -21.79 -11.64
N GLU E 200 -24.19 -21.73 -11.16
CA GLU E 200 -24.59 -22.42 -9.95
C GLU E 200 -24.50 -23.95 -10.11
N ARG E 201 -24.65 -24.46 -11.33
CA ARG E 201 -24.37 -25.87 -11.58
C ARG E 201 -22.88 -26.17 -11.63
N GLU E 202 -22.09 -25.27 -12.24
CA GLU E 202 -20.65 -25.50 -12.39
C GLU E 202 -19.92 -25.53 -11.05
N LEU E 203 -20.43 -24.77 -10.08
CA LEU E 203 -19.77 -24.73 -8.77
C LEU E 203 -19.88 -26.06 -8.05
N ILE E 204 -21.09 -26.64 -7.99
CA ILE E 204 -21.26 -27.95 -7.39
C ILE E 204 -20.66 -29.05 -8.27
N GLU E 205 -20.57 -28.83 -9.59
CA GLU E 205 -19.86 -29.77 -10.46
C GLU E 205 -18.37 -29.84 -10.13
N ARG E 206 -17.77 -28.70 -9.73
CA ARG E 206 -16.41 -28.72 -9.22
C ARG E 206 -16.33 -29.38 -7.86
N LEU E 207 -17.27 -29.04 -6.96
CA LEU E 207 -17.21 -29.51 -5.60
C LEU E 207 -17.40 -31.02 -5.48
N GLU E 208 -18.14 -31.63 -6.40
CA GLU E 208 -18.30 -33.07 -6.30
C GLU E 208 -17.12 -33.83 -6.93
N ASP E 209 -16.36 -33.19 -7.81
CA ASP E 209 -15.05 -33.71 -8.18
C ASP E 209 -14.10 -33.69 -6.99
N LEU E 210 -14.10 -32.58 -6.26
CA LEU E 210 -13.22 -32.46 -5.10
C LEU E 210 -13.62 -33.38 -3.95
N LYS E 211 -14.93 -33.66 -3.78
CA LYS E 211 -15.34 -34.63 -2.78
C LYS E 211 -15.00 -36.07 -3.16
N GLU E 212 -14.68 -36.34 -4.43
CA GLU E 212 -14.39 -37.71 -4.84
C GLU E 212 -12.89 -37.97 -4.98
N GLN E 213 -12.08 -36.93 -5.21
CA GLN E 213 -10.63 -37.14 -5.13
C GLN E 213 -10.20 -37.55 -3.72
N LEU E 214 -10.88 -37.05 -2.69
CA LEU E 214 -10.50 -37.34 -1.32
C LEU E 214 -11.05 -38.68 -0.83
N ALA E 215 -12.14 -39.14 -1.44
CA ALA E 215 -12.89 -40.26 -0.85
C ALA E 215 -12.20 -41.62 -0.76
N PRO E 216 -11.33 -42.08 -1.70
CA PRO E 216 -10.62 -43.33 -1.43
C PRO E 216 -9.43 -43.17 -0.49
N LEU E 217 -8.86 -41.97 -0.44
CA LEU E 217 -7.67 -41.73 0.36
C LEU E 217 -8.00 -41.34 1.80
N GLU E 218 -9.28 -41.14 2.12
CA GLU E 218 -9.71 -40.97 3.50
C GLU E 218 -9.47 -42.23 4.32
N LYS E 219 -9.54 -43.39 3.68
CA LYS E 219 -9.50 -44.68 4.36
C LYS E 219 -8.09 -45.15 4.66
N VAL E 220 -7.08 -44.31 4.46
CA VAL E 220 -5.76 -44.54 5.04
C VAL E 220 -5.43 -43.48 6.09
N ARG E 221 -6.00 -42.28 5.98
CA ARG E 221 -5.87 -41.29 7.04
C ARG E 221 -6.57 -41.75 8.30
N ILE E 222 -7.75 -42.34 8.16
CA ILE E 222 -8.44 -42.92 9.31
C ILE E 222 -7.63 -44.09 9.90
N GLU E 223 -6.97 -44.86 9.03
CA GLU E 223 -6.13 -45.97 9.47
C GLU E 223 -4.93 -45.49 10.28
N ILE E 224 -4.32 -44.39 9.88
CA ILE E 224 -3.18 -43.86 10.63
C ILE E 224 -3.64 -43.23 11.95
N SER E 225 -4.76 -42.50 11.91
CA SER E 225 -5.30 -41.86 13.11
C SER E 225 -5.71 -42.87 14.16
N ARG E 226 -6.29 -43.99 13.76
CA ARG E 226 -6.76 -45.00 14.70
C ARG E 226 -5.61 -45.73 15.38
N LYS E 227 -4.41 -45.69 14.79
CA LYS E 227 -3.23 -46.26 15.43
C LYS E 227 -2.54 -45.26 16.34
N ALA E 228 -2.39 -44.01 15.87
CA ALA E 228 -1.75 -42.99 16.68
C ALA E 228 -2.57 -42.64 17.93
N GLU E 229 -3.89 -42.76 17.86
CA GLU E 229 -4.74 -42.62 19.04
C GLU E 229 -4.41 -43.67 20.09
N LYS E 230 -4.21 -44.91 19.65
CA LYS E 230 -3.91 -46.00 20.58
C LYS E 230 -2.52 -45.82 21.20
N ARG E 231 -1.56 -45.32 20.41
CA ARG E 231 -0.23 -45.09 20.98
C ARG E 231 -0.23 -43.94 21.98
N THR E 232 -1.00 -42.88 21.71
CA THR E 232 -1.09 -41.78 22.67
C THR E 232 -1.78 -42.22 23.96
N THR E 233 -2.81 -43.06 23.84
CA THR E 233 -3.49 -43.61 25.01
C THR E 233 -2.56 -44.51 25.83
N LEU E 234 -1.72 -45.30 25.14
CA LEU E 234 -0.70 -46.10 25.81
C LEU E 234 0.36 -45.24 26.48
N VAL E 235 0.63 -44.04 25.99
CA VAL E 235 1.52 -43.12 26.70
C VAL E 235 0.87 -42.58 27.97
N LEU E 236 -0.40 -42.17 27.87
CA LEU E 236 -1.08 -41.52 28.99
C LEU E 236 -1.28 -42.48 30.16
N TRP E 237 -1.83 -43.67 29.90
CA TRP E 237 -2.02 -44.58 31.01
C TRP E 237 -0.70 -45.16 31.52
N GLY E 238 0.34 -45.18 30.70
CA GLY E 238 1.65 -45.54 31.19
C GLY E 238 2.20 -44.51 32.16
N GLY E 239 1.95 -43.22 31.90
CA GLY E 239 2.35 -42.20 32.85
C GLY E 239 1.59 -42.27 34.15
N LEU E 240 0.28 -42.55 34.09
CA LEU E 240 -0.47 -42.73 35.33
C LEU E 240 0.00 -43.97 36.09
N ALA E 241 0.40 -45.02 35.38
CA ALA E 241 0.98 -46.18 36.04
C ALA E 241 2.34 -45.88 36.64
N TYR E 242 3.10 -44.98 36.03
CA TYR E 242 4.37 -44.54 36.61
C TYR E 242 4.15 -43.85 37.95
N MET E 243 3.19 -42.93 38.01
CA MET E 243 2.90 -42.32 39.30
C MET E 243 2.30 -43.30 40.30
N ALA E 244 1.51 -44.26 39.85
CA ALA E 244 0.97 -45.29 40.73
C ALA E 244 2.03 -46.24 41.27
N THR E 245 3.16 -46.40 40.57
CA THR E 245 4.27 -47.19 41.08
C THR E 245 5.17 -46.38 42.01
N GLN E 246 5.42 -45.12 41.64
CA GLN E 246 6.28 -44.26 42.43
C GLN E 246 5.64 -43.89 43.76
N PHE E 247 4.30 -43.85 43.82
CA PHE E 247 3.62 -43.75 45.10
C PHE E 247 3.91 -44.98 45.96
N GLY E 248 3.77 -46.17 45.37
CA GLY E 248 3.83 -47.40 46.13
C GLY E 248 5.20 -47.76 46.65
N ILE E 249 6.26 -47.39 45.93
CA ILE E 249 7.62 -47.64 46.41
C ILE E 249 7.87 -46.94 47.73
N LEU E 250 7.65 -45.64 47.78
CA LEU E 250 7.84 -44.89 49.02
C LEU E 250 6.82 -45.24 50.08
N ALA E 251 5.58 -45.59 49.69
CA ALA E 251 4.58 -46.00 50.66
C ALA E 251 4.96 -47.31 51.32
N ARG E 252 5.60 -48.22 50.58
CA ARG E 252 6.00 -49.49 51.16
C ARG E 252 7.24 -49.32 52.03
N LEU E 253 8.18 -48.50 51.59
CA LEU E 253 9.40 -48.31 52.35
C LEU E 253 9.14 -47.56 53.65
N THR E 254 8.74 -46.29 53.55
CA THR E 254 9.02 -45.34 54.61
C THR E 254 8.09 -45.43 55.81
N TRP E 255 6.98 -46.17 55.72
CA TRP E 255 6.13 -46.30 56.90
C TRP E 255 6.61 -47.41 57.82
N TRP E 256 6.87 -48.59 57.30
CA TRP E 256 7.17 -49.69 58.21
C TRP E 256 8.37 -50.53 57.79
N GLU E 257 8.73 -50.50 56.50
CA GLU E 257 9.86 -51.35 56.09
C GLU E 257 11.18 -50.69 56.44
N TYR E 258 11.17 -49.40 56.70
CA TYR E 258 12.39 -48.61 56.62
C TYR E 258 12.25 -47.47 57.63
N SER E 259 13.09 -46.46 57.51
CA SER E 259 12.96 -45.26 58.33
C SER E 259 12.12 -44.21 57.60
N TRP E 260 11.63 -43.22 58.35
CA TRP E 260 11.13 -42.02 57.71
C TRP E 260 12.23 -41.01 57.45
N ASP E 261 13.16 -40.85 58.39
CA ASP E 261 14.12 -39.76 58.28
C ASP E 261 15.25 -40.06 57.31
N ILE E 262 15.18 -41.16 56.56
CA ILE E 262 16.03 -41.33 55.39
C ILE E 262 15.29 -40.95 54.12
N MET E 263 13.99 -41.25 54.05
CA MET E 263 13.22 -41.03 52.83
C MET E 263 12.71 -39.60 52.69
N GLU E 264 13.12 -38.68 53.53
CA GLU E 264 12.72 -37.29 53.33
C GLU E 264 13.58 -36.56 52.28
N PRO E 265 14.93 -36.65 52.29
CA PRO E 265 15.67 -35.98 51.20
C PRO E 265 15.50 -36.64 49.83
N VAL E 266 15.27 -37.95 49.78
CA VAL E 266 14.96 -38.60 48.51
C VAL E 266 13.68 -38.04 47.92
N THR E 267 12.69 -37.83 48.78
CA THR E 267 11.44 -37.19 48.39
C THR E 267 11.66 -35.77 47.86
N TYR E 268 12.44 -34.97 48.60
CA TYR E 268 12.69 -33.59 48.17
C TYR E 268 13.45 -33.54 46.85
N PHE E 269 14.40 -34.44 46.65
CA PHE E 269 15.17 -34.39 45.41
C PHE E 269 14.41 -34.97 44.22
N ILE E 270 13.48 -35.92 44.43
CA ILE E 270 12.59 -36.30 43.34
C ILE E 270 11.67 -35.15 42.96
N THR E 271 11.15 -34.42 43.96
CA THR E 271 10.29 -33.28 43.65
C THR E 271 11.06 -32.12 43.03
N TYR E 272 12.38 -32.05 43.24
CA TYR E 272 13.13 -31.03 42.52
C TYR E 272 13.53 -31.51 41.13
N GLY E 273 13.78 -32.81 40.96
CA GLY E 273 14.14 -33.31 39.65
C GLY E 273 12.98 -33.27 38.68
N SER E 274 11.75 -33.37 39.19
CA SER E 274 10.59 -33.14 38.33
C SER E 274 10.55 -31.70 37.84
N ALA E 275 10.89 -30.74 38.70
CA ALA E 275 10.96 -29.34 38.28
C ALA E 275 12.11 -29.09 37.32
N MET E 276 13.18 -29.87 37.43
CA MET E 276 14.28 -29.76 36.48
C MET E 276 13.90 -30.32 35.12
N ALA E 277 13.22 -31.47 35.10
CA ALA E 277 12.80 -32.07 33.84
C ALA E 277 11.70 -31.28 33.16
N MET E 278 10.84 -30.60 33.93
CA MET E 278 9.86 -29.72 33.30
C MET E 278 10.49 -28.46 32.72
N TYR E 279 11.71 -28.11 33.10
CA TYR E 279 12.43 -27.04 32.41
C TYR E 279 13.22 -27.56 31.23
N ALA E 280 13.76 -28.77 31.33
CA ALA E 280 14.44 -29.37 30.18
C ALA E 280 13.45 -29.64 29.04
N TYR E 281 12.20 -29.94 29.36
CA TYR E 281 11.18 -30.03 28.33
C TYR E 281 10.87 -28.67 27.73
N PHE E 282 11.02 -27.59 28.48
CA PHE E 282 10.89 -26.27 27.85
C PHE E 282 12.04 -25.99 26.91
N VAL E 283 13.25 -26.41 27.28
CA VAL E 283 14.42 -26.13 26.46
C VAL E 283 14.38 -26.93 25.16
N MET E 284 14.10 -28.22 25.24
CA MET E 284 14.15 -29.12 24.09
C MET E 284 12.96 -29.02 23.15
N THR E 285 11.97 -28.19 23.45
CA THR E 285 10.72 -28.16 22.70
C THR E 285 10.29 -26.75 22.34
N ARG E 286 10.74 -25.73 23.09
CA ARG E 286 10.38 -24.32 22.93
C ARG E 286 8.89 -24.09 23.15
N GLN E 287 8.34 -24.73 24.19
CA GLN E 287 6.98 -24.43 24.65
C GLN E 287 6.87 -24.82 26.12
N GLU E 288 5.71 -24.52 26.71
CA GLU E 288 5.40 -24.78 28.10
C GLU E 288 4.83 -26.18 28.28
N TYR E 289 5.20 -26.84 29.37
CA TYR E 289 4.70 -28.18 29.68
C TYR E 289 3.36 -28.08 30.40
N VAL E 290 2.29 -28.24 29.65
CA VAL E 290 0.94 -28.37 30.21
C VAL E 290 0.47 -29.75 29.78
N TYR E 291 -0.60 -30.24 30.41
CA TYR E 291 -1.11 -31.56 30.04
C TYR E 291 -1.74 -31.61 28.64
N PRO E 292 -2.69 -30.76 28.25
CA PRO E 292 -3.23 -30.91 26.89
C PRO E 292 -2.39 -30.26 25.80
N GLU E 293 -1.25 -29.65 26.14
CA GLU E 293 -0.36 -29.11 25.14
C GLU E 293 0.89 -29.96 24.98
N ALA E 294 0.85 -31.19 25.45
CA ALA E 294 1.92 -32.15 25.26
C ALA E 294 1.44 -33.42 24.57
N ARG E 295 0.25 -33.91 24.92
CA ARG E 295 -0.28 -35.09 24.28
C ARG E 295 -0.69 -34.81 22.84
N ASP E 296 -1.06 -33.56 22.53
CA ASP E 296 -1.35 -33.23 21.14
C ASP E 296 -0.07 -33.19 20.32
N ARG E 297 1.01 -32.67 20.89
CA ARG E 297 2.31 -32.74 20.25
C ARG E 297 2.75 -34.18 20.02
N GLN E 298 2.51 -35.04 21.01
CA GLN E 298 2.92 -36.44 20.87
C GLN E 298 2.05 -37.17 19.87
N TYR E 299 0.76 -36.81 19.79
CA TYR E 299 -0.12 -37.39 18.78
C TYR E 299 0.30 -36.97 17.38
N LEU E 300 0.69 -35.71 17.20
CA LEU E 300 1.09 -35.24 15.88
C LEU E 300 2.43 -35.84 15.48
N LEU E 301 3.31 -36.03 16.47
CA LEU E 301 4.62 -36.62 16.23
C LEU E 301 4.55 -38.12 15.99
N PHE E 302 3.50 -38.78 16.50
CA PHE E 302 3.17 -40.15 16.09
C PHE E 302 2.42 -40.21 14.78
N PHE E 303 1.73 -39.14 14.39
CA PHE E 303 1.02 -39.14 13.12
C PHE E 303 1.97 -39.02 11.95
N HIS E 304 2.89 -38.05 12.00
CA HIS E 304 3.78 -37.84 10.86
C HIS E 304 4.77 -38.97 10.67
N LYS E 305 5.30 -39.53 11.76
CA LYS E 305 6.15 -40.71 11.65
C LYS E 305 5.37 -41.91 11.15
N GLY E 306 4.14 -42.09 11.64
CA GLY E 306 3.30 -43.19 11.19
C GLY E 306 2.80 -43.04 9.77
N ALA E 307 2.77 -41.82 9.24
CA ALA E 307 2.36 -41.55 7.87
C ALA E 307 3.53 -41.49 6.92
N LYS E 308 4.76 -41.41 7.43
CA LYS E 308 5.93 -41.68 6.60
C LYS E 308 5.90 -43.11 6.08
N LYS E 309 5.51 -44.05 6.94
CA LYS E 309 5.57 -45.47 6.59
C LYS E 309 4.47 -45.84 5.59
N SER E 310 3.30 -45.23 5.68
CA SER E 310 2.21 -45.61 4.78
C SER E 310 2.19 -44.81 3.48
N ARG E 311 2.81 -43.62 3.47
CA ARG E 311 3.19 -42.88 2.26
C ARG E 311 1.97 -42.53 1.40
N PHE E 312 1.12 -41.64 1.92
CA PHE E 312 -0.15 -41.40 1.25
C PHE E 312 -0.28 -39.97 0.73
N ASP E 313 0.85 -39.30 0.45
CA ASP E 313 0.92 -37.91 -0.01
C ASP E 313 0.24 -36.97 1.00
N LEU E 314 0.90 -36.83 2.15
CA LEU E 314 0.36 -36.05 3.26
C LEU E 314 0.17 -34.57 2.89
N GLU E 315 0.91 -34.07 1.91
CA GLU E 315 0.67 -32.71 1.45
C GLU E 315 -0.56 -32.60 0.55
N LYS E 316 -0.93 -33.68 -0.14
CA LYS E 316 -2.10 -33.64 -0.99
C LYS E 316 -3.38 -33.56 -0.17
N TYR E 317 -3.37 -34.12 1.04
CA TYR E 317 -4.56 -34.10 1.88
C TYR E 317 -4.88 -32.69 2.35
N ASN E 318 -3.90 -32.01 2.92
CA ASN E 318 -4.14 -30.64 3.34
C ASN E 318 -3.99 -29.63 2.21
N GLN E 319 -3.74 -30.09 0.98
CA GLN E 319 -3.99 -29.23 -0.18
C GLN E 319 -5.42 -29.39 -0.68
N LEU E 320 -6.00 -30.59 -0.55
CA LEU E 320 -7.35 -30.81 -1.03
C LEU E 320 -8.38 -30.23 -0.06
N LYS E 321 -8.12 -30.33 1.24
CA LYS E 321 -9.05 -29.76 2.22
C LYS E 321 -9.14 -28.24 2.10
N ASP E 322 -8.04 -27.58 1.79
CA ASP E 322 -8.03 -26.13 1.67
C ASP E 322 -8.61 -25.62 0.36
N ALA E 323 -9.02 -26.51 -0.54
CA ALA E 323 -9.80 -26.11 -1.70
C ALA E 323 -11.27 -26.48 -1.57
N ILE E 324 -11.57 -27.62 -0.92
CA ILE E 324 -12.97 -27.92 -0.66
C ILE E 324 -13.56 -26.95 0.38
N ALA E 325 -12.75 -26.48 1.33
CA ALA E 325 -13.20 -25.52 2.32
C ALA E 325 -13.29 -24.10 1.78
N GLN E 326 -13.00 -23.89 0.51
CA GLN E 326 -13.21 -22.61 -0.14
C GLN E 326 -14.28 -22.67 -1.20
N ALA E 327 -14.39 -23.78 -1.94
CA ALA E 327 -15.56 -23.95 -2.80
C ALA E 327 -16.84 -24.07 -1.97
N GLU E 328 -16.77 -24.71 -0.80
CA GLU E 328 -17.91 -24.83 0.09
C GLU E 328 -18.32 -23.48 0.66
N MET E 329 -17.35 -22.57 0.84
CA MET E 329 -17.69 -21.23 1.30
C MET E 329 -18.22 -20.37 0.17
N ASP E 330 -17.70 -20.59 -1.05
CA ASP E 330 -18.18 -19.82 -2.20
C ASP E 330 -19.62 -20.19 -2.56
N LEU E 331 -20.00 -21.45 -2.29
CA LEU E 331 -21.40 -21.82 -2.50
C LEU E 331 -22.31 -21.16 -1.48
N LYS E 332 -21.86 -21.03 -0.23
CA LYS E 332 -22.63 -20.33 0.78
C LYS E 332 -22.72 -18.85 0.49
N ARG E 333 -21.69 -18.27 -0.12
CA ARG E 333 -21.70 -16.85 -0.41
C ARG E 333 -22.46 -16.56 -1.69
N LEU E 334 -22.61 -17.56 -2.56
CA LEU E 334 -23.43 -17.40 -3.75
C LEU E 334 -24.91 -17.54 -3.41
N ARG E 335 -25.27 -18.53 -2.61
CA ARG E 335 -26.67 -18.83 -2.33
C ARG E 335 -27.30 -17.93 -1.27
N ASP E 336 -26.66 -16.80 -0.92
CA ASP E 336 -27.08 -15.87 0.11
C ASP E 336 -28.45 -15.29 -0.26
N PRO E 337 -29.50 -15.57 0.52
CA PRO E 337 -30.85 -15.16 0.12
C PRO E 337 -31.10 -13.66 0.19
N LEU E 338 -30.16 -12.88 0.73
CA LEU E 338 -30.36 -11.43 0.78
C LEU E 338 -30.20 -10.80 -0.59
N GLN E 339 -29.22 -11.23 -1.35
CA GLN E 339 -28.98 -10.68 -2.68
C GLN E 339 -29.31 -11.71 -3.74
N VAL E 340 -30.02 -11.28 -4.77
CA VAL E 340 -30.46 -12.17 -5.83
C VAL E 340 -29.30 -12.46 -6.78
N HIS E 341 -28.67 -13.62 -6.61
CA HIS E 341 -27.61 -14.04 -7.51
C HIS E 341 -28.10 -15.14 -8.44
N VAL F 48 -19.03 -19.68 29.38
CA VAL F 48 -18.68 -21.02 28.95
C VAL F 48 -19.92 -21.80 28.57
N ILE F 49 -20.91 -21.78 29.46
CA ILE F 49 -22.05 -22.71 29.39
C ILE F 49 -22.98 -22.39 28.22
N VAL F 50 -22.95 -21.16 27.72
CA VAL F 50 -23.90 -20.70 26.71
C VAL F 50 -23.13 -20.28 25.47
N THR F 51 -23.56 -20.76 24.30
CA THR F 51 -22.98 -20.38 23.03
C THR F 51 -23.30 -18.91 22.74
N ARG F 52 -22.49 -18.30 21.85
CA ARG F 52 -22.59 -16.87 21.54
C ARG F 52 -23.94 -16.46 20.96
N SER F 53 -24.71 -17.41 20.42
CA SER F 53 -26.07 -17.12 19.98
C SER F 53 -27.08 -17.20 21.10
N GLY F 54 -26.83 -18.03 22.11
CA GLY F 54 -27.77 -18.24 23.19
C GLY F 54 -28.13 -19.68 23.44
N ALA F 55 -27.57 -20.64 22.71
CA ALA F 55 -27.94 -22.03 22.83
C ALA F 55 -27.27 -22.66 24.04
N ILE F 56 -27.40 -23.97 24.17
CA ILE F 56 -26.81 -24.73 25.28
C ILE F 56 -25.86 -25.76 24.68
N LEU F 57 -24.69 -25.90 25.28
CA LEU F 57 -23.69 -26.81 24.79
C LEU F 57 -24.14 -28.27 24.98
N PRO F 58 -23.68 -29.19 24.12
CA PRO F 58 -24.03 -30.60 24.32
C PRO F 58 -23.31 -31.24 25.49
N LYS F 59 -23.59 -32.50 25.77
CA LYS F 59 -23.00 -33.15 26.94
C LYS F 59 -21.54 -33.44 26.69
N PRO F 60 -20.64 -33.10 27.62
CA PRO F 60 -19.24 -33.49 27.49
C PRO F 60 -19.07 -35.00 27.67
N VAL F 61 -18.29 -35.60 26.78
CA VAL F 61 -18.18 -37.05 26.73
C VAL F 61 -17.33 -37.56 27.90
N LYS F 62 -17.91 -38.44 28.69
CA LYS F 62 -17.14 -39.18 29.68
C LYS F 62 -16.62 -40.47 29.06
N MET F 63 -15.58 -41.03 29.68
CA MET F 63 -15.05 -42.30 29.21
C MET F 63 -15.96 -43.43 29.66
N SER F 64 -16.24 -44.35 28.73
CA SER F 64 -17.04 -45.52 29.07
C SER F 64 -16.26 -46.43 30.00
N PHE F 65 -16.90 -46.85 31.09
CA PHE F 65 -16.28 -47.49 32.26
C PHE F 65 -15.11 -46.64 32.76
N GLY F 66 -15.49 -45.43 33.19
CA GLY F 66 -14.53 -44.38 33.46
C GLY F 66 -13.64 -44.61 34.66
N LEU F 67 -14.25 -44.65 35.86
CA LEU F 67 -13.46 -44.60 37.08
C LEU F 67 -12.74 -45.91 37.35
N LEU F 68 -13.27 -47.03 36.84
CA LEU F 68 -12.70 -48.33 37.18
C LEU F 68 -11.37 -48.57 36.48
N ARG F 69 -11.11 -47.92 35.34
CA ARG F 69 -9.79 -48.03 34.73
C ARG F 69 -8.72 -47.35 35.56
N VAL F 70 -9.02 -46.18 36.11
CA VAL F 70 -8.09 -45.52 37.03
C VAL F 70 -7.94 -46.35 38.30
N PHE F 71 -9.05 -46.84 38.84
CA PHE F 71 -9.05 -47.62 40.06
C PHE F 71 -8.44 -49.01 39.89
N SER F 72 -8.25 -49.45 38.65
CA SER F 72 -7.66 -50.75 38.35
C SER F 72 -6.32 -50.64 37.62
N ILE F 73 -5.79 -49.43 37.45
CA ILE F 73 -4.40 -49.29 37.06
C ILE F 73 -3.60 -48.79 38.26
N VAL F 74 -4.24 -48.02 39.15
CA VAL F 74 -3.55 -47.54 40.34
C VAL F 74 -3.22 -48.68 41.28
N ILE F 75 -4.20 -49.54 41.58
CA ILE F 75 -3.98 -50.65 42.54
C ILE F 75 -2.91 -51.66 42.11
N PRO F 76 -2.91 -52.24 40.89
CA PRO F 76 -1.88 -53.25 40.61
C PRO F 76 -0.48 -52.69 40.49
N PHE F 77 -0.31 -51.48 39.96
CA PHE F 77 1.04 -50.92 39.98
C PHE F 77 1.44 -50.38 41.33
N LEU F 78 0.48 -50.09 42.21
CA LEU F 78 0.83 -49.86 43.61
C LEU F 78 1.35 -51.12 44.26
N TYR F 79 0.77 -52.29 43.94
CA TYR F 79 1.33 -53.54 44.45
C TYR F 79 2.65 -53.92 43.78
N VAL F 80 2.87 -53.50 42.53
CA VAL F 80 4.18 -53.73 41.91
C VAL F 80 5.24 -52.86 42.56
N GLY F 81 4.91 -51.60 42.86
CA GLY F 81 5.81 -50.77 43.64
C GLY F 81 5.97 -51.22 45.08
N THR F 82 4.98 -51.93 45.60
CA THR F 82 5.10 -52.58 46.89
C THR F 82 6.12 -53.71 46.86
N LEU F 83 6.05 -54.57 45.85
CA LEU F 83 6.98 -55.70 45.74
C LEU F 83 8.39 -55.28 45.36
N ILE F 84 8.53 -54.32 44.44
CA ILE F 84 9.83 -53.94 43.87
C ILE F 84 10.69 -53.17 44.85
N SER F 85 10.13 -52.70 45.97
CA SER F 85 10.93 -52.02 46.99
C SER F 85 11.57 -53.02 47.93
N LYS F 86 10.76 -53.91 48.50
CA LYS F 86 11.30 -54.91 49.43
C LYS F 86 12.19 -55.91 48.72
N ASN F 87 11.87 -56.29 47.49
CA ASN F 87 12.72 -57.23 46.77
C ASN F 87 13.82 -56.53 45.99
N PHE F 88 14.08 -55.25 46.28
CA PHE F 88 15.34 -54.60 45.97
C PHE F 88 16.14 -54.32 47.22
N ALA F 89 15.47 -54.04 48.34
CA ALA F 89 16.14 -53.89 49.61
C ALA F 89 16.74 -55.22 50.08
N ALA F 90 16.10 -56.34 49.74
CA ALA F 90 16.68 -57.65 50.03
C ALA F 90 17.96 -57.89 49.26
N LEU F 91 18.17 -57.20 48.15
CA LEU F 91 19.45 -57.26 47.44
C LEU F 91 20.45 -56.27 48.03
N LEU F 92 20.00 -55.07 48.38
CA LEU F 92 20.92 -54.02 48.77
C LEU F 92 21.41 -54.12 50.21
N GLU F 93 20.61 -54.69 51.12
CA GLU F 93 20.99 -54.67 52.54
C GLU F 93 22.10 -55.65 52.86
N GLU F 94 22.18 -56.76 52.13
CA GLU F 94 23.05 -57.86 52.51
C GLU F 94 24.38 -57.88 51.76
N HIS F 95 24.51 -57.12 50.69
CA HIS F 95 25.75 -57.09 49.93
C HIS F 95 26.64 -55.92 50.32
N ASP F 96 26.07 -54.89 50.93
CA ASP F 96 26.85 -53.75 51.39
C ASP F 96 27.15 -53.90 52.88
N ASP G 74 -18.71 44.24 -15.28
CA ASP G 74 -19.93 43.46 -15.12
C ASP G 74 -19.61 41.98 -15.08
N VAL G 75 -19.45 41.44 -13.87
CA VAL G 75 -19.03 40.07 -13.66
C VAL G 75 -20.14 39.32 -12.94
N THR G 76 -20.66 38.27 -13.58
CA THR G 76 -21.86 37.58 -13.11
C THR G 76 -21.53 36.18 -12.64
N VAL G 77 -22.17 35.77 -11.55
CA VAL G 77 -22.11 34.41 -11.00
C VAL G 77 -23.49 33.80 -11.18
N VAL G 78 -23.60 32.76 -12.01
CA VAL G 78 -24.89 32.15 -12.33
C VAL G 78 -24.83 30.68 -11.94
N TYR G 79 -25.93 30.15 -11.41
CA TYR G 79 -26.02 28.73 -11.06
C TYR G 79 -26.59 27.93 -12.23
N GLN G 80 -25.73 27.21 -12.92
CA GLN G 80 -26.11 26.28 -13.97
C GLN G 80 -25.87 24.86 -13.48
N ASN G 81 -26.92 24.04 -13.54
CA ASN G 81 -26.88 22.59 -13.24
C ASN G 81 -26.39 22.31 -11.82
N GLY G 82 -26.74 23.18 -10.89
CA GLY G 82 -26.26 23.06 -9.53
C GLY G 82 -24.80 23.39 -9.35
N LEU G 83 -24.24 24.26 -10.20
CA LEU G 83 -22.86 24.67 -10.11
C LEU G 83 -22.71 26.17 -10.36
N PRO G 84 -21.80 26.83 -9.67
CA PRO G 84 -21.51 28.24 -9.98
C PRO G 84 -20.66 28.38 -11.24
N VAL G 85 -21.04 29.33 -12.06
CA VAL G 85 -20.35 29.65 -13.31
C VAL G 85 -20.11 31.15 -13.28
N ILE G 86 -18.85 31.54 -13.28
CA ILE G 86 -18.45 32.95 -13.18
C ILE G 86 -17.97 33.41 -14.54
N SER G 87 -18.40 34.60 -14.96
CA SER G 87 -17.95 35.16 -16.23
C SER G 87 -17.06 36.38 -15.98
N VAL G 88 -15.77 36.24 -16.26
CA VAL G 88 -14.75 37.22 -15.91
C VAL G 88 -14.24 37.84 -17.20
N ARG G 89 -14.00 39.14 -17.20
CA ARG G 89 -13.34 39.77 -18.33
C ARG G 89 -11.84 39.87 -18.06
N LEU G 90 -11.03 39.43 -19.05
CA LEU G 90 -9.59 39.27 -19.15
C LEU G 90 -8.97 40.40 -19.97
N PRO G 91 -7.78 40.88 -19.61
CA PRO G 91 -7.23 42.07 -20.27
C PRO G 91 -6.57 41.80 -21.62
N SER G 92 -6.02 40.61 -21.83
CA SER G 92 -5.16 40.40 -22.99
C SER G 92 -5.96 40.17 -24.26
N ARG G 93 -6.74 39.11 -24.30
CA ARG G 93 -7.61 38.82 -25.44
C ARG G 93 -8.92 39.59 -25.41
N ARG G 94 -9.13 40.45 -24.40
CA ARG G 94 -10.32 41.26 -24.15
C ARG G 94 -11.63 40.48 -24.31
N GLU G 95 -11.63 39.23 -23.84
CA GLU G 95 -12.79 38.36 -23.95
C GLU G 95 -13.19 37.82 -22.58
N ARG G 96 -14.50 37.68 -22.42
CA ARG G 96 -15.05 37.07 -21.22
C ARG G 96 -14.81 35.57 -21.25
N CYS G 97 -14.42 35.01 -20.12
CA CYS G 97 -14.25 33.57 -19.97
C CYS G 97 -15.12 33.10 -18.82
N GLN G 98 -15.63 31.88 -18.94
CA GLN G 98 -16.49 31.33 -17.90
C GLN G 98 -15.83 30.12 -17.25
N PHE G 99 -15.88 30.16 -15.92
CA PHE G 99 -15.33 29.14 -15.02
C PHE G 99 -16.50 28.39 -14.40
N THR G 100 -16.37 27.06 -14.32
CA THR G 100 -17.36 26.23 -13.65
C THR G 100 -16.74 25.75 -12.35
N LEU G 101 -17.02 26.47 -11.25
CA LEU G 101 -16.38 26.17 -9.98
C LEU G 101 -17.08 25.05 -9.24
N LYS G 102 -16.32 24.12 -8.73
CA LYS G 102 -16.89 23.16 -7.81
C LYS G 102 -17.02 23.81 -6.44
N PRO G 103 -18.18 23.73 -5.80
CA PRO G 103 -18.33 24.42 -4.50
C PRO G 103 -17.56 23.76 -3.37
N ILE G 104 -17.66 22.44 -3.24
CA ILE G 104 -17.22 21.80 -2.02
C ILE G 104 -15.75 21.44 -2.07
N SER G 105 -15.27 20.88 -3.18
CA SER G 105 -13.93 20.35 -3.28
C SER G 105 -12.98 21.28 -4.00
N ASP G 106 -13.10 22.58 -3.79
CA ASP G 106 -12.26 23.53 -4.50
C ASP G 106 -12.03 24.73 -3.60
N SER G 107 -10.87 25.35 -3.75
CA SER G 107 -10.45 26.48 -2.93
C SER G 107 -10.29 27.72 -3.80
N VAL G 108 -10.02 28.83 -3.13
CA VAL G 108 -9.80 30.09 -3.84
C VAL G 108 -8.39 30.12 -4.41
N GLY G 109 -7.44 29.51 -3.71
CA GLY G 109 -6.03 29.63 -4.09
C GLY G 109 -5.68 28.93 -5.38
N VAL G 110 -6.49 27.96 -5.81
CA VAL G 110 -6.30 27.33 -7.10
C VAL G 110 -7.34 27.78 -8.12
N PHE G 111 -8.44 28.41 -7.68
CA PHE G 111 -9.24 29.26 -8.56
C PHE G 111 -8.40 30.36 -9.18
N LEU G 112 -7.58 31.02 -8.36
CA LEU G 112 -6.67 32.04 -8.88
C LEU G 112 -5.58 31.45 -9.75
N ARG G 113 -5.15 30.21 -9.46
CA ARG G 113 -4.20 29.52 -10.32
C ARG G 113 -4.80 29.24 -11.69
N GLN G 114 -6.06 28.81 -11.74
CA GLN G 114 -6.76 28.60 -13.01
C GLN G 114 -6.93 29.90 -13.78
N LEU G 115 -7.30 30.99 -13.09
CA LEU G 115 -7.43 32.29 -13.73
C LEU G 115 -6.09 32.80 -14.25
N GLN G 116 -4.98 32.41 -13.62
CA GLN G 116 -3.67 32.71 -14.19
C GLN G 116 -3.32 31.80 -15.36
N GLU G 117 -3.76 30.54 -15.34
CA GLU G 117 -3.53 29.64 -16.46
C GLU G 117 -4.29 30.05 -17.70
N GLU G 118 -5.44 30.72 -17.55
CA GLU G 118 -6.23 31.06 -18.73
C GLU G 118 -5.66 32.24 -19.49
N ASP G 119 -4.80 33.03 -18.86
CA ASP G 119 -4.26 34.22 -19.49
C ASP G 119 -2.91 34.52 -18.87
N ARG G 120 -1.86 34.53 -19.69
CA ARG G 120 -0.53 34.82 -19.16
C ARG G 120 -0.35 36.29 -18.84
N GLY G 121 -1.22 37.17 -19.36
CA GLY G 121 -1.04 38.59 -19.22
C GLY G 121 -1.33 39.14 -17.84
N ILE G 122 -1.92 38.35 -16.96
CA ILE G 122 -2.26 38.82 -15.62
C ILE G 122 -0.99 38.87 -14.77
N ASP G 123 -0.59 40.09 -14.36
CA ASP G 123 0.57 40.23 -13.48
C ASP G 123 0.20 39.84 -12.06
N ARG G 124 -0.75 40.55 -11.46
CA ARG G 124 -1.22 40.25 -10.12
C ARG G 124 -2.74 40.12 -10.13
N VAL G 125 -3.23 39.18 -9.35
CA VAL G 125 -4.65 38.92 -9.19
C VAL G 125 -4.91 38.75 -7.69
N ALA G 126 -6.00 39.35 -7.22
CA ALA G 126 -6.30 39.33 -5.80
C ALA G 126 -7.80 39.38 -5.61
N ILE G 127 -8.22 39.08 -4.39
CA ILE G 127 -9.64 38.96 -4.07
C ILE G 127 -9.79 39.12 -2.57
N TYR G 128 -10.80 39.88 -2.16
CA TYR G 128 -11.06 40.09 -0.73
C TYR G 128 -12.47 40.60 -0.50
N SER G 129 -12.89 40.50 0.76
CA SER G 129 -14.13 41.07 1.25
C SER G 129 -13.98 42.60 1.33
N PRO G 130 -15.06 43.34 1.05
CA PRO G 130 -14.94 44.81 1.00
C PRO G 130 -14.73 45.48 2.36
N ASP G 131 -14.69 44.73 3.45
CA ASP G 131 -14.35 45.29 4.75
C ASP G 131 -13.15 44.61 5.40
N GLY G 132 -12.71 43.46 4.90
CA GLY G 132 -11.51 42.81 5.38
C GLY G 132 -10.31 43.14 4.52
N VAL G 133 -9.19 42.51 4.84
CA VAL G 133 -7.95 42.83 4.16
C VAL G 133 -7.73 41.99 2.92
N ARG G 134 -7.55 40.67 3.07
CA ARG G 134 -7.36 39.73 1.96
C ARG G 134 -7.89 38.39 2.42
N VAL G 135 -8.80 37.79 1.64
CA VAL G 135 -9.18 36.41 1.93
C VAL G 135 -8.03 35.50 1.51
N ALA G 136 -7.74 34.50 2.35
CA ALA G 136 -6.56 33.69 2.17
C ALA G 136 -6.88 32.46 1.33
N ALA G 137 -5.83 31.71 0.99
CA ALA G 137 -5.98 30.44 0.29
C ALA G 137 -6.51 29.38 1.24
N SER G 138 -6.82 28.21 0.66
CA SER G 138 -7.46 27.08 1.33
C SER G 138 -8.77 27.48 2.00
N THR G 139 -9.51 28.38 1.34
CA THR G 139 -10.85 28.78 1.74
C THR G 139 -11.84 28.15 0.78
N GLY G 140 -12.84 27.46 1.33
CA GLY G 140 -13.87 26.86 0.49
C GLY G 140 -14.69 27.90 -0.22
N ILE G 141 -15.25 27.50 -1.37
CA ILE G 141 -15.94 28.46 -2.24
C ILE G 141 -17.26 28.89 -1.62
N ASP G 142 -17.87 28.05 -0.78
CA ASP G 142 -19.18 28.39 -0.25
C ASP G 142 -19.10 29.45 0.84
N LEU G 143 -17.96 29.58 1.51
CA LEU G 143 -17.77 30.72 2.41
C LEU G 143 -17.64 32.01 1.61
N LEU G 144 -16.89 31.97 0.51
CA LEU G 144 -16.67 33.17 -0.29
C LEU G 144 -17.92 33.59 -1.04
N LEU G 145 -18.76 32.63 -1.40
CA LEU G 145 -19.74 32.81 -2.45
C LEU G 145 -21.08 33.34 -1.93
N LEU G 146 -21.06 34.12 -0.86
CA LEU G 146 -22.26 34.72 -0.28
C LEU G 146 -22.20 36.23 -0.13
N ASP G 147 -21.04 36.77 0.24
CA ASP G 147 -20.85 38.21 0.31
C ASP G 147 -20.66 38.76 -1.11
N ASP G 148 -20.97 40.04 -1.30
CA ASP G 148 -20.62 40.70 -2.54
C ASP G 148 -19.15 41.14 -2.46
N PHE G 149 -18.28 40.34 -3.05
CA PHE G 149 -16.85 40.39 -2.78
C PHE G 149 -16.09 41.07 -3.92
N LYS G 150 -14.94 41.63 -3.56
CA LYS G 150 -14.13 42.41 -4.49
C LYS G 150 -13.09 41.53 -5.15
N LEU G 151 -12.97 41.67 -6.47
CA LEU G 151 -11.98 41.00 -7.30
C LEU G 151 -11.07 42.07 -7.88
N VAL G 152 -9.78 41.77 -7.99
CA VAL G 152 -8.78 42.74 -8.43
C VAL G 152 -7.91 42.07 -9.48
N ILE G 153 -7.91 42.61 -10.69
CA ILE G 153 -7.05 42.15 -11.77
C ILE G 153 -6.10 43.32 -11.98
N ASN G 154 -5.15 43.21 -12.93
CA ASN G 154 -3.85 43.88 -12.98
C ASN G 154 -3.81 45.32 -12.47
N ASP G 155 -4.67 46.18 -13.02
CA ASP G 155 -4.84 47.51 -12.50
C ASP G 155 -6.31 47.86 -12.32
N LEU G 156 -7.21 46.87 -12.32
CA LEU G 156 -8.64 47.11 -12.35
C LEU G 156 -9.31 46.41 -11.17
N THR G 157 -10.46 46.93 -10.77
CA THR G 157 -11.21 46.44 -9.63
C THR G 157 -12.65 46.18 -10.02
N TYR G 158 -13.20 45.11 -9.46
CA TYR G 158 -14.58 44.71 -9.68
C TYR G 158 -15.16 44.34 -8.33
N HIS G 159 -16.48 44.49 -8.18
CA HIS G 159 -17.13 43.99 -6.97
C HIS G 159 -18.39 43.25 -7.39
N VAL G 160 -18.45 41.97 -7.05
CA VAL G 160 -19.39 41.04 -7.65
C VAL G 160 -20.36 40.56 -6.58
N ARG G 161 -21.59 40.24 -6.99
CA ARG G 161 -22.52 39.70 -6.02
C ARG G 161 -23.10 38.38 -6.50
N PRO G 162 -23.07 37.36 -5.67
CA PRO G 162 -23.73 36.10 -6.01
C PRO G 162 -25.23 36.21 -5.81
N PRO G 163 -26.01 35.30 -6.37
CA PRO G 163 -27.44 35.25 -6.05
C PRO G 163 -27.71 34.39 -4.83
N LYS G 164 -28.81 34.73 -4.16
CA LYS G 164 -29.26 33.91 -3.04
C LYS G 164 -29.81 32.59 -3.54
N ARG G 165 -29.61 31.55 -2.75
CA ARG G 165 -30.01 30.20 -3.11
C ARG G 165 -31.20 29.78 -2.26
N ASP G 166 -32.23 29.25 -2.89
CA ASP G 166 -33.40 28.77 -2.19
C ASP G 166 -33.18 27.33 -1.75
N LEU G 167 -34.20 26.71 -1.16
CA LEU G 167 -34.14 25.29 -0.85
C LEU G 167 -35.53 24.70 -0.99
N LEU G 168 -35.65 23.73 -1.89
CA LEU G 168 -36.89 22.98 -2.09
C LEU G 168 -36.84 21.61 -1.43
N SER G 169 -35.74 21.28 -0.76
CA SER G 169 -35.43 19.92 -0.37
C SER G 169 -36.22 19.42 0.83
N HIS G 170 -37.07 20.25 1.44
CA HIS G 170 -37.73 19.83 2.67
C HIS G 170 -38.86 18.83 2.40
N GLU G 171 -39.54 18.94 1.28
CA GLU G 171 -40.59 18.00 0.90
C GLU G 171 -40.40 17.44 -0.49
N ASN G 172 -39.91 18.26 -1.42
CA ASN G 172 -39.82 17.87 -2.82
C ASN G 172 -38.73 16.83 -3.08
N ALA G 173 -37.73 16.75 -2.21
CA ALA G 173 -36.56 15.92 -2.46
C ALA G 173 -36.58 14.60 -1.70
N ALA G 174 -37.74 14.21 -1.16
CA ALA G 174 -37.89 12.88 -0.58
C ALA G 174 -37.68 11.81 -1.64
N THR G 175 -38.10 12.09 -2.87
CA THR G 175 -37.74 11.26 -4.02
C THR G 175 -36.29 11.50 -4.46
N LEU G 176 -35.86 12.77 -4.46
CA LEU G 176 -34.63 13.16 -5.16
C LEU G 176 -33.38 12.67 -4.42
N ASN G 177 -33.42 12.64 -3.09
CA ASN G 177 -32.30 12.11 -2.32
C ASN G 177 -32.15 10.60 -2.46
N ASP G 178 -33.19 9.91 -2.93
CA ASP G 178 -33.09 8.50 -3.27
C ASP G 178 -32.77 8.31 -4.76
N VAL G 179 -33.17 9.26 -5.60
CA VAL G 179 -32.80 9.24 -7.01
C VAL G 179 -31.29 9.36 -7.17
N LYS G 180 -30.66 10.27 -6.41
CA LYS G 180 -29.21 10.43 -6.47
C LYS G 180 -28.49 9.17 -6.03
N THR G 181 -28.95 8.54 -4.94
CA THR G 181 -28.32 7.33 -4.44
C THR G 181 -28.58 6.14 -5.36
N LEU G 182 -29.66 6.19 -6.15
CA LEU G 182 -29.88 5.12 -7.12
C LEU G 182 -28.98 5.26 -8.33
N VAL G 183 -28.86 6.49 -8.85
CA VAL G 183 -28.07 6.68 -10.07
C VAL G 183 -26.58 6.57 -9.76
N GLN G 184 -26.18 6.85 -8.52
CA GLN G 184 -24.78 6.60 -8.16
C GLN G 184 -24.49 5.10 -8.11
N GLN G 185 -25.44 4.28 -7.69
CA GLN G 185 -25.28 2.84 -7.76
C GLN G 185 -25.24 2.35 -9.21
N LEU G 186 -26.08 2.92 -10.06
CA LEU G 186 -26.03 2.57 -11.48
C LEU G 186 -24.73 3.00 -12.14
N TYR G 187 -24.08 4.06 -11.64
CA TYR G 187 -22.78 4.41 -12.20
C TYR G 187 -21.69 3.50 -11.69
N THR G 188 -21.68 3.19 -10.40
CA THR G 188 -20.62 2.31 -9.90
C THR G 188 -20.82 0.86 -10.29
N THR G 189 -21.99 0.50 -10.83
CA THR G 189 -22.13 -0.79 -11.48
C THR G 189 -21.41 -0.82 -12.82
N LEU G 190 -21.50 0.27 -13.58
CA LEU G 190 -20.90 0.31 -14.91
C LEU G 190 -19.42 0.65 -14.89
N CYS G 191 -18.94 1.27 -13.81
CA CYS G 191 -17.58 1.78 -13.80
C CYS G 191 -16.54 0.79 -13.30
N ILE G 192 -16.89 -0.10 -12.37
CA ILE G 192 -15.89 -0.73 -11.53
C ILE G 192 -15.09 -1.82 -12.25
N GLU G 193 -15.58 -2.35 -13.38
CA GLU G 193 -14.92 -3.46 -14.06
C GLU G 193 -13.55 -3.06 -14.60
N GLN G 194 -13.47 -1.92 -15.27
CA GLN G 194 -12.20 -1.42 -15.76
C GLN G 194 -11.47 -0.58 -14.73
N HIS G 195 -11.91 -0.58 -13.48
CA HIS G 195 -11.16 0.01 -12.39
C HIS G 195 -10.43 -1.03 -11.56
N GLN G 196 -11.06 -2.20 -11.36
CA GLN G 196 -10.46 -3.25 -10.55
C GLN G 196 -9.16 -3.75 -11.18
N LEU G 197 -9.13 -3.87 -12.51
CA LEU G 197 -7.94 -4.34 -13.20
C LEU G 197 -6.81 -3.31 -13.13
N ASN G 198 -7.15 -2.04 -13.26
CA ASN G 198 -6.14 -0.97 -13.18
C ASN G 198 -5.55 -0.90 -11.78
N LYS G 199 -6.40 -0.95 -10.75
CA LYS G 199 -5.90 -0.90 -9.38
C LYS G 199 -5.11 -2.16 -9.04
N GLU G 200 -5.47 -3.30 -9.62
CA GLU G 200 -4.72 -4.53 -9.38
C GLU G 200 -3.34 -4.48 -10.02
N ARG G 201 -3.24 -3.94 -11.24
CA ARG G 201 -1.93 -3.84 -11.88
C ARG G 201 -1.04 -2.80 -11.20
N GLU G 202 -1.62 -1.66 -10.80
CA GLU G 202 -0.84 -0.68 -10.05
C GLU G 202 -0.41 -1.22 -8.69
N LEU G 203 -1.25 -2.04 -8.07
CA LEU G 203 -0.93 -2.58 -6.75
C LEU G 203 0.13 -3.66 -6.86
N ILE G 204 0.12 -4.47 -7.93
CA ILE G 204 1.13 -5.49 -8.09
C ILE G 204 2.44 -4.89 -8.61
N GLU G 205 2.40 -3.68 -9.16
CA GLU G 205 3.64 -2.95 -9.40
C GLU G 205 4.22 -2.39 -8.10
N ARG G 206 3.36 -1.79 -7.27
CA ARG G 206 3.79 -1.20 -6.00
C ARG G 206 4.34 -2.25 -5.04
N LEU G 207 3.73 -3.44 -5.01
CA LEU G 207 4.20 -4.53 -4.18
C LEU G 207 5.60 -4.96 -4.54
N GLU G 208 5.93 -5.02 -5.82
CA GLU G 208 7.27 -5.39 -6.24
C GLU G 208 8.27 -4.27 -6.01
N ASP G 209 7.84 -3.01 -6.10
CA ASP G 209 8.68 -1.89 -5.67
C ASP G 209 9.06 -2.01 -4.20
N LEU G 210 8.08 -2.29 -3.34
CA LEU G 210 8.37 -2.45 -1.92
C LEU G 210 9.18 -3.70 -1.62
N LYS G 211 9.07 -4.74 -2.45
CA LYS G 211 9.92 -5.91 -2.26
C LYS G 211 11.37 -5.61 -2.63
N GLU G 212 11.58 -4.91 -3.75
CA GLU G 212 12.92 -4.53 -4.17
C GLU G 212 13.59 -3.57 -3.19
N GLN G 213 12.82 -2.67 -2.60
CA GLN G 213 13.39 -1.79 -1.58
C GLN G 213 13.65 -2.54 -0.27
N LEU G 214 12.94 -3.63 -0.02
CA LEU G 214 13.14 -4.42 1.19
C LEU G 214 14.40 -5.28 1.11
N ALA G 215 14.65 -5.86 -0.07
CA ALA G 215 15.67 -6.89 -0.21
C ALA G 215 17.10 -6.57 0.25
N PRO G 216 17.62 -5.34 0.19
CA PRO G 216 18.93 -5.11 0.83
C PRO G 216 18.87 -4.98 2.34
N LEU G 217 17.77 -4.45 2.89
CA LEU G 217 17.75 -4.07 4.29
C LEU G 217 17.60 -5.27 5.23
N GLU G 218 17.22 -6.44 4.71
CA GLU G 218 17.06 -7.63 5.52
C GLU G 218 18.40 -8.15 6.05
N LYS G 219 19.52 -7.76 5.44
CA LYS G 219 20.82 -8.32 5.77
C LYS G 219 21.27 -7.91 7.17
N VAL G 220 21.07 -6.64 7.52
CA VAL G 220 21.43 -6.15 8.85
C VAL G 220 20.52 -6.76 9.90
N ARG G 221 19.25 -7.00 9.57
CA ARG G 221 18.34 -7.63 10.51
C ARG G 221 18.73 -9.08 10.78
N ILE G 222 19.11 -9.82 9.74
CA ILE G 222 19.54 -11.20 9.93
C ILE G 222 20.86 -11.23 10.70
N GLU G 223 21.73 -10.24 10.47
CA GLU G 223 22.98 -10.12 11.22
C GLU G 223 22.73 -9.89 12.71
N ILE G 224 21.73 -9.08 13.04
CA ILE G 224 21.40 -8.84 14.45
C ILE G 224 20.76 -10.07 15.07
N SER G 225 19.78 -10.65 14.38
CA SER G 225 19.02 -11.79 14.89
C SER G 225 19.81 -13.09 14.87
N ARG G 226 21.01 -13.11 14.30
CA ARG G 226 21.89 -14.26 14.49
C ARG G 226 22.54 -14.25 15.86
N LYS G 227 22.68 -13.08 16.48
CA LYS G 227 23.42 -12.89 17.71
C LYS G 227 22.52 -12.67 18.92
N ALA G 228 21.43 -11.91 18.74
CA ALA G 228 20.47 -11.70 19.83
C ALA G 228 19.67 -12.96 20.09
N GLU G 229 19.57 -13.86 19.11
CA GLU G 229 19.04 -15.19 19.38
C GLU G 229 20.04 -16.02 20.17
N LYS G 230 21.33 -15.88 19.84
CA LYS G 230 22.37 -16.71 20.43
C LYS G 230 22.56 -16.41 21.92
N ARG G 231 22.49 -15.12 22.29
CA ARG G 231 22.58 -14.79 23.71
C ARG G 231 21.38 -15.30 24.50
N THR G 232 20.18 -15.29 23.91
CA THR G 232 19.02 -15.85 24.60
C THR G 232 19.12 -17.36 24.77
N THR G 233 19.65 -18.06 23.76
CA THR G 233 19.89 -19.49 23.91
C THR G 233 20.90 -19.77 25.01
N LEU G 234 21.98 -19.00 25.06
CA LEU G 234 22.97 -19.20 26.11
C LEU G 234 22.44 -18.86 27.50
N VAL G 235 21.54 -17.88 27.63
CA VAL G 235 21.00 -17.62 28.97
C VAL G 235 19.97 -18.68 29.37
N LEU G 236 19.29 -19.32 28.41
CA LEU G 236 18.44 -20.47 28.75
C LEU G 236 19.28 -21.64 29.27
N TRP G 237 20.36 -21.98 28.56
CA TRP G 237 21.22 -23.06 29.03
C TRP G 237 21.93 -22.70 30.33
N GLY G 238 22.20 -21.41 30.54
CA GLY G 238 22.79 -20.99 31.80
C GLY G 238 21.83 -21.12 32.97
N GLY G 239 20.55 -20.83 32.74
CA GLY G 239 19.55 -21.09 33.77
C GLY G 239 19.42 -22.56 34.12
N LEU G 240 19.51 -23.42 33.09
CA LEU G 240 19.52 -24.85 33.35
C LEU G 240 20.77 -25.28 34.13
N ALA G 241 21.91 -24.63 33.86
CA ALA G 241 23.12 -24.93 34.62
C ALA G 241 23.00 -24.51 36.08
N TYR G 242 22.37 -23.35 36.33
CA TYR G 242 22.05 -22.94 37.70
C TYR G 242 21.17 -23.96 38.40
N MET G 243 20.15 -24.44 37.70
CA MET G 243 19.23 -25.42 38.28
C MET G 243 19.90 -26.76 38.54
N ALA G 244 20.95 -27.08 37.80
CA ALA G 244 21.73 -28.29 38.11
C ALA G 244 22.64 -28.09 39.31
N THR G 245 23.35 -26.96 39.37
CA THR G 245 24.29 -26.73 40.47
C THR G 245 23.59 -26.58 41.81
N GLN G 246 22.37 -26.04 41.82
CA GLN G 246 21.64 -25.92 43.07
C GLN G 246 21.12 -27.28 43.53
N PHE G 247 20.94 -28.22 42.59
CA PHE G 247 20.66 -29.60 42.96
C PHE G 247 21.90 -30.29 43.51
N GLY G 248 23.07 -29.94 43.01
CA GLY G 248 24.29 -30.58 43.48
C GLY G 248 24.79 -30.15 44.85
N ILE G 249 24.77 -28.84 45.10
CA ILE G 249 25.41 -28.32 46.31
C ILE G 249 24.60 -28.55 47.58
N LEU G 250 23.34 -28.96 47.45
CA LEU G 250 22.59 -29.44 48.61
C LEU G 250 22.72 -30.93 48.80
N ALA G 251 22.86 -31.69 47.70
CA ALA G 251 23.05 -33.12 47.80
C ALA G 251 24.36 -33.47 48.48
N ARG G 252 25.46 -32.79 48.09
CA ARG G 252 26.73 -33.07 48.75
C ARG G 252 26.76 -32.57 50.19
N LEU G 253 26.01 -31.53 50.51
CA LEU G 253 26.03 -30.95 51.84
C LEU G 253 25.02 -31.63 52.79
N THR G 254 24.14 -32.48 52.26
CA THR G 254 23.25 -33.24 53.14
C THR G 254 23.53 -34.72 53.19
N TRP G 255 24.17 -35.30 52.18
CA TRP G 255 24.41 -36.74 52.23
C TRP G 255 25.84 -37.11 52.56
N TRP G 256 26.74 -36.14 52.63
CA TRP G 256 28.13 -36.41 52.94
C TRP G 256 28.68 -35.62 54.12
N GLU G 257 28.31 -34.35 54.29
CA GLU G 257 29.05 -33.48 55.19
C GLU G 257 28.20 -33.10 56.41
N TYR G 258 27.05 -32.50 56.17
CA TYR G 258 26.17 -32.04 57.25
C TYR G 258 24.88 -32.84 57.23
N SER G 259 24.02 -32.59 58.21
CA SER G 259 22.79 -33.36 58.31
C SER G 259 21.76 -32.87 57.32
N TRP G 260 20.70 -33.66 57.15
CA TRP G 260 19.49 -33.13 56.53
C TRP G 260 18.72 -32.22 57.48
N ASP G 261 18.78 -32.52 58.79
CA ASP G 261 17.90 -31.85 59.73
C ASP G 261 18.56 -30.57 60.23
N ILE G 262 19.66 -30.16 59.62
CA ILE G 262 20.18 -28.81 59.79
C ILE G 262 20.23 -28.03 58.48
N MET G 263 20.15 -28.70 57.32
CA MET G 263 20.01 -28.04 56.03
C MET G 263 18.61 -28.17 55.47
N GLU G 264 17.63 -28.36 56.33
CA GLU G 264 16.23 -28.32 55.93
C GLU G 264 15.61 -26.92 55.85
N PRO G 265 15.85 -25.98 56.77
CA PRO G 265 15.24 -24.64 56.58
C PRO G 265 15.82 -23.86 55.41
N VAL G 266 17.09 -24.06 55.07
CA VAL G 266 17.65 -23.43 53.88
C VAL G 266 16.98 -23.97 52.62
N THR G 267 16.77 -25.28 52.59
CA THR G 267 15.98 -25.97 51.59
C THR G 267 14.56 -25.41 51.48
N TYR G 268 13.94 -25.04 52.59
CA TYR G 268 12.62 -24.42 52.54
C TYR G 268 12.68 -22.99 51.99
N PHE G 269 13.63 -22.19 52.47
CA PHE G 269 13.67 -20.78 52.08
C PHE G 269 14.15 -20.58 50.65
N ILE G 270 14.84 -21.54 50.04
CA ILE G 270 15.15 -21.42 48.62
C ILE G 270 13.88 -21.49 47.79
N THR G 271 12.97 -22.40 48.13
CA THR G 271 11.68 -22.47 47.44
C THR G 271 10.84 -21.23 47.71
N TYR G 272 10.89 -20.72 48.95
CA TYR G 272 10.11 -19.53 49.27
C TYR G 272 10.66 -18.30 48.56
N GLY G 273 11.98 -18.19 48.45
CA GLY G 273 12.57 -17.09 47.71
C GLY G 273 12.34 -17.17 46.23
N SER G 274 12.25 -18.39 45.68
CA SER G 274 11.83 -18.54 44.29
C SER G 274 10.40 -18.05 44.10
N ALA G 275 9.50 -18.40 45.04
CA ALA G 275 8.12 -17.93 44.96
C ALA G 275 8.01 -16.42 45.16
N MET G 276 8.97 -15.80 45.82
CA MET G 276 8.99 -14.35 45.97
C MET G 276 9.59 -13.63 44.77
N ALA G 277 10.62 -14.22 44.15
CA ALA G 277 11.19 -13.64 42.94
C ALA G 277 10.22 -13.72 41.77
N MET G 278 9.40 -14.77 41.73
CA MET G 278 8.35 -14.83 40.71
C MET G 278 7.33 -13.72 40.90
N TYR G 279 7.15 -13.22 42.13
CA TYR G 279 6.23 -12.10 42.34
C TYR G 279 6.91 -10.77 42.02
N ALA G 280 8.20 -10.65 42.32
CA ALA G 280 8.91 -9.42 42.00
C ALA G 280 9.06 -9.23 40.49
N TYR G 281 9.13 -10.32 39.73
CA TYR G 281 9.11 -10.22 38.28
C TYR G 281 7.79 -9.66 37.77
N PHE G 282 6.68 -10.03 38.42
CA PHE G 282 5.40 -9.44 38.05
C PHE G 282 5.31 -7.98 38.45
N VAL G 283 5.94 -7.61 39.56
CA VAL G 283 5.82 -6.22 39.97
C VAL G 283 6.68 -5.32 39.08
N MET G 284 7.86 -5.77 38.65
CA MET G 284 8.71 -5.00 37.72
C MET G 284 8.03 -4.79 36.38
N THR G 285 7.79 -5.86 35.64
CA THR G 285 7.08 -5.80 34.37
C THR G 285 5.81 -6.62 34.45
N ARG G 286 4.77 -6.16 33.77
CA ARG G 286 3.45 -6.77 33.89
C ARG G 286 3.42 -8.07 33.09
N GLN G 287 4.01 -9.11 33.66
CA GLN G 287 4.02 -10.44 33.07
C GLN G 287 3.78 -11.47 34.16
N GLU G 288 3.30 -12.63 33.75
CA GLU G 288 3.01 -13.73 34.67
C GLU G 288 4.24 -14.59 34.95
N TYR G 289 5.31 -14.42 34.17
CA TYR G 289 6.49 -15.28 34.13
C TYR G 289 6.09 -16.71 33.78
N VAL G 290 5.63 -16.84 32.56
CA VAL G 290 5.48 -18.12 31.89
C VAL G 290 6.73 -18.29 31.04
N TYR G 291 7.21 -19.54 30.92
CA TYR G 291 8.50 -19.79 30.28
C TYR G 291 8.62 -19.32 28.83
N PRO G 292 7.63 -19.46 27.93
CA PRO G 292 7.80 -18.79 26.63
C PRO G 292 7.50 -17.31 26.67
N GLU G 293 6.90 -16.79 27.73
CA GLU G 293 6.65 -15.36 27.84
C GLU G 293 7.82 -14.61 28.46
N ALA G 294 8.90 -15.29 28.80
CA ALA G 294 10.07 -14.65 29.38
C ALA G 294 11.20 -14.49 28.37
N ARG G 295 11.51 -15.56 27.64
CA ARG G 295 12.56 -15.46 26.63
C ARG G 295 12.13 -14.60 25.45
N ASP G 296 10.83 -14.46 25.21
CA ASP G 296 10.37 -13.63 24.11
C ASP G 296 10.17 -12.19 24.54
N ARG G 297 10.34 -11.91 25.82
CA ARG G 297 10.60 -10.55 26.29
C ARG G 297 12.07 -10.22 26.27
N GLN G 298 12.92 -11.18 26.64
CA GLN G 298 14.36 -10.93 26.66
C GLN G 298 14.95 -10.83 25.26
N TYR G 299 14.38 -11.54 24.28
CA TYR G 299 14.84 -11.47 22.90
C TYR G 299 14.65 -10.07 22.32
N LEU G 300 13.53 -9.42 22.64
CA LEU G 300 13.30 -8.09 22.10
C LEU G 300 14.21 -7.05 22.74
N LEU G 301 14.53 -7.22 24.03
CA LEU G 301 15.50 -6.36 24.67
C LEU G 301 16.88 -6.52 24.06
N PHE G 302 17.32 -7.77 23.82
CA PHE G 302 18.59 -7.98 23.14
C PHE G 302 18.59 -7.48 21.71
N PHE G 303 17.46 -7.56 21.02
CA PHE G 303 17.38 -7.10 19.64
C PHE G 303 17.49 -5.58 19.57
N HIS G 304 16.73 -4.86 20.39
CA HIS G 304 16.83 -3.41 20.38
C HIS G 304 18.09 -2.91 21.06
N LYS G 305 18.76 -3.75 21.85
CA LYS G 305 20.12 -3.43 22.27
C LYS G 305 21.07 -3.46 21.08
N GLY G 306 21.06 -4.56 20.33
CA GLY G 306 21.94 -4.69 19.18
C GLY G 306 21.64 -3.76 18.04
N ALA G 307 20.39 -3.26 17.96
CA ALA G 307 20.05 -2.31 16.91
C ALA G 307 20.74 -0.97 17.12
N LYS G 308 21.02 -0.61 18.37
CA LYS G 308 21.89 0.53 18.62
C LYS G 308 23.33 0.21 18.24
N LYS G 309 23.74 -1.06 18.39
CA LYS G 309 25.13 -1.43 18.15
C LYS G 309 25.46 -1.39 16.67
N SER G 310 24.58 -1.92 15.84
CA SER G 310 24.79 -1.89 14.40
C SER G 310 24.25 -0.63 13.73
N ARG G 311 23.64 0.27 14.52
CA ARG G 311 23.04 1.53 14.03
C ARG G 311 22.00 1.30 12.94
N PHE G 312 21.27 0.19 13.07
CA PHE G 312 20.24 -0.17 12.11
C PHE G 312 19.05 0.78 12.21
N ASP G 313 18.51 1.16 11.06
CA ASP G 313 17.30 1.97 11.00
C ASP G 313 16.11 1.04 10.92
N LEU G 314 15.22 1.10 11.90
CA LEU G 314 14.20 0.09 12.08
C LEU G 314 12.79 0.59 11.80
N GLU G 315 12.54 1.89 11.93
CA GLU G 315 11.20 2.40 11.68
C GLU G 315 10.86 2.33 10.19
N LYS G 316 11.86 2.55 9.34
CA LYS G 316 11.68 2.31 7.91
C LYS G 316 11.42 0.83 7.64
N TYR G 317 12.05 -0.05 8.43
CA TYR G 317 11.87 -1.49 8.25
C TYR G 317 10.44 -1.93 8.58
N ASN G 318 9.92 -1.54 9.75
CA ASN G 318 8.59 -2.05 10.08
C ASN G 318 7.50 -1.31 9.32
N GLN G 319 7.72 -0.03 8.97
CA GLN G 319 6.81 0.67 8.07
C GLN G 319 6.78 0.01 6.70
N LEU G 320 7.93 -0.47 6.22
CA LEU G 320 8.00 -1.11 4.92
C LEU G 320 7.32 -2.48 4.95
N LYS G 321 7.45 -3.20 6.06
CA LYS G 321 6.76 -4.49 6.19
C LYS G 321 5.25 -4.33 6.27
N ASP G 322 4.78 -3.30 6.98
CA ASP G 322 3.35 -3.01 7.02
C ASP G 322 2.82 -2.62 5.64
N ALA G 323 3.62 -1.88 4.86
CA ALA G 323 3.22 -1.52 3.51
C ALA G 323 3.16 -2.71 2.57
N ILE G 324 3.88 -3.80 2.87
CA ILE G 324 3.76 -5.01 2.07
C ILE G 324 2.53 -5.81 2.48
N ALA G 325 2.27 -5.88 3.79
CA ALA G 325 1.11 -6.63 4.27
C ALA G 325 -0.20 -6.01 3.83
N GLN G 326 -0.25 -4.67 3.75
CA GLN G 326 -1.45 -4.00 3.27
C GLN G 326 -1.74 -4.36 1.82
N ALA G 327 -0.69 -4.44 1.00
CA ALA G 327 -0.84 -4.82 -0.40
C ALA G 327 -1.25 -6.29 -0.55
N GLU G 328 -0.75 -7.15 0.34
CA GLU G 328 -1.18 -8.55 0.33
C GLU G 328 -2.66 -8.70 0.70
N MET G 329 -3.14 -7.92 1.67
CA MET G 329 -4.56 -7.93 2.01
C MET G 329 -5.41 -7.40 0.86
N ASP G 330 -4.94 -6.36 0.16
CA ASP G 330 -5.68 -5.86 -0.98
C ASP G 330 -5.73 -6.86 -2.13
N LEU G 331 -4.64 -7.61 -2.36
CA LEU G 331 -4.70 -8.64 -3.40
C LEU G 331 -5.62 -9.80 -2.99
N LYS G 332 -5.66 -10.14 -1.71
CA LYS G 332 -6.57 -11.18 -1.24
C LYS G 332 -8.03 -10.76 -1.41
N ARG G 333 -8.32 -9.47 -1.20
CA ARG G 333 -9.68 -9.01 -1.51
C ARG G 333 -9.95 -8.93 -3.01
N LEU G 334 -8.95 -8.55 -3.81
CA LEU G 334 -9.13 -8.48 -5.25
C LEU G 334 -9.22 -9.84 -5.93
N ARG G 335 -8.85 -10.92 -5.25
CA ARG G 335 -9.06 -12.25 -5.80
C ARG G 335 -10.54 -12.57 -6.03
N ASP G 336 -11.43 -12.00 -5.23
CA ASP G 336 -12.83 -12.41 -5.26
C ASP G 336 -13.59 -11.84 -6.46
N PRO G 337 -13.60 -10.52 -6.78
CA PRO G 337 -14.39 -10.09 -7.94
C PRO G 337 -13.77 -10.40 -9.28
N LEU G 338 -12.46 -10.57 -9.35
CA LEU G 338 -11.81 -10.88 -10.63
C LEU G 338 -11.98 -12.34 -11.02
N GLN G 339 -12.16 -13.24 -10.07
CA GLN G 339 -12.20 -14.66 -10.36
C GLN G 339 -13.53 -15.32 -10.07
N VAL G 340 -14.31 -14.80 -9.12
CA VAL G 340 -15.51 -15.50 -8.66
C VAL G 340 -16.73 -14.70 -9.09
N HIS G 341 -16.54 -13.38 -9.26
CA HIS G 341 -17.58 -12.42 -9.66
C HIS G 341 -18.71 -12.34 -8.66
N LEU G 342 -18.39 -12.54 -7.40
CA LEU G 342 -19.18 -12.36 -6.20
C LEU G 342 -18.86 -11.03 -5.56
N PRO G 343 -19.72 -10.47 -4.69
CA PRO G 343 -19.45 -9.14 -4.14
C PRO G 343 -18.24 -9.10 -3.22
N LEU G 344 -17.75 -7.89 -3.04
CA LEU G 344 -16.55 -7.57 -2.28
C LEU G 344 -16.93 -7.13 -0.87
N ARG G 345 -16.01 -7.34 0.07
CA ARG G 345 -16.21 -6.89 1.44
C ARG G 345 -15.07 -5.96 1.85
N GLN G 346 -15.30 -5.23 2.93
CA GLN G 346 -14.41 -4.14 3.32
C GLN G 346 -14.16 -4.05 4.82
N VAL H 48 -6.37 -28.27 19.94
CA VAL H 48 -6.40 -28.05 18.51
C VAL H 48 -5.22 -28.72 17.84
N ILE H 49 -5.50 -29.68 16.97
CA ILE H 49 -4.47 -30.32 16.16
C ILE H 49 -4.95 -30.29 14.72
N VAL H 50 -6.23 -30.05 14.54
CA VAL H 50 -6.86 -29.96 13.23
C VAL H 50 -7.38 -28.55 13.06
N THR H 51 -7.02 -27.89 11.96
CA THR H 51 -7.38 -26.50 11.78
C THR H 51 -8.85 -26.36 11.38
N ARG H 52 -9.25 -25.12 11.09
CA ARG H 52 -10.63 -24.80 10.79
C ARG H 52 -11.10 -25.41 9.47
N SER H 53 -10.18 -25.69 8.55
CA SER H 53 -10.50 -26.27 7.26
C SER H 53 -10.38 -27.79 7.25
N GLY H 54 -10.23 -28.41 8.42
CA GLY H 54 -10.11 -29.84 8.51
C GLY H 54 -8.71 -30.39 8.28
N ALA H 55 -7.75 -29.53 7.95
CA ALA H 55 -6.42 -29.97 7.56
C ALA H 55 -5.61 -30.41 8.77
N ILE H 56 -4.33 -30.71 8.57
CA ILE H 56 -3.46 -31.23 9.62
C ILE H 56 -2.27 -30.30 9.77
N LEU H 57 -1.96 -29.94 11.03
CA LEU H 57 -0.86 -29.04 11.34
C LEU H 57 0.48 -29.66 10.95
N PRO H 58 1.49 -28.85 10.66
CA PRO H 58 2.78 -29.40 10.24
C PRO H 58 3.51 -30.08 11.39
N LYS H 59 4.58 -30.78 11.02
CA LYS H 59 5.29 -31.64 11.96
C LYS H 59 6.10 -30.81 12.94
N PRO H 60 6.05 -31.10 14.23
CA PRO H 60 6.97 -30.51 15.20
C PRO H 60 8.28 -31.30 15.25
N VAL H 61 9.37 -30.58 15.49
CA VAL H 61 10.71 -31.12 15.27
C VAL H 61 11.47 -31.17 16.59
N LYS H 62 12.20 -32.26 16.79
CA LYS H 62 13.17 -32.35 17.87
C LYS H 62 14.50 -31.74 17.43
N MET H 63 15.25 -31.18 18.38
CA MET H 63 16.41 -30.38 18.05
C MET H 63 17.71 -31.16 18.22
N SER H 64 18.44 -31.32 17.10
CA SER H 64 19.90 -31.46 17.01
C SER H 64 20.53 -32.40 18.04
N PHE H 65 19.91 -33.57 18.22
CA PHE H 65 20.25 -34.54 19.27
C PHE H 65 20.27 -33.89 20.65
N GLY H 66 19.14 -33.31 21.01
CA GLY H 66 19.03 -32.62 22.28
C GLY H 66 19.04 -33.54 23.48
N LEU H 67 18.56 -34.78 23.31
CA LEU H 67 18.48 -35.72 24.42
C LEU H 67 19.86 -36.13 24.91
N LEU H 68 20.87 -36.11 24.05
CA LEU H 68 22.22 -36.51 24.41
C LEU H 68 23.12 -35.34 24.74
N ARG H 69 22.60 -34.11 24.75
CA ARG H 69 23.38 -32.98 25.23
C ARG H 69 22.75 -32.27 26.43
N VAL H 70 21.44 -32.36 26.62
CA VAL H 70 20.88 -32.04 27.93
C VAL H 70 21.44 -33.00 28.98
N PHE H 71 21.54 -34.28 28.60
CA PHE H 71 22.09 -35.32 29.47
C PHE H 71 23.56 -35.10 29.78
N SER H 72 24.30 -34.38 28.93
CA SER H 72 25.71 -34.12 29.19
C SER H 72 25.97 -32.64 29.48
N ILE H 73 24.92 -31.87 29.71
CA ILE H 73 25.07 -30.57 30.36
C ILE H 73 24.54 -30.58 31.79
N VAL H 74 23.65 -31.51 32.17
CA VAL H 74 23.23 -31.58 33.57
C VAL H 74 24.26 -32.22 34.48
N ILE H 75 25.17 -33.03 33.93
CA ILE H 75 26.21 -33.71 34.70
C ILE H 75 27.44 -32.85 35.03
N PRO H 76 28.08 -32.10 34.08
CA PRO H 76 29.30 -31.39 34.48
C PRO H 76 29.07 -30.26 35.47
N PHE H 77 27.96 -29.54 35.35
CA PHE H 77 27.66 -28.53 36.35
C PHE H 77 27.30 -29.16 37.69
N LEU H 78 26.76 -30.38 37.69
CA LEU H 78 26.54 -31.06 38.96
C LEU H 78 27.87 -31.48 39.60
N TYR H 79 28.84 -31.86 38.77
CA TYR H 79 30.17 -32.20 39.27
C TYR H 79 30.87 -30.96 39.82
N VAL H 80 30.76 -29.84 39.11
CA VAL H 80 31.32 -28.57 39.60
C VAL H 80 30.57 -28.12 40.86
N GLY H 81 29.28 -28.43 40.97
CA GLY H 81 28.54 -28.09 42.15
C GLY H 81 28.97 -28.88 43.38
N THR H 82 29.13 -30.19 43.24
CA THR H 82 29.60 -30.96 44.38
C THR H 82 31.05 -30.64 44.72
N LEU H 83 31.87 -30.26 43.74
CA LEU H 83 33.22 -29.79 43.98
C LEU H 83 33.25 -28.49 44.78
N ILE H 84 32.47 -27.47 44.37
CA ILE H 84 32.47 -26.21 45.11
C ILE H 84 31.79 -26.33 46.46
N SER H 85 30.86 -27.27 46.62
CA SER H 85 30.25 -27.51 47.91
C SER H 85 31.23 -28.14 48.89
N LYS H 86 32.01 -29.13 48.43
CA LYS H 86 33.07 -29.67 49.27
C LYS H 86 34.15 -28.63 49.57
N ASN H 87 34.45 -27.76 48.60
CA ASN H 87 35.39 -26.67 48.82
C ASN H 87 34.91 -25.72 49.90
N PHE H 88 33.62 -25.36 49.87
CA PHE H 88 33.10 -24.46 50.90
C PHE H 88 32.99 -25.13 52.25
N ALA H 89 32.57 -26.39 52.30
CA ALA H 89 32.42 -27.09 53.57
C ALA H 89 33.75 -27.45 54.19
N ALA H 90 34.84 -27.44 53.43
CA ALA H 90 36.17 -27.47 54.02
C ALA H 90 36.72 -26.09 54.34
N LEU H 91 36.38 -25.09 53.52
CA LEU H 91 36.98 -23.77 53.67
C LEU H 91 36.41 -23.04 54.88
N LEU H 92 35.15 -23.25 55.20
CA LEU H 92 34.62 -22.59 56.39
C LEU H 92 35.07 -23.32 57.64
N GLU H 93 35.45 -24.59 57.50
CA GLU H 93 36.06 -25.31 58.62
C GLU H 93 37.51 -24.89 58.84
N GLU H 94 38.21 -24.49 57.78
CA GLU H 94 39.55 -23.91 57.91
C GLU H 94 39.52 -22.44 58.31
N HIS H 95 38.44 -21.72 57.99
CA HIS H 95 38.29 -20.31 58.35
C HIS H 95 37.75 -20.13 59.76
N ASP H 96 36.96 -21.08 60.26
CA ASP H 96 36.28 -21.05 61.57
C ASP H 96 35.44 -19.81 61.79
N ASP I 74 19.08 61.95 -6.63
CA ASP I 74 20.25 62.58 -7.25
C ASP I 74 21.13 61.49 -7.86
N VAL I 75 21.21 61.48 -9.20
CA VAL I 75 21.99 60.51 -9.95
C VAL I 75 23.04 61.25 -10.76
N THR I 76 24.30 60.85 -10.63
CA THR I 76 25.40 61.35 -11.46
C THR I 76 26.12 60.16 -12.07
N VAL I 77 26.06 60.05 -13.40
CA VAL I 77 26.61 58.90 -14.11
C VAL I 77 27.92 59.30 -14.77
N VAL I 78 28.95 58.50 -14.56
CA VAL I 78 30.28 58.75 -15.09
C VAL I 78 30.57 57.74 -16.20
N TYR I 79 31.02 58.23 -17.35
CA TYR I 79 31.56 57.33 -18.36
C TYR I 79 32.98 56.94 -17.97
N GLN I 80 33.30 55.66 -18.13
CA GLN I 80 34.52 55.09 -17.55
C GLN I 80 34.91 53.89 -18.40
N ASN I 81 36.16 53.91 -18.89
CA ASN I 81 36.75 52.87 -19.74
C ASN I 81 35.91 52.62 -21.00
N GLY I 82 35.27 53.68 -21.51
CA GLY I 82 34.42 53.56 -22.67
C GLY I 82 33.02 53.04 -22.43
N LEU I 83 32.58 52.93 -21.16
CA LEU I 83 31.24 52.44 -20.87
C LEU I 83 30.63 53.23 -19.72
N PRO I 84 29.32 53.43 -19.67
CA PRO I 84 28.73 54.17 -18.54
C PRO I 84 28.75 53.36 -17.25
N VAL I 85 28.72 54.09 -16.13
CA VAL I 85 28.70 53.51 -14.80
C VAL I 85 27.55 54.16 -14.05
N ILE I 86 26.48 53.42 -13.81
CA ILE I 86 25.24 53.99 -13.31
C ILE I 86 25.29 54.07 -11.79
N SER I 87 25.12 55.28 -11.25
CA SER I 87 25.15 55.52 -9.82
C SER I 87 23.73 55.69 -9.30
N VAL I 88 23.26 54.70 -8.54
CA VAL I 88 21.86 54.63 -8.11
C VAL I 88 21.80 54.92 -6.61
N ARG I 89 21.00 55.92 -6.24
CA ARG I 89 20.58 56.08 -4.85
C ARG I 89 19.72 54.89 -4.47
N LEU I 90 20.22 54.06 -3.57
CA LEU I 90 19.45 52.92 -3.10
C LEU I 90 18.53 53.37 -1.98
N PRO I 91 17.20 53.33 -2.16
CA PRO I 91 16.31 54.00 -1.20
C PRO I 91 15.94 53.16 0.01
N SER I 92 16.13 51.84 -0.02
CA SER I 92 15.81 51.03 1.16
C SER I 92 16.98 51.05 2.15
N ARG I 93 18.13 50.53 1.75
CA ARG I 93 19.37 50.71 2.50
C ARG I 93 20.09 51.93 1.89
N ARG I 94 20.28 52.96 2.71
CA ARG I 94 20.56 54.31 2.21
C ARG I 94 22.03 54.44 1.81
N GLU I 95 22.34 53.92 0.62
CA GLU I 95 23.65 54.10 0.01
C GLU I 95 23.49 54.39 -1.48
N ARG I 96 24.61 54.66 -2.13
CA ARG I 96 24.66 55.05 -3.54
C ARG I 96 25.62 54.13 -4.28
N CYS I 97 25.08 53.14 -4.99
CA CYS I 97 25.88 52.08 -5.56
C CYS I 97 26.17 52.32 -7.04
N GLN I 98 27.15 51.58 -7.56
CA GLN I 98 27.56 51.69 -8.95
C GLN I 98 27.94 50.32 -9.50
N PHE I 99 27.84 50.18 -10.82
CA PHE I 99 27.92 48.92 -11.54
C PHE I 99 28.99 49.03 -12.64
N THR I 100 29.01 48.04 -13.53
CA THR I 100 29.81 48.09 -14.75
C THR I 100 29.08 47.27 -15.82
N LEU I 101 28.71 47.93 -16.93
CA LEU I 101 27.75 47.34 -17.86
C LEU I 101 28.30 47.30 -19.28
N LYS I 102 28.25 46.10 -19.88
CA LYS I 102 28.59 45.86 -21.28
C LYS I 102 27.29 45.58 -22.02
N PRO I 103 26.67 46.59 -22.65
CA PRO I 103 25.26 46.49 -23.02
C PRO I 103 24.92 45.63 -24.23
N ILE I 104 25.85 44.80 -24.70
CA ILE I 104 25.48 43.80 -25.70
C ILE I 104 24.90 42.56 -25.03
N SER I 105 25.70 41.89 -24.20
CA SER I 105 25.19 40.77 -23.42
C SER I 105 24.42 41.23 -22.19
N ASP I 106 24.44 42.52 -21.89
CA ASP I 106 23.56 43.14 -20.91
C ASP I 106 22.48 43.93 -21.66
N SER I 107 21.52 44.45 -20.90
CA SER I 107 20.44 45.25 -21.45
C SER I 107 19.80 46.06 -20.33
N VAL I 108 18.63 46.63 -20.63
CA VAL I 108 17.89 47.41 -19.65
C VAL I 108 17.32 46.51 -18.56
N GLY I 109 16.66 45.41 -18.94
CA GLY I 109 16.15 44.47 -17.96
C GLY I 109 17.23 43.74 -17.19
N VAL I 110 18.40 43.54 -17.81
CA VAL I 110 19.56 43.04 -17.08
C VAL I 110 19.95 43.99 -15.96
N PHE I 111 19.91 45.31 -16.25
CA PHE I 111 20.17 46.32 -15.23
C PHE I 111 19.09 46.35 -14.16
N LEU I 112 17.83 46.13 -14.55
CA LEU I 112 16.75 46.13 -13.58
C LEU I 112 16.80 44.91 -12.67
N ARG I 113 17.36 43.81 -13.15
CA ARG I 113 17.67 42.69 -12.26
C ARG I 113 18.73 43.07 -11.22
N GLN I 114 19.69 43.91 -11.61
CA GLN I 114 20.82 44.25 -10.76
C GLN I 114 20.43 45.14 -9.60
N LEU I 115 19.38 45.96 -9.75
CA LEU I 115 18.95 46.81 -8.65
C LEU I 115 18.21 46.00 -7.59
N GLN I 116 17.43 45.00 -8.01
CA GLN I 116 16.85 44.09 -7.04
C GLN I 116 17.88 43.15 -6.44
N GLU I 117 18.99 42.88 -7.13
CA GLU I 117 19.99 42.01 -6.53
C GLU I 117 20.93 42.74 -5.58
N GLU I 118 21.37 43.95 -5.94
CA GLU I 118 22.23 44.74 -5.08
C GLU I 118 21.49 45.20 -3.83
N ASP I 119 20.45 46.01 -4.01
CA ASP I 119 19.56 46.44 -2.93
C ASP I 119 18.38 45.48 -2.96
N ARG I 120 18.39 44.47 -2.09
CA ARG I 120 17.27 43.54 -2.03
C ARG I 120 16.08 44.09 -1.23
N GLY I 121 16.15 45.33 -0.76
CA GLY I 121 15.02 45.97 -0.13
C GLY I 121 14.04 46.65 -1.07
N ILE I 122 14.40 46.78 -2.35
CA ILE I 122 13.51 47.40 -3.33
C ILE I 122 12.84 46.30 -4.15
N ASP I 123 11.64 46.60 -4.62
CA ASP I 123 10.91 45.64 -5.44
C ASP I 123 10.38 46.23 -6.74
N ARG I 124 9.97 47.49 -6.74
CA ARG I 124 9.45 48.14 -7.93
C ARG I 124 10.53 48.97 -8.59
N VAL I 125 10.79 48.71 -9.86
CA VAL I 125 11.76 49.50 -10.61
C VAL I 125 11.29 49.57 -12.07
N ALA I 126 11.49 50.72 -12.70
CA ALA I 126 11.11 50.91 -14.09
C ALA I 126 11.96 52.02 -14.69
N ILE I 127 12.01 52.07 -16.01
CA ILE I 127 12.78 53.07 -16.75
C ILE I 127 11.88 53.66 -17.83
N TYR I 128 11.64 54.96 -17.77
CA TYR I 128 10.81 55.66 -18.74
C TYR I 128 11.72 56.63 -19.48
N SER I 129 12.19 56.25 -20.68
CA SER I 129 13.23 57.11 -21.24
C SER I 129 12.75 58.41 -21.89
N PRO I 130 11.92 58.41 -22.99
CA PRO I 130 11.89 59.59 -23.85
C PRO I 130 10.98 60.70 -23.33
N ASP I 131 10.63 60.62 -22.05
CA ASP I 131 9.70 61.41 -21.24
C ASP I 131 8.25 61.03 -21.54
N GLY I 132 7.99 60.17 -22.52
CA GLY I 132 6.68 59.57 -22.64
C GLY I 132 6.53 58.15 -22.13
N VAL I 133 7.34 57.21 -22.64
CA VAL I 133 6.99 55.79 -22.62
C VAL I 133 8.10 54.95 -22.00
N ARG I 134 7.92 53.63 -22.01
CA ARG I 134 8.86 52.69 -21.39
C ARG I 134 9.78 52.07 -22.44
N VAL I 135 10.97 51.65 -21.98
CA VAL I 135 11.93 50.89 -22.77
C VAL I 135 11.69 49.41 -22.50
N ALA I 136 12.05 48.56 -23.46
CA ALA I 136 12.01 47.12 -23.27
C ALA I 136 13.07 46.67 -22.26
N ALA I 137 12.99 45.39 -21.91
CA ALA I 137 14.02 44.74 -21.11
C ALA I 137 15.13 44.13 -21.97
N SER I 138 15.25 44.55 -23.23
CA SER I 138 16.24 43.97 -24.12
C SER I 138 17.02 45.01 -24.93
N THR I 139 16.68 46.28 -24.83
CA THR I 139 17.46 47.33 -25.48
C THR I 139 18.77 47.52 -24.73
N GLY I 140 19.86 47.76 -25.47
CA GLY I 140 21.13 48.05 -24.84
C GLY I 140 21.21 49.48 -24.35
N ILE I 141 21.97 49.66 -23.26
CA ILE I 141 22.23 50.98 -22.70
C ILE I 141 23.01 51.83 -23.70
N ASP I 142 23.91 51.19 -24.45
CA ASP I 142 24.62 51.84 -25.56
C ASP I 142 23.67 52.31 -26.64
N LEU I 143 22.53 51.64 -26.79
CA LEU I 143 21.47 52.15 -27.64
C LEU I 143 20.58 53.14 -26.92
N LEU I 144 20.62 53.17 -25.59
CA LEU I 144 19.79 54.06 -24.79
C LEU I 144 20.44 55.42 -24.57
N LEU I 145 21.72 55.57 -24.92
CA LEU I 145 22.48 56.80 -24.67
C LEU I 145 21.93 58.05 -25.36
N LEU I 146 21.01 57.91 -26.31
CA LEU I 146 20.59 59.07 -27.09
C LEU I 146 19.49 59.88 -26.40
N ASP I 147 18.87 59.33 -25.36
CA ASP I 147 17.76 59.98 -24.68
C ASP I 147 17.99 59.95 -23.18
N ASP I 148 17.35 60.88 -22.46
CA ASP I 148 17.31 60.84 -21.00
C ASP I 148 16.49 59.65 -20.52
N PHE I 149 16.52 59.39 -19.22
CA PHE I 149 15.61 58.38 -18.69
C PHE I 149 15.22 58.66 -17.25
N LYS I 150 13.91 58.64 -17.00
CA LYS I 150 13.35 58.63 -15.66
C LYS I 150 13.53 57.21 -15.12
N LEU I 151 14.62 57.03 -14.37
CA LEU I 151 14.82 55.80 -13.62
C LEU I 151 14.00 55.91 -12.34
N VAL I 152 12.95 55.09 -12.20
CA VAL I 152 12.09 55.18 -11.03
C VAL I 152 12.20 53.90 -10.21
N ILE I 153 12.33 54.08 -8.90
CA ILE I 153 12.36 53.01 -7.92
C ILE I 153 11.10 53.23 -7.08
N ASN I 154 10.84 52.33 -6.11
CA ASN I 154 9.52 51.96 -5.55
C ASN I 154 8.55 53.11 -5.39
N ASP I 155 9.03 54.21 -4.83
CA ASP I 155 8.21 55.38 -4.58
C ASP I 155 8.95 56.68 -4.88
N LEU I 156 10.00 56.66 -5.68
CA LEU I 156 10.81 57.84 -5.96
C LEU I 156 10.92 58.02 -7.48
N THR I 157 11.77 58.98 -7.87
CA THR I 157 11.96 59.33 -9.27
C THR I 157 13.39 59.85 -9.43
N TYR I 158 14.06 59.48 -10.53
CA TYR I 158 15.39 59.97 -10.82
C TYR I 158 15.39 60.40 -12.28
N HIS I 159 15.26 61.69 -12.52
CA HIS I 159 14.99 62.25 -13.84
C HIS I 159 16.31 62.69 -14.46
N VAL I 160 17.14 61.72 -14.82
CA VAL I 160 18.53 61.96 -15.15
C VAL I 160 18.75 61.81 -16.66
N ARG I 161 19.85 62.42 -17.14
CA ARG I 161 20.29 62.38 -18.52
C ARG I 161 21.64 61.70 -18.61
N PRO I 162 21.84 60.75 -19.53
CA PRO I 162 23.10 59.97 -19.55
C PRO I 162 24.23 60.79 -20.14
N PRO I 163 25.49 60.42 -19.87
CA PRO I 163 26.60 61.19 -20.43
C PRO I 163 26.81 60.89 -21.90
N LYS I 164 27.31 61.89 -22.63
CA LYS I 164 27.47 61.78 -24.07
C LYS I 164 28.89 62.15 -24.49
N ASP J 74 23.95 1.12 -57.07
CA ASP J 74 25.19 1.27 -57.81
C ASP J 74 25.82 2.62 -57.49
N VAL J 75 26.87 2.61 -56.68
CA VAL J 75 27.49 3.84 -56.20
C VAL J 75 28.29 4.46 -57.34
N THR J 76 27.89 5.65 -57.76
CA THR J 76 28.51 6.35 -58.88
C THR J 76 29.11 7.67 -58.40
N VAL J 77 30.26 8.01 -58.98
CA VAL J 77 30.93 9.28 -58.75
C VAL J 77 30.99 10.02 -60.07
N VAL J 78 30.34 11.18 -60.14
CA VAL J 78 30.25 11.97 -61.37
C VAL J 78 30.82 13.36 -61.07
N TYR J 79 31.73 13.82 -61.92
CA TYR J 79 32.26 15.17 -61.78
C TYR J 79 31.35 16.17 -62.47
N GLN J 80 30.91 17.16 -61.72
CA GLN J 80 30.14 18.28 -62.26
C GLN J 80 30.47 19.50 -61.43
N ASN J 81 30.63 20.65 -62.12
CA ASN J 81 31.15 21.90 -61.54
C ASN J 81 32.50 21.70 -60.87
N GLY J 82 33.32 20.82 -61.45
CA GLY J 82 34.59 20.45 -60.86
C GLY J 82 34.50 19.73 -59.54
N LEU J 83 33.38 19.08 -59.24
CA LEU J 83 33.19 18.42 -57.95
C LEU J 83 32.53 17.06 -58.08
N PRO J 84 32.91 16.11 -57.23
CA PRO J 84 32.23 14.80 -57.24
C PRO J 84 30.85 14.83 -56.61
N VAL J 85 29.94 14.07 -57.21
CA VAL J 85 28.56 13.94 -56.75
C VAL J 85 28.31 12.44 -56.61
N ILE J 86 28.49 11.91 -55.40
CA ILE J 86 28.28 10.48 -55.16
C ILE J 86 26.78 10.22 -55.09
N SER J 87 26.34 9.11 -55.69
CA SER J 87 24.96 8.64 -55.58
C SER J 87 24.93 7.34 -54.79
N VAL J 88 24.27 7.35 -53.64
CA VAL J 88 24.20 6.21 -52.73
C VAL J 88 22.74 5.80 -52.61
N ARG J 89 22.49 4.49 -52.55
CA ARG J 89 21.15 4.00 -52.23
C ARG J 89 21.03 3.74 -50.73
N LEU J 90 20.12 4.47 -50.09
CA LEU J 90 19.82 4.43 -48.66
C LEU J 90 18.63 3.51 -48.42
N PRO J 91 18.64 2.69 -47.37
CA PRO J 91 17.61 1.65 -47.22
C PRO J 91 16.36 2.04 -46.44
N SER J 92 16.27 3.25 -45.89
CA SER J 92 15.06 3.61 -45.15
C SER J 92 13.91 3.92 -46.09
N ARG J 93 14.04 4.96 -46.90
CA ARG J 93 13.23 5.13 -48.10
C ARG J 93 14.00 4.50 -49.24
N ARG J 94 13.40 3.52 -49.90
CA ARG J 94 14.09 2.72 -50.92
C ARG J 94 14.29 3.53 -52.21
N GLU J 95 15.16 4.54 -52.11
CA GLU J 95 15.40 5.47 -53.19
C GLU J 95 16.77 6.10 -53.00
N ARG J 96 17.29 6.69 -54.07
CA ARG J 96 18.67 7.12 -54.12
C ARG J 96 18.86 8.41 -53.36
N CYS J 97 20.11 8.85 -53.27
CA CYS J 97 20.47 10.13 -52.66
C CYS J 97 21.81 10.56 -53.19
N GLN J 98 21.91 11.79 -53.68
CA GLN J 98 23.17 12.30 -54.19
C GLN J 98 23.71 13.38 -53.26
N PHE J 99 25.02 13.52 -53.30
CA PHE J 99 25.78 14.31 -52.36
C PHE J 99 26.46 15.45 -53.12
N THR J 100 27.36 16.16 -52.43
CA THR J 100 28.29 17.06 -53.10
C THR J 100 29.56 17.07 -52.27
N LEU J 101 30.66 16.54 -52.79
CA LEU J 101 31.90 16.49 -52.05
C LEU J 101 32.87 17.54 -52.54
N LYS J 102 33.49 18.23 -51.59
CA LYS J 102 34.52 19.22 -51.85
C LYS J 102 35.82 18.61 -51.39
N PRO J 103 36.61 18.01 -52.30
CA PRO J 103 37.68 17.09 -51.85
C PRO J 103 38.83 17.77 -51.13
N ILE J 104 39.08 19.05 -51.38
CA ILE J 104 40.16 19.73 -50.68
C ILE J 104 39.76 20.02 -49.24
N SER J 105 38.51 20.45 -49.03
CA SER J 105 38.07 20.80 -47.68
C SER J 105 37.60 19.56 -46.91
N ASP J 106 36.72 18.77 -47.52
CA ASP J 106 36.12 17.64 -46.81
C ASP J 106 37.07 16.46 -46.72
N SER J 107 36.93 15.72 -45.64
CA SER J 107 37.69 14.50 -45.36
C SER J 107 36.76 13.28 -45.48
N VAL J 108 37.28 12.12 -45.10
CA VAL J 108 36.46 10.91 -45.04
C VAL J 108 35.40 11.05 -43.94
N GLY J 109 35.77 11.64 -42.80
CA GLY J 109 34.87 11.72 -41.67
C GLY J 109 33.65 12.60 -41.91
N VAL J 110 33.80 13.65 -42.72
CA VAL J 110 32.66 14.48 -43.10
C VAL J 110 31.68 13.69 -43.97
N PHE J 111 32.21 12.91 -44.92
CA PHE J 111 31.39 12.05 -45.75
C PHE J 111 30.71 10.95 -44.94
N LEU J 112 31.37 10.45 -43.89
CA LEU J 112 30.74 9.47 -43.02
C LEU J 112 29.71 10.11 -42.10
N ARG J 113 29.88 11.38 -41.76
CA ARG J 113 28.89 12.06 -40.94
C ARG J 113 27.66 12.40 -41.75
N GLN J 114 27.82 12.68 -43.05
CA GLN J 114 26.70 12.99 -43.93
C GLN J 114 25.91 11.75 -44.35
N LEU J 115 26.22 10.57 -43.82
CA LEU J 115 25.40 9.39 -44.00
C LEU J 115 24.57 9.08 -42.76
N GLN J 116 25.15 9.25 -41.57
CA GLN J 116 24.40 9.02 -40.34
C GLN J 116 23.58 10.25 -39.95
N GLU J 117 23.86 11.41 -40.55
CA GLU J 117 22.97 12.54 -40.40
C GLU J 117 21.79 12.46 -41.36
N GLU J 118 22.06 12.09 -42.61
CA GLU J 118 21.04 12.10 -43.66
C GLU J 118 20.02 10.99 -43.46
N ASP J 119 20.49 9.78 -43.22
CA ASP J 119 19.63 8.65 -42.90
C ASP J 119 20.07 8.09 -41.57
N ARG J 120 19.21 8.20 -40.57
CA ARG J 120 19.55 7.70 -39.24
C ARG J 120 19.30 6.21 -39.08
N GLY J 121 18.79 5.55 -40.12
CA GLY J 121 18.59 4.11 -40.04
C GLY J 121 19.88 3.33 -40.13
N ILE J 122 20.81 3.77 -40.97
CA ILE J 122 22.10 3.11 -41.09
C ILE J 122 22.94 3.44 -39.86
N ASP J 123 23.72 2.47 -39.41
CA ASP J 123 24.37 2.56 -38.12
C ASP J 123 25.83 2.15 -38.12
N ARG J 124 26.33 1.52 -39.18
CA ARG J 124 27.73 1.15 -39.30
C ARG J 124 28.16 1.41 -40.73
N VAL J 125 29.24 2.15 -40.91
CA VAL J 125 29.68 2.53 -42.24
C VAL J 125 31.20 2.69 -42.22
N ALA J 126 31.85 2.17 -43.28
CA ALA J 126 33.30 2.19 -43.38
C ALA J 126 33.70 2.03 -44.84
N ILE J 127 35.00 2.22 -45.07
CA ILE J 127 35.60 2.36 -46.39
C ILE J 127 36.84 1.47 -46.47
N TYR J 128 36.92 0.63 -47.50
CA TYR J 128 38.00 -0.34 -47.70
C TYR J 128 38.65 -0.07 -49.06
N SER J 129 39.71 0.72 -49.09
CA SER J 129 40.36 1.00 -50.37
C SER J 129 41.36 -0.05 -50.87
N PRO J 130 42.34 -0.61 -50.06
CA PRO J 130 43.31 -1.53 -50.67
C PRO J 130 42.82 -2.97 -50.64
N ASP J 131 41.50 -3.12 -50.45
CA ASP J 131 40.71 -4.34 -50.25
C ASP J 131 40.92 -4.94 -48.87
N GLY J 132 41.88 -4.43 -48.10
CA GLY J 132 42.17 -5.01 -46.81
C GLY J 132 41.66 -4.29 -45.58
N VAL J 133 41.90 -2.98 -45.46
CA VAL J 133 41.85 -2.31 -44.18
C VAL J 133 40.85 -1.16 -44.20
N ARG J 134 40.38 -0.79 -43.02
CA ARG J 134 39.62 0.43 -42.83
C ARG J 134 40.53 1.63 -43.05
N VAL J 135 40.10 2.55 -43.89
CA VAL J 135 40.86 3.76 -44.18
C VAL J 135 40.68 4.73 -43.02
N ALA J 136 41.73 5.51 -42.73
CA ALA J 136 41.74 6.39 -41.57
C ALA J 136 40.70 7.50 -41.70
N ALA J 137 40.21 7.96 -40.55
CA ALA J 137 39.07 8.87 -40.46
C ALA J 137 39.43 10.33 -40.70
N SER J 138 40.62 10.62 -41.23
CA SER J 138 41.00 11.99 -41.56
C SER J 138 41.64 12.07 -42.94
N THR J 139 41.37 11.08 -43.80
CA THR J 139 41.89 11.09 -45.15
C THR J 139 41.08 12.07 -45.99
N GLY J 140 41.77 12.91 -46.75
CA GLY J 140 41.09 13.74 -47.73
C GLY J 140 40.59 12.92 -48.90
N ILE J 141 39.54 13.42 -49.55
CA ILE J 141 38.96 12.74 -50.70
C ILE J 141 39.93 12.76 -51.87
N ASP J 142 40.78 13.80 -51.94
CA ASP J 142 41.90 13.82 -52.87
C ASP J 142 42.91 12.71 -52.58
N LEU J 143 43.02 12.28 -51.33
CA LEU J 143 43.85 11.14 -50.98
C LEU J 143 43.04 9.85 -50.87
N LEU J 144 41.82 9.83 -51.42
CA LEU J 144 40.99 8.63 -51.42
C LEU J 144 40.57 8.17 -52.79
N LEU J 145 40.16 9.09 -53.68
CA LEU J 145 39.60 8.73 -54.99
C LEU J 145 40.61 8.16 -55.98
N LEU J 146 41.88 8.00 -55.62
CA LEU J 146 42.84 7.52 -56.61
C LEU J 146 42.78 6.01 -56.82
N ASP J 147 42.14 5.28 -55.92
CA ASP J 147 41.82 3.87 -56.14
C ASP J 147 40.33 3.65 -55.91
N ASP J 148 39.94 2.38 -55.93
CA ASP J 148 38.60 2.01 -55.51
C ASP J 148 38.45 2.17 -54.00
N PHE J 149 37.21 2.09 -53.53
CA PHE J 149 36.95 2.02 -52.10
C PHE J 149 35.63 1.29 -51.87
N LYS J 150 35.72 0.07 -51.36
CA LYS J 150 34.53 -0.70 -51.06
C LYS J 150 33.83 -0.08 -49.85
N LEU J 151 32.60 0.35 -50.06
CA LEU J 151 31.81 1.05 -49.05
C LEU J 151 30.86 0.06 -48.41
N VAL J 152 30.88 -0.03 -47.09
CA VAL J 152 29.96 -0.94 -46.39
C VAL J 152 28.84 -0.12 -45.76
N ILE J 153 27.62 -0.55 -46.04
CA ILE J 153 26.41 -0.08 -45.37
C ILE J 153 25.97 -1.35 -44.65
N ASN J 154 24.85 -1.31 -43.89
CA ASN J 154 24.47 -2.16 -42.76
C ASN J 154 24.95 -3.60 -42.79
N ASP J 155 24.72 -4.26 -43.93
CA ASP J 155 25.42 -5.49 -44.27
C ASP J 155 25.77 -5.56 -45.75
N LEU J 156 25.55 -4.49 -46.49
CA LEU J 156 25.74 -4.47 -47.94
C LEU J 156 27.10 -3.89 -48.30
N THR J 157 27.72 -4.49 -49.31
CA THR J 157 29.04 -4.08 -49.78
C THR J 157 28.90 -3.55 -51.19
N TYR J 158 29.28 -2.29 -51.40
CA TYR J 158 29.29 -1.69 -52.73
C TYR J 158 30.73 -1.42 -53.13
N HIS J 159 31.19 -2.14 -54.14
CA HIS J 159 32.47 -1.85 -54.76
C HIS J 159 32.30 -0.69 -55.72
N VAL J 160 33.12 0.35 -55.54
CA VAL J 160 33.01 1.55 -56.36
C VAL J 160 34.22 1.60 -57.29
N ARG J 161 34.09 2.39 -58.35
CA ARG J 161 35.17 2.71 -59.25
C ARG J 161 35.16 4.22 -59.49
N PRO J 162 36.26 4.91 -59.30
CA PRO J 162 36.28 6.36 -59.49
C PRO J 162 36.52 6.71 -60.94
N PRO J 163 36.00 7.84 -61.40
CA PRO J 163 36.42 8.35 -62.71
C PRO J 163 37.81 8.97 -62.63
N LYS J 164 38.52 8.92 -63.75
CA LYS J 164 39.85 9.48 -63.84
C LYS J 164 40.00 10.38 -65.06
N VAL K 75 19.04 -21.91 -20.08
CA VAL K 75 19.19 -21.43 -18.72
C VAL K 75 17.93 -21.75 -17.92
N THR K 76 17.89 -21.30 -16.67
CA THR K 76 16.84 -21.69 -15.74
C THR K 76 16.15 -20.45 -15.18
N VAL K 77 14.88 -20.63 -14.79
CA VAL K 77 14.05 -19.56 -14.22
C VAL K 77 13.44 -20.08 -12.94
N VAL K 78 13.75 -19.43 -11.82
CA VAL K 78 13.16 -19.73 -10.52
C VAL K 78 12.82 -18.41 -9.83
N TYR K 79 11.54 -18.19 -9.52
CA TYR K 79 11.13 -17.00 -8.77
C TYR K 79 10.54 -17.38 -7.42
N GLN K 80 11.17 -18.35 -6.75
CA GLN K 80 10.85 -18.62 -5.34
C GLN K 80 11.29 -17.47 -4.45
N ASN K 81 12.33 -16.74 -4.86
CA ASN K 81 12.76 -15.50 -4.22
C ASN K 81 11.81 -14.33 -4.46
N GLY K 82 10.79 -14.51 -5.30
CA GLY K 82 10.00 -13.43 -5.81
C GLY K 82 10.51 -12.84 -7.11
N LEU K 83 11.75 -13.15 -7.48
CA LEU K 83 12.38 -12.62 -8.68
C LEU K 83 12.88 -13.79 -9.50
N PRO K 84 12.62 -13.82 -10.81
CA PRO K 84 13.13 -14.92 -11.63
C PRO K 84 14.64 -14.87 -11.79
N VAL K 85 15.34 -15.75 -11.08
CA VAL K 85 16.79 -15.78 -11.13
C VAL K 85 17.20 -16.45 -12.44
N ILE K 86 17.72 -15.66 -13.36
CA ILE K 86 18.35 -16.17 -14.57
C ILE K 86 19.87 -16.03 -14.36
N SER K 87 20.62 -16.99 -14.89
CA SER K 87 22.07 -16.94 -14.78
C SER K 87 22.66 -17.52 -16.06
N VAL K 88 23.44 -16.69 -16.75
CA VAL K 88 23.96 -17.00 -18.07
C VAL K 88 25.48 -16.81 -18.03
N ARG K 89 26.20 -17.57 -18.85
CA ARG K 89 27.61 -17.32 -19.08
C ARG K 89 27.84 -17.08 -20.57
N LEU K 90 28.70 -16.12 -20.87
CA LEU K 90 29.17 -15.90 -22.24
C LEU K 90 30.10 -17.05 -22.63
N PRO K 91 30.36 -17.23 -23.94
CA PRO K 91 31.36 -18.24 -24.33
C PRO K 91 32.76 -17.89 -23.85
N SER K 92 33.47 -18.93 -23.43
CA SER K 92 34.87 -18.91 -22.98
C SER K 92 35.09 -18.09 -21.71
N ARG K 93 34.04 -17.77 -20.96
CA ARG K 93 34.23 -17.14 -19.67
C ARG K 93 34.35 -18.21 -18.58
N ARG K 94 34.73 -17.75 -17.40
CA ARG K 94 34.62 -18.56 -16.20
C ARG K 94 33.44 -18.16 -15.33
N GLU K 95 32.78 -17.06 -15.65
CA GLU K 95 31.84 -16.41 -14.76
C GLU K 95 30.41 -16.69 -15.20
N ARG K 96 29.60 -17.16 -14.24
CA ARG K 96 28.21 -17.52 -14.45
C ARG K 96 27.36 -16.41 -13.83
N CYS K 97 27.11 -15.35 -14.59
CA CYS K 97 26.53 -14.16 -14.01
C CYS K 97 25.02 -14.30 -13.84
N GLN K 98 24.53 -13.84 -12.70
CA GLN K 98 23.14 -13.96 -12.32
C GLN K 98 22.47 -12.59 -12.26
N PHE K 99 21.22 -12.53 -12.72
CA PHE K 99 20.53 -11.27 -12.92
C PHE K 99 19.19 -11.27 -12.18
N THR K 100 18.78 -10.07 -11.79
CA THR K 100 17.52 -9.82 -11.10
C THR K 100 16.66 -8.92 -11.98
N LEU K 101 15.52 -9.45 -12.41
CA LEU K 101 14.62 -8.67 -13.32
C LEU K 101 13.18 -8.76 -12.82
N LYS K 102 12.54 -7.60 -12.68
CA LYS K 102 11.15 -7.50 -12.24
C LYS K 102 10.20 -7.89 -13.35
N PRO K 103 8.99 -8.32 -13.02
CA PRO K 103 7.98 -8.57 -14.06
C PRO K 103 7.11 -7.39 -14.42
N ILE K 104 7.22 -6.26 -13.71
CA ILE K 104 6.22 -5.21 -13.79
C ILE K 104 6.78 -3.87 -14.24
N SER K 105 8.05 -3.60 -13.92
CA SER K 105 8.69 -2.35 -14.28
C SER K 105 10.00 -2.57 -15.02
N ASP K 106 10.31 -3.79 -15.38
CA ASP K 106 11.48 -4.13 -16.17
C ASP K 106 11.01 -4.66 -17.51
N SER K 107 11.85 -4.46 -18.53
CA SER K 107 11.56 -4.88 -19.89
C SER K 107 12.78 -5.57 -20.45
N VAL K 108 12.76 -5.84 -21.76
CA VAL K 108 13.91 -6.46 -22.42
C VAL K 108 15.04 -5.45 -22.52
N GLY K 109 14.72 -4.16 -22.63
CA GLY K 109 15.72 -3.15 -22.95
C GLY K 109 16.76 -2.94 -21.87
N VAL K 110 16.33 -2.56 -20.66
CA VAL K 110 17.30 -2.36 -19.59
C VAL K 110 17.79 -3.69 -19.01
N PHE K 111 17.10 -4.80 -19.30
CA PHE K 111 17.70 -6.11 -19.08
C PHE K 111 18.96 -6.29 -19.91
N LEU K 112 18.88 -6.04 -21.21
CA LEU K 112 20.06 -6.12 -22.05
C LEU K 112 21.10 -5.06 -21.73
N ARG K 113 20.68 -3.90 -21.23
CA ARG K 113 21.65 -2.88 -20.82
C ARG K 113 22.41 -3.27 -19.55
N GLN K 114 21.71 -3.82 -18.55
CA GLN K 114 22.37 -4.38 -17.37
C GLN K 114 23.24 -5.58 -17.75
N LEU K 115 22.84 -6.33 -18.78
CA LEU K 115 23.67 -7.41 -19.27
C LEU K 115 24.95 -6.90 -19.90
N GLN K 116 24.86 -5.84 -20.69
CA GLN K 116 25.97 -5.45 -21.54
C GLN K 116 26.83 -4.33 -20.96
N GLU K 117 26.46 -3.78 -19.81
CA GLU K 117 27.41 -2.94 -19.08
C GLU K 117 28.39 -3.77 -18.28
N GLU K 118 28.07 -5.02 -17.99
CA GLU K 118 28.92 -5.86 -17.15
C GLU K 118 30.15 -6.35 -17.89
N ASP K 119 29.98 -6.86 -19.11
CA ASP K 119 30.97 -7.71 -19.75
C ASP K 119 31.34 -7.15 -21.13
N ARG K 120 32.16 -7.91 -21.85
CA ARG K 120 32.73 -7.45 -23.11
C ARG K 120 32.30 -8.26 -24.32
N GLY K 121 31.63 -9.39 -24.14
CA GLY K 121 31.18 -10.18 -25.27
C GLY K 121 29.84 -9.70 -25.83
N ILE K 122 29.79 -8.45 -26.25
CA ILE K 122 28.57 -7.80 -26.72
C ILE K 122 28.81 -7.48 -28.19
N ASP K 123 29.47 -8.40 -28.89
CA ASP K 123 29.47 -8.36 -30.33
C ASP K 123 28.05 -8.47 -30.89
N ARG K 124 27.26 -9.42 -30.37
CA ARG K 124 25.86 -9.54 -30.73
C ARG K 124 25.04 -9.88 -29.48
N VAL K 125 23.78 -9.48 -29.50
CA VAL K 125 22.81 -9.88 -28.48
C VAL K 125 21.41 -9.74 -29.09
N ALA K 126 20.58 -10.76 -28.87
CA ALA K 126 19.22 -10.79 -29.42
C ALA K 126 18.40 -11.80 -28.62
N ILE K 127 17.09 -11.65 -28.70
CA ILE K 127 16.16 -12.63 -28.15
C ILE K 127 15.16 -12.92 -29.25
N TYR K 128 15.25 -14.11 -29.83
CA TYR K 128 14.27 -14.47 -30.84
C TYR K 128 13.12 -15.23 -30.20
N SER K 129 12.01 -15.27 -30.91
CA SER K 129 10.89 -16.13 -30.55
C SER K 129 11.29 -17.58 -30.83
N PRO K 130 10.55 -18.55 -30.28
CA PRO K 130 10.67 -19.93 -30.78
C PRO K 130 10.18 -20.11 -32.22
N ASP K 131 9.55 -19.11 -32.82
CA ASP K 131 9.29 -19.07 -34.24
C ASP K 131 10.41 -18.40 -35.02
N GLY K 132 11.55 -18.14 -34.38
CA GLY K 132 12.71 -17.55 -35.04
C GLY K 132 12.72 -16.04 -35.11
N VAL K 133 11.56 -15.40 -35.04
CA VAL K 133 11.44 -13.96 -35.27
C VAL K 133 11.87 -13.22 -34.01
N ARG K 134 12.49 -12.05 -34.19
CA ARG K 134 12.91 -11.23 -33.07
C ARG K 134 11.71 -10.62 -32.34
N VAL K 135 11.70 -10.74 -31.02
CA VAL K 135 10.76 -10.01 -30.19
C VAL K 135 11.33 -8.61 -29.95
N ALA K 136 10.46 -7.61 -29.94
CA ALA K 136 10.92 -6.24 -29.77
C ALA K 136 11.46 -6.02 -28.36
N ALA K 137 12.47 -5.17 -28.26
CA ALA K 137 13.22 -5.01 -27.02
C ALA K 137 12.55 -4.06 -26.03
N SER K 138 11.26 -3.79 -26.18
CA SER K 138 10.51 -2.97 -25.22
C SER K 138 9.23 -3.65 -24.77
N THR K 139 9.21 -4.98 -24.72
CA THR K 139 8.07 -5.70 -24.20
C THR K 139 8.31 -6.11 -22.74
N GLY K 140 7.22 -6.49 -22.08
CA GLY K 140 7.29 -6.79 -20.66
C GLY K 140 7.92 -8.14 -20.37
N ILE K 141 8.49 -8.25 -19.18
CA ILE K 141 9.18 -9.46 -18.76
C ILE K 141 8.19 -10.57 -18.45
N ASP K 142 7.09 -10.25 -17.76
CA ASP K 142 6.03 -11.22 -17.54
C ASP K 142 5.25 -11.49 -18.83
N LEU K 143 5.38 -10.60 -19.83
CA LEU K 143 4.88 -10.89 -21.16
C LEU K 143 5.84 -11.77 -21.96
N LEU K 144 7.09 -11.86 -21.50
CA LEU K 144 8.14 -12.61 -22.19
C LEU K 144 8.26 -14.04 -21.67
N LEU K 145 8.47 -14.20 -20.36
CA LEU K 145 8.76 -15.51 -19.80
C LEU K 145 7.52 -16.38 -19.62
N LEU K 146 6.33 -15.87 -19.94
CA LEU K 146 5.14 -16.71 -19.95
C LEU K 146 5.20 -17.75 -21.07
N ASP K 147 5.95 -17.45 -22.12
CA ASP K 147 6.23 -18.34 -23.23
C ASP K 147 7.74 -18.60 -23.26
N ASP K 148 8.17 -19.52 -24.11
CA ASP K 148 9.59 -19.77 -24.30
C ASP K 148 10.21 -18.67 -25.17
N PHE K 149 11.53 -18.67 -25.25
CA PHE K 149 12.26 -17.76 -26.12
C PHE K 149 13.67 -18.29 -26.36
N LYS K 150 14.19 -18.04 -27.56
CA LYS K 150 15.55 -18.39 -27.92
C LYS K 150 16.46 -17.23 -27.55
N LEU K 151 17.16 -17.36 -26.43
CA LEU K 151 18.17 -16.36 -26.06
C LEU K 151 19.40 -16.55 -26.95
N VAL K 152 19.84 -15.47 -27.61
CA VAL K 152 20.93 -15.55 -28.56
C VAL K 152 21.99 -14.53 -28.16
N ILE K 153 23.17 -15.02 -27.81
CA ILE K 153 24.33 -14.16 -27.69
C ILE K 153 25.20 -14.66 -28.83
N ASN K 154 26.38 -14.05 -29.01
CA ASN K 154 27.15 -13.87 -30.24
C ASN K 154 27.05 -14.99 -31.27
N ASP K 155 27.12 -16.24 -30.80
CA ASP K 155 26.84 -17.36 -31.68
C ASP K 155 26.01 -18.48 -31.08
N LEU K 156 25.69 -18.44 -29.77
CA LEU K 156 25.20 -19.62 -29.08
C LEU K 156 23.72 -19.47 -28.69
N THR K 157 23.00 -20.60 -28.72
CA THR K 157 21.55 -20.63 -28.58
C THR K 157 21.18 -21.23 -27.23
N TYR K 158 20.41 -20.50 -26.44
CA TYR K 158 19.93 -20.96 -25.14
C TYR K 158 18.40 -21.02 -25.17
N HIS K 159 17.86 -22.23 -25.15
CA HIS K 159 16.43 -22.40 -24.98
C HIS K 159 16.10 -22.41 -23.49
N VAL K 160 15.02 -21.75 -23.12
CA VAL K 160 14.64 -21.59 -21.72
C VAL K 160 13.40 -22.43 -21.46
N ARG K 161 13.39 -23.13 -20.33
CA ARG K 161 12.19 -23.81 -19.84
C ARG K 161 11.71 -23.15 -18.56
N PRO K 162 10.94 -22.07 -18.66
CA PRO K 162 10.46 -21.38 -17.46
C PRO K 162 9.35 -22.18 -16.80
N PRO K 163 9.05 -21.92 -15.52
CA PRO K 163 7.89 -22.58 -14.90
C PRO K 163 6.60 -22.10 -15.53
N LYS K 164 5.81 -23.05 -16.02
CA LYS K 164 4.72 -22.76 -16.92
C LYS K 164 3.41 -22.56 -16.17
N ASN K 177 -18.33 -13.41 -21.94
CA ASN K 177 -19.18 -13.60 -20.78
C ASN K 177 -19.16 -12.35 -19.92
N ASP K 178 -18.21 -11.47 -20.21
CA ASP K 178 -17.99 -10.25 -19.44
C ASP K 178 -18.98 -9.14 -19.77
N VAL K 179 -19.94 -9.38 -20.65
CA VAL K 179 -21.09 -8.49 -20.78
C VAL K 179 -22.29 -9.06 -20.05
N LYS K 180 -22.43 -10.38 -19.98
CA LYS K 180 -23.53 -11.01 -19.26
C LYS K 180 -23.42 -10.74 -17.76
N THR K 181 -22.22 -10.81 -17.19
CA THR K 181 -22.05 -10.51 -15.78
C THR K 181 -22.32 -9.03 -15.49
N LEU K 182 -21.97 -8.15 -16.44
CA LEU K 182 -22.23 -6.73 -16.25
C LEU K 182 -23.71 -6.43 -16.30
N VAL K 183 -24.45 -7.04 -17.21
CA VAL K 183 -25.89 -6.81 -17.22
C VAL K 183 -26.57 -7.56 -16.07
N GLN K 184 -25.94 -8.59 -15.50
CA GLN K 184 -26.48 -9.17 -14.28
C GLN K 184 -26.33 -8.23 -13.10
N GLN K 185 -25.15 -7.62 -12.94
CA GLN K 185 -24.96 -6.61 -11.92
C GLN K 185 -25.88 -5.42 -12.14
N LEU K 186 -26.09 -5.02 -13.38
CA LEU K 186 -26.94 -3.88 -13.69
C LEU K 186 -28.42 -4.22 -13.56
N TYR K 187 -28.79 -5.49 -13.64
CA TYR K 187 -30.16 -5.89 -13.37
C TYR K 187 -30.41 -6.04 -11.88
N THR K 188 -29.44 -6.56 -11.15
CA THR K 188 -29.62 -6.66 -9.70
C THR K 188 -29.40 -5.34 -9.00
N THR K 189 -28.92 -4.31 -9.70
CA THR K 189 -28.90 -2.98 -9.10
C THR K 189 -30.30 -2.40 -8.97
N LEU K 190 -31.20 -2.79 -9.87
CA LEU K 190 -32.56 -2.24 -9.83
C LEU K 190 -33.46 -2.98 -8.86
N CYS K 191 -33.18 -4.25 -8.56
CA CYS K 191 -34.08 -5.10 -7.80
C CYS K 191 -33.52 -5.37 -6.40
N ILE K 192 -32.96 -4.34 -5.77
CA ILE K 192 -32.57 -4.39 -4.37
C ILE K 192 -33.52 -3.58 -3.49
N GLU K 193 -33.91 -2.38 -3.95
CA GLU K 193 -34.73 -1.50 -3.12
C GLU K 193 -36.12 -2.09 -2.86
N GLN K 194 -36.60 -2.92 -3.78
CA GLN K 194 -37.84 -3.65 -3.52
C GLN K 194 -37.58 -4.95 -2.77
N HIS K 195 -36.46 -5.62 -3.05
CA HIS K 195 -36.21 -6.93 -2.44
C HIS K 195 -35.88 -6.85 -0.96
N GLN K 196 -35.16 -5.81 -0.53
CA GLN K 196 -34.84 -5.68 0.89
C GLN K 196 -36.09 -5.34 1.68
N LEU K 197 -37.00 -4.53 1.11
CA LEU K 197 -38.28 -4.29 1.74
C LEU K 197 -39.16 -5.52 1.73
N ASN K 198 -39.02 -6.38 0.72
CA ASN K 198 -39.78 -7.61 0.67
C ASN K 198 -39.24 -8.66 1.62
N LYS K 199 -37.98 -8.51 2.04
CA LYS K 199 -37.34 -9.42 2.98
C LYS K 199 -37.45 -8.95 4.43
N GLU K 200 -37.51 -7.64 4.67
CA GLU K 200 -37.49 -7.10 6.02
C GLU K 200 -38.75 -7.46 6.79
N ARG K 201 -39.92 -7.28 6.17
CA ARG K 201 -41.17 -7.61 6.85
C ARG K 201 -41.31 -9.10 7.08
N GLU K 202 -40.79 -9.92 6.16
CA GLU K 202 -40.80 -11.37 6.35
C GLU K 202 -39.87 -11.78 7.49
N LEU K 203 -38.74 -11.10 7.62
CA LEU K 203 -37.82 -11.41 8.69
C LEU K 203 -38.34 -10.94 10.03
N ILE K 204 -39.07 -9.82 10.06
CA ILE K 204 -39.77 -9.39 11.28
C ILE K 204 -40.88 -10.36 11.65
N GLU K 205 -41.61 -10.88 10.66
CA GLU K 205 -42.63 -11.89 10.89
C GLU K 205 -42.05 -13.17 11.50
N ARG K 206 -40.93 -13.65 10.94
CA ARG K 206 -40.33 -14.85 11.49
C ARG K 206 -39.69 -14.60 12.85
N LEU K 207 -39.12 -13.41 13.06
CA LEU K 207 -38.56 -13.08 14.36
C LEU K 207 -39.63 -12.91 15.42
N GLU K 208 -40.87 -12.62 15.02
CA GLU K 208 -41.96 -12.62 15.98
C GLU K 208 -42.50 -14.02 16.24
N ASP K 209 -42.66 -14.84 15.19
CA ASP K 209 -43.15 -16.21 15.38
C ASP K 209 -42.20 -17.08 16.19
N LEU K 210 -40.89 -16.90 16.04
CA LEU K 210 -39.96 -17.69 16.83
C LEU K 210 -39.94 -17.26 18.29
N LYS K 211 -40.12 -15.97 18.58
CA LYS K 211 -40.25 -15.55 19.96
C LYS K 211 -41.59 -15.95 20.56
N GLU K 212 -42.61 -16.15 19.72
CA GLU K 212 -43.83 -16.78 20.22
C GLU K 212 -43.59 -18.25 20.56
N GLN K 213 -42.81 -18.95 19.72
CA GLN K 213 -42.45 -20.34 19.96
C GLN K 213 -41.62 -20.52 21.24
N LEU K 214 -40.75 -19.56 21.55
CA LEU K 214 -39.72 -19.76 22.57
C LEU K 214 -40.26 -19.83 24.00
N ALA K 215 -41.26 -19.02 24.33
CA ALA K 215 -41.59 -18.77 25.74
C ALA K 215 -42.08 -19.97 26.57
N PRO K 216 -42.92 -20.90 26.09
CA PRO K 216 -43.22 -22.08 26.92
C PRO K 216 -42.07 -23.05 27.07
N LEU K 217 -41.01 -22.92 26.27
CA LEU K 217 -39.76 -23.63 26.56
C LEU K 217 -38.87 -22.85 27.52
N GLU K 218 -38.88 -21.52 27.41
CA GLU K 218 -38.05 -20.67 28.26
C GLU K 218 -38.49 -20.75 29.70
N LYS K 219 -39.80 -20.85 29.95
CA LYS K 219 -40.29 -20.94 31.33
C LYS K 219 -39.82 -22.22 32.01
N VAL K 220 -39.73 -23.32 31.27
CA VAL K 220 -39.22 -24.56 31.85
C VAL K 220 -37.70 -24.50 32.00
N ARG K 221 -37.03 -23.88 31.02
CA ARG K 221 -35.56 -23.86 31.01
C ARG K 221 -35.00 -23.01 32.14
N ILE K 222 -35.68 -21.91 32.50
CA ILE K 222 -35.18 -21.07 33.59
C ILE K 222 -35.21 -21.82 34.91
N GLU K 223 -36.25 -22.64 35.13
CA GLU K 223 -36.33 -23.40 36.37
C GLU K 223 -35.33 -24.55 36.39
N ILE K 224 -35.11 -25.21 35.25
CA ILE K 224 -34.12 -26.28 35.19
C ILE K 224 -32.72 -25.72 35.39
N SER K 225 -32.43 -24.56 34.80
CA SER K 225 -31.17 -23.86 35.03
C SER K 225 -31.02 -23.40 36.46
N ARG K 226 -32.09 -23.04 37.15
CA ARG K 226 -32.01 -22.70 38.56
C ARG K 226 -31.67 -23.90 39.43
N LYS K 227 -32.25 -25.06 39.11
CA LYS K 227 -31.89 -26.28 39.83
C LYS K 227 -30.43 -26.68 39.59
N ALA K 228 -29.96 -26.53 38.35
CA ALA K 228 -28.55 -26.81 38.08
C ALA K 228 -27.63 -25.83 38.77
N GLU K 229 -28.04 -24.57 38.86
CA GLU K 229 -27.27 -23.55 39.59
C GLU K 229 -27.14 -23.90 41.07
N LYS K 230 -28.25 -24.30 41.69
CA LYS K 230 -28.21 -24.66 43.12
C LYS K 230 -27.38 -25.92 43.36
N ARG K 231 -27.52 -26.92 42.49
CA ARG K 231 -26.73 -28.14 42.65
C ARG K 231 -25.24 -27.94 42.34
N THR K 232 -24.89 -26.93 41.55
CA THR K 232 -23.47 -26.63 41.33
C THR K 232 -22.89 -25.82 42.50
N THR K 233 -23.68 -24.89 43.03
CA THR K 233 -23.25 -24.09 44.16
C THR K 233 -23.05 -24.95 45.41
N LEU K 234 -23.86 -25.99 45.58
CA LEU K 234 -23.64 -26.92 46.67
C LEU K 234 -22.47 -27.88 46.43
N VAL K 235 -21.87 -27.88 45.24
CA VAL K 235 -20.61 -28.59 45.04
C VAL K 235 -19.43 -27.68 45.34
N LEU K 236 -19.54 -26.40 44.96
CA LEU K 236 -18.47 -25.43 45.25
C LEU K 236 -18.27 -25.26 46.75
N TRP K 237 -19.34 -24.93 47.47
CA TRP K 237 -19.20 -24.74 48.92
C TRP K 237 -18.99 -26.05 49.66
N GLY K 238 -19.19 -27.20 49.01
CA GLY K 238 -18.89 -28.47 49.63
C GLY K 238 -17.44 -28.90 49.43
N GLY K 239 -16.84 -28.53 48.31
CA GLY K 239 -15.40 -28.70 48.19
C GLY K 239 -14.63 -27.79 49.11
N LEU K 240 -15.16 -26.58 49.35
CA LEU K 240 -14.62 -25.73 50.40
C LEU K 240 -14.70 -26.39 51.78
N ALA K 241 -15.70 -27.23 52.01
CA ALA K 241 -15.83 -27.93 53.29
C ALA K 241 -14.73 -28.96 53.49
N TYR K 242 -14.39 -29.70 52.43
CA TYR K 242 -13.28 -30.65 52.53
C TYR K 242 -11.96 -29.95 52.71
N MET K 243 -11.75 -28.82 52.00
CA MET K 243 -10.58 -27.98 52.23
C MET K 243 -10.51 -27.49 53.68
N ALA K 244 -11.64 -27.19 54.30
CA ALA K 244 -11.62 -26.70 55.67
C ALA K 244 -11.67 -27.80 56.73
N THR K 245 -11.94 -29.04 56.34
CA THR K 245 -12.00 -30.14 57.30
C THR K 245 -10.66 -30.87 57.37
N GLN K 246 -9.97 -30.98 56.24
CA GLN K 246 -8.64 -31.56 56.23
C GLN K 246 -7.67 -30.75 57.07
N PHE K 247 -7.84 -29.43 57.09
CA PHE K 247 -7.04 -28.56 57.94
C PHE K 247 -7.22 -28.90 59.42
N GLY K 248 -8.45 -29.11 59.86
CA GLY K 248 -8.69 -29.47 61.25
C GLY K 248 -8.18 -30.84 61.65
N ILE K 249 -8.34 -31.83 60.76
CA ILE K 249 -7.86 -33.17 61.11
C ILE K 249 -6.34 -33.23 61.07
N LEU K 250 -5.70 -32.39 60.27
CA LEU K 250 -4.25 -32.31 60.35
C LEU K 250 -3.79 -31.38 61.46
N ALA K 251 -4.69 -30.57 62.01
CA ALA K 251 -4.34 -29.59 63.02
C ALA K 251 -4.47 -30.10 64.44
N ARG K 252 -5.39 -31.03 64.72
CA ARG K 252 -5.50 -31.45 66.11
C ARG K 252 -4.42 -32.45 66.50
N LEU K 253 -4.10 -33.38 65.59
CA LEU K 253 -3.09 -34.40 65.89
C LEU K 253 -1.74 -33.78 66.18
N THR K 254 -1.24 -32.96 65.25
CA THR K 254 0.11 -32.39 65.29
C THR K 254 0.27 -31.27 66.31
N TRP K 255 -0.69 -31.06 67.20
CA TRP K 255 -0.52 -30.17 68.32
C TRP K 255 -1.02 -30.75 69.63
N TRP K 256 -1.78 -31.85 69.63
CA TRP K 256 -2.18 -32.46 70.89
C TRP K 256 -1.75 -33.91 71.03
N GLU K 257 -1.96 -34.79 70.04
CA GLU K 257 -1.81 -36.23 70.30
C GLU K 257 -0.63 -36.86 69.57
N TYR K 258 -0.60 -36.77 68.26
CA TYR K 258 0.44 -37.38 67.43
C TYR K 258 1.31 -36.25 66.90
N SER K 259 2.58 -36.22 67.29
CA SER K 259 3.46 -35.12 66.93
C SER K 259 3.77 -35.13 65.43
N TRP K 260 4.49 -34.09 65.00
CA TRP K 260 4.69 -33.85 63.58
C TRP K 260 5.59 -34.91 62.95
N ASP K 261 6.52 -35.49 63.71
CA ASP K 261 7.48 -36.41 63.13
C ASP K 261 6.89 -37.77 62.79
N ILE K 262 5.67 -38.07 63.22
CA ILE K 262 4.98 -39.29 62.80
C ILE K 262 3.62 -38.96 62.23
N MET K 263 3.47 -37.78 61.64
CA MET K 263 2.37 -37.53 60.73
C MET K 263 2.82 -36.77 59.48
N GLU K 264 4.04 -36.25 59.44
CA GLU K 264 4.64 -35.73 58.21
C GLU K 264 4.62 -36.66 57.00
N PRO K 265 4.84 -37.99 57.10
CA PRO K 265 4.63 -38.82 55.90
C PRO K 265 3.19 -38.90 55.45
N VAL K 266 2.22 -38.76 56.34
CA VAL K 266 0.83 -38.69 55.91
C VAL K 266 0.58 -37.39 55.16
N THR K 267 1.15 -36.29 55.64
CA THR K 267 0.88 -35.01 55.01
C THR K 267 1.65 -34.82 53.72
N TYR K 268 2.70 -35.61 53.48
CA TYR K 268 3.27 -35.64 52.14
C TYR K 268 2.40 -36.43 51.17
N PHE K 269 1.92 -37.59 51.59
CA PHE K 269 1.21 -38.42 50.61
C PHE K 269 -0.21 -37.95 50.35
N ILE K 270 -0.81 -37.11 51.20
CA ILE K 270 -2.07 -36.49 50.78
C ILE K 270 -1.82 -35.50 49.64
N THR K 271 -0.67 -34.82 49.65
CA THR K 271 -0.30 -33.92 48.56
C THR K 271 0.00 -34.69 47.29
N TYR K 272 0.70 -35.82 47.42
CA TYR K 272 1.01 -36.59 46.22
C TYR K 272 -0.24 -37.30 45.66
N GLY K 273 -1.16 -37.73 46.53
CA GLY K 273 -2.45 -38.19 46.06
C GLY K 273 -3.32 -37.11 45.47
N SER K 274 -3.13 -35.87 45.92
CA SER K 274 -3.79 -34.75 45.26
C SER K 274 -3.17 -34.42 43.92
N ALA K 275 -1.92 -34.81 43.68
CA ALA K 275 -1.35 -34.68 42.34
C ALA K 275 -1.82 -35.79 41.39
N MET K 276 -1.88 -37.03 41.89
CA MET K 276 -2.34 -38.15 41.06
C MET K 276 -3.79 -37.98 40.65
N ALA K 277 -4.63 -37.41 41.53
CA ALA K 277 -6.03 -37.19 41.17
C ALA K 277 -6.17 -36.10 40.13
N MET K 278 -5.33 -35.06 40.18
CA MET K 278 -5.38 -34.03 39.15
C MET K 278 -4.87 -34.55 37.82
N TYR K 279 -4.01 -35.56 37.82
CA TYR K 279 -3.65 -36.18 36.55
C TYR K 279 -4.75 -37.11 36.06
N ALA K 280 -5.41 -37.82 36.96
CA ALA K 280 -6.45 -38.76 36.57
C ALA K 280 -7.69 -38.04 36.05
N TYR K 281 -7.97 -36.85 36.57
CA TYR K 281 -9.05 -36.04 36.02
C TYR K 281 -8.73 -35.57 34.61
N PHE K 282 -7.45 -35.31 34.32
CA PHE K 282 -7.05 -35.01 32.96
C PHE K 282 -7.25 -36.20 32.04
N VAL K 283 -6.72 -37.36 32.43
CA VAL K 283 -6.75 -38.51 31.52
C VAL K 283 -8.15 -39.10 31.40
N MET K 284 -9.03 -38.82 32.36
CA MET K 284 -10.36 -39.43 32.40
C MET K 284 -11.42 -38.56 31.74
N THR K 285 -11.16 -37.27 31.58
CA THR K 285 -12.12 -36.35 30.98
C THR K 285 -11.59 -35.56 29.79
N ARG K 286 -10.28 -35.60 29.52
CA ARG K 286 -9.60 -34.88 28.44
C ARG K 286 -9.83 -33.38 28.58
N GLN K 287 -9.44 -32.83 29.73
CA GLN K 287 -9.57 -31.41 30.01
C GLN K 287 -8.66 -31.09 31.19
N GLU K 288 -7.99 -29.94 31.12
CA GLU K 288 -7.11 -29.50 32.18
C GLU K 288 -7.92 -29.13 33.42
N TYR K 289 -7.42 -29.48 34.60
CA TYR K 289 -8.11 -29.16 35.84
C TYR K 289 -7.82 -27.72 36.22
N VAL K 290 -8.72 -26.83 35.79
CA VAL K 290 -8.73 -25.45 36.24
C VAL K 290 -10.08 -25.20 36.89
N TYR K 291 -10.13 -24.19 37.75
CA TYR K 291 -11.35 -23.96 38.53
C TYR K 291 -12.54 -23.48 37.72
N PRO K 292 -12.45 -22.48 36.81
CA PRO K 292 -13.68 -22.04 36.14
C PRO K 292 -14.16 -22.96 35.04
N GLU K 293 -13.39 -23.97 34.65
CA GLU K 293 -13.89 -24.94 33.70
C GLU K 293 -14.47 -26.19 34.35
N ALA K 294 -13.98 -26.56 35.53
CA ALA K 294 -14.49 -27.75 36.18
C ALA K 294 -15.91 -27.53 36.69
N ARG K 295 -16.23 -26.34 37.16
CA ARG K 295 -17.60 -26.07 37.56
C ARG K 295 -18.53 -25.95 36.36
N ASP K 296 -18.04 -25.55 35.19
CA ASP K 296 -18.89 -25.48 34.00
C ASP K 296 -18.87 -26.80 33.24
N ARG K 297 -18.10 -27.76 33.73
CA ARG K 297 -18.24 -29.17 33.41
C ARG K 297 -19.33 -29.83 34.24
N GLN K 298 -19.25 -29.66 35.57
CA GLN K 298 -20.27 -30.18 36.46
C GLN K 298 -21.62 -29.50 36.27
N TYR K 299 -21.65 -28.26 35.78
CA TYR K 299 -22.91 -27.59 35.49
C TYR K 299 -23.61 -28.28 34.33
N LEU K 300 -22.87 -28.64 33.28
CA LEU K 300 -23.51 -29.31 32.16
C LEU K 300 -23.90 -30.73 32.50
N LEU K 301 -23.16 -31.40 33.39
CA LEU K 301 -23.65 -32.69 33.87
C LEU K 301 -24.92 -32.55 34.70
N PHE K 302 -24.97 -31.58 35.63
CA PHE K 302 -26.16 -31.33 36.43
C PHE K 302 -27.28 -30.66 35.66
N PHE K 303 -27.05 -30.26 34.42
CA PHE K 303 -28.12 -29.79 33.56
C PHE K 303 -28.63 -30.86 32.61
N HIS K 304 -27.76 -31.71 32.08
CA HIS K 304 -28.26 -32.77 31.21
C HIS K 304 -28.70 -34.01 31.97
N LYS K 305 -28.49 -34.07 33.28
CA LYS K 305 -29.21 -35.07 34.04
C LYS K 305 -30.64 -34.61 34.32
N GLY K 306 -30.83 -33.30 34.49
CA GLY K 306 -32.15 -32.77 34.78
C GLY K 306 -32.96 -32.40 33.56
N ALA K 307 -32.35 -32.34 32.39
CA ALA K 307 -33.10 -32.01 31.19
C ALA K 307 -33.92 -33.20 30.70
N LYS K 308 -33.43 -34.42 30.90
CA LYS K 308 -34.21 -35.59 30.52
C LYS K 308 -35.24 -35.94 31.58
N LYS K 309 -34.90 -35.75 32.86
CA LYS K 309 -35.80 -36.13 33.94
C LYS K 309 -36.95 -35.16 34.12
N SER K 310 -36.94 -34.00 33.45
CA SER K 310 -38.12 -33.18 33.31
C SER K 310 -38.55 -33.04 31.86
N ARG K 311 -37.99 -33.87 30.97
CA ARG K 311 -38.41 -34.02 29.57
C ARG K 311 -38.30 -32.72 28.78
N PHE K 312 -37.28 -31.93 29.07
CA PHE K 312 -37.02 -30.73 28.30
C PHE K 312 -36.43 -31.13 26.96
N ASP K 313 -37.15 -30.84 25.88
CA ASP K 313 -36.67 -31.17 24.53
C ASP K 313 -35.64 -30.12 24.14
N LEU K 314 -34.38 -30.39 24.52
CA LEU K 314 -33.29 -29.44 24.31
C LEU K 314 -32.96 -29.26 22.84
N GLU K 315 -33.25 -30.29 22.03
CA GLU K 315 -33.01 -30.21 20.59
C GLU K 315 -33.92 -29.20 19.92
N LYS K 316 -35.06 -28.90 20.55
CA LYS K 316 -35.90 -27.79 20.10
C LYS K 316 -35.29 -26.46 20.52
N TYR K 317 -34.74 -26.40 21.73
CA TYR K 317 -34.34 -25.12 22.31
C TYR K 317 -33.08 -24.60 21.64
N ASN K 318 -32.08 -25.46 21.41
CA ASN K 318 -30.90 -24.98 20.71
C ASN K 318 -31.09 -24.89 19.20
N GLN K 319 -32.29 -25.14 18.70
CA GLN K 319 -32.67 -24.85 17.32
C GLN K 319 -33.36 -23.50 17.21
N LEU K 320 -34.29 -23.22 18.14
CA LEU K 320 -34.93 -21.91 18.18
C LEU K 320 -33.94 -20.81 18.53
N LYS K 321 -33.04 -21.06 19.50
CA LYS K 321 -32.07 -20.04 19.87
C LYS K 321 -31.05 -19.77 18.77
N ASP K 322 -30.80 -20.77 17.92
CA ASP K 322 -29.96 -20.53 16.76
C ASP K 322 -30.72 -19.72 15.71
N ALA K 323 -31.96 -20.11 15.42
CA ALA K 323 -32.70 -19.49 14.34
C ALA K 323 -33.18 -18.08 14.65
N ILE K 324 -33.21 -17.68 15.91
CA ILE K 324 -33.49 -16.27 16.23
C ILE K 324 -32.28 -15.39 15.96
N ALA K 325 -31.12 -15.79 16.48
CA ALA K 325 -29.91 -14.99 16.33
C ALA K 325 -29.43 -14.96 14.89
N GLN K 326 -29.66 -16.03 14.13
CA GLN K 326 -29.32 -16.01 12.71
C GLN K 326 -30.20 -15.05 11.94
N ALA K 327 -31.47 -14.91 12.35
CA ALA K 327 -32.33 -13.91 11.73
C ALA K 327 -31.92 -12.50 12.13
N GLU K 328 -31.47 -12.34 13.38
CA GLU K 328 -31.11 -11.00 13.85
C GLU K 328 -29.83 -10.50 13.18
N MET K 329 -28.86 -11.40 12.96
CA MET K 329 -27.67 -11.03 12.20
C MET K 329 -27.98 -10.66 10.76
N ASP K 330 -29.06 -11.19 10.19
CA ASP K 330 -29.45 -10.77 8.84
C ASP K 330 -30.13 -9.42 8.87
N LEU K 331 -31.03 -9.20 9.83
CA LEU K 331 -31.72 -7.92 9.93
C LEU K 331 -30.76 -6.79 10.29
N LYS K 332 -29.65 -7.10 10.96
CA LYS K 332 -28.59 -6.11 11.12
C LYS K 332 -27.94 -5.78 9.79
N ARG K 333 -27.79 -6.76 8.91
CA ARG K 333 -27.19 -6.52 7.59
C ARG K 333 -28.11 -5.77 6.65
N LEU K 334 -29.43 -5.87 6.83
CA LEU K 334 -30.32 -5.12 5.95
C LEU K 334 -30.31 -3.62 6.18
N ARG K 335 -29.65 -3.13 7.23
CA ARG K 335 -29.79 -1.72 7.60
C ARG K 335 -28.75 -0.85 6.91
N ASP K 336 -27.55 -1.34 6.70
CA ASP K 336 -26.48 -0.51 6.16
C ASP K 336 -26.02 -0.99 4.80
N VAL L 48 -7.79 -5.08 28.16
CA VAL L 48 -8.31 -5.90 29.25
C VAL L 48 -9.01 -5.03 30.28
N ILE L 49 -8.70 -3.74 30.26
CA ILE L 49 -9.40 -2.75 31.06
C ILE L 49 -10.27 -1.94 30.11
N VAL L 50 -9.80 -1.81 28.88
CA VAL L 50 -10.55 -1.11 27.84
C VAL L 50 -11.04 -2.13 26.82
N THR L 51 -12.06 -1.73 26.06
CA THR L 51 -12.63 -2.58 25.04
C THR L 51 -11.84 -2.32 23.74
N ARG L 52 -12.28 -2.87 22.61
CA ARG L 52 -11.61 -2.58 21.34
C ARG L 52 -11.81 -1.14 20.90
N SER L 53 -12.93 -0.54 21.25
CA SER L 53 -13.24 0.83 20.86
C SER L 53 -12.68 1.86 21.84
N GLY L 54 -11.91 1.43 22.82
CA GLY L 54 -11.40 2.34 23.84
C GLY L 54 -12.35 2.59 24.98
N ALA L 55 -13.56 2.08 24.92
CA ALA L 55 -14.54 2.24 25.99
C ALA L 55 -14.11 1.46 27.22
N ILE L 56 -14.71 1.78 28.34
CA ILE L 56 -14.33 1.17 29.62
C ILE L 56 -15.30 0.04 29.93
N LEU L 57 -14.75 -1.08 30.40
CA LEU L 57 -15.53 -2.26 30.78
C LEU L 57 -16.50 -1.93 31.92
N PRO L 58 -17.63 -2.64 32.00
CA PRO L 58 -18.56 -2.40 33.10
C PRO L 58 -18.02 -2.83 34.45
N LYS L 59 -18.74 -2.42 35.48
CA LYS L 59 -18.33 -2.67 36.86
C LYS L 59 -18.41 -4.18 37.15
N PRO L 60 -17.37 -4.78 37.73
CA PRO L 60 -17.38 -6.23 37.92
C PRO L 60 -18.35 -6.66 39.00
N VAL L 61 -18.87 -7.87 38.86
CA VAL L 61 -19.92 -8.35 39.73
C VAL L 61 -19.33 -8.84 41.04
N LYS L 62 -20.08 -8.64 42.12
CA LYS L 62 -19.75 -9.18 43.43
C LYS L 62 -20.98 -9.83 44.03
N MET L 63 -20.79 -10.93 44.74
CA MET L 63 -21.92 -11.61 45.33
C MET L 63 -22.35 -10.92 46.62
N SER L 64 -23.65 -11.04 46.93
CA SER L 64 -24.28 -10.24 47.96
C SER L 64 -23.84 -10.71 49.35
N PHE L 65 -23.13 -9.83 50.06
CA PHE L 65 -22.75 -10.01 51.46
C PHE L 65 -21.90 -11.26 51.63
N GLY L 66 -20.82 -11.34 50.84
CA GLY L 66 -20.17 -12.61 50.58
C GLY L 66 -19.02 -13.03 51.45
N LEU L 67 -18.27 -12.06 52.01
CA LEU L 67 -17.12 -12.42 52.83
C LEU L 67 -17.55 -13.11 54.10
N LEU L 68 -18.66 -12.71 54.68
CA LEU L 68 -19.22 -13.46 55.80
C LEU L 68 -19.78 -14.80 55.37
N ARG L 69 -20.25 -14.92 54.12
CA ARG L 69 -20.71 -16.21 53.62
C ARG L 69 -19.57 -17.20 53.41
N VAL L 70 -18.36 -16.72 53.12
CA VAL L 70 -17.21 -17.64 53.04
C VAL L 70 -16.49 -17.76 54.38
N PHE L 71 -16.78 -16.88 55.34
CA PHE L 71 -16.11 -16.95 56.63
C PHE L 71 -16.92 -17.71 57.68
N SER L 72 -18.25 -17.74 57.57
CA SER L 72 -19.09 -18.51 58.49
C SER L 72 -19.39 -19.90 57.96
N ILE L 73 -18.49 -20.47 57.16
CA ILE L 73 -18.53 -21.88 56.79
C ILE L 73 -17.26 -22.60 57.21
N VAL L 74 -16.12 -21.92 57.11
CA VAL L 74 -14.82 -22.53 57.40
C VAL L 74 -14.71 -22.90 58.88
N ILE L 75 -15.19 -22.02 59.77
CA ILE L 75 -15.04 -22.21 61.23
C ILE L 75 -15.82 -23.40 61.78
N PRO L 76 -17.11 -23.63 61.51
CA PRO L 76 -17.72 -24.87 62.01
C PRO L 76 -17.18 -26.12 61.32
N PHE L 77 -16.78 -26.01 60.06
CA PHE L 77 -16.09 -27.10 59.39
C PHE L 77 -14.62 -27.20 59.78
N LEU L 78 -14.11 -26.26 60.58
CA LEU L 78 -12.82 -26.44 61.22
C LEU L 78 -12.96 -27.01 62.61
N TYR L 79 -14.12 -26.83 63.25
CA TYR L 79 -14.34 -27.51 64.53
C TYR L 79 -14.77 -28.95 64.33
N VAL L 80 -15.54 -29.24 63.27
CA VAL L 80 -15.96 -30.62 63.03
C VAL L 80 -14.87 -31.41 62.33
N GLY L 81 -13.81 -30.76 61.90
CA GLY L 81 -12.59 -31.45 61.54
C GLY L 81 -11.68 -31.67 62.71
N THR L 82 -11.98 -31.06 63.84
CA THR L 82 -11.20 -31.19 65.07
C THR L 82 -11.84 -32.17 66.05
N LEU L 83 -13.17 -32.23 66.07
CA LEU L 83 -13.85 -33.15 66.99
C LEU L 83 -13.66 -34.59 66.57
N ILE L 84 -13.79 -34.89 65.26
CA ILE L 84 -13.63 -36.26 64.79
C ILE L 84 -12.19 -36.73 64.86
N SER L 85 -11.23 -35.80 64.96
CA SER L 85 -9.86 -36.14 65.28
C SER L 85 -9.75 -36.90 66.59
N LYS L 86 -10.33 -36.34 67.66
CA LYS L 86 -10.28 -37.02 68.96
C LYS L 86 -11.21 -38.23 68.98
N ASN L 87 -12.38 -38.12 68.34
CA ASN L 87 -13.33 -39.22 68.25
C ASN L 87 -12.73 -40.43 67.55
N PHE L 88 -11.82 -40.22 66.60
CA PHE L 88 -11.17 -41.33 65.93
C PHE L 88 -9.87 -41.75 66.62
N ALA L 89 -9.14 -40.81 67.21
CA ALA L 89 -7.85 -41.14 67.77
C ALA L 89 -8.00 -41.88 69.10
N ALA L 90 -9.03 -41.54 69.89
CA ALA L 90 -9.22 -42.26 71.14
C ALA L 90 -9.79 -43.67 70.93
N LEU L 91 -10.28 -43.98 69.73
CA LEU L 91 -10.62 -45.35 69.38
C LEU L 91 -9.45 -46.06 68.71
N LEU L 92 -8.59 -45.32 68.01
CA LEU L 92 -7.35 -45.90 67.50
C LEU L 92 -6.42 -46.31 68.63
N GLU L 93 -6.43 -45.55 69.73
CA GLU L 93 -5.64 -45.89 70.90
C GLU L 93 -6.37 -46.84 71.85
N GLU L 94 -7.38 -47.55 71.35
CA GLU L 94 -7.98 -48.67 72.07
C GLU L 94 -8.08 -49.93 71.23
N HIS L 95 -8.39 -49.82 69.93
CA HIS L 95 -8.39 -50.98 69.05
C HIS L 95 -7.08 -51.09 68.28
#